data_5KOR
#
_entry.id   5KOR
#
_cell.length_a   87.975
_cell.length_b   85.806
_cell.length_c   150.723
_cell.angle_alpha   90.00
_cell.angle_beta   96.19
_cell.angle_gamma   90.00
#
_symmetry.space_group_name_H-M   'P 1 21 1'
#
loop_
_entity.id
_entity.type
_entity.pdbx_description
1 polymer 'Galactoside 2-alpha-L-fucosyltransferase'
2 branched alpha-D-xylopyranose-(1-6)-beta-D-glucopyranose-(1-4)-[beta-D-galactopyranose-(1-2)-alpha-D-xylopyranose-(1-6)]beta-D-glucopyranose-(1-4)-[beta-D-galactopyranose-(1-2)-alpha-D-xylopyranose-(1-6)]beta-D-glucopyranose-(1-4)-beta-D-glucopyranose
3 non-polymer "GUANOSINE-5'-DIPHOSPHATE"
4 non-polymer 1,2-ETHANEDIOL
5 non-polymer 'CHLORIDE ION'
6 water water
#
_entity_poly.entity_id   1
_entity_poly.type   'polypeptide(L)'
_entity_poly.pdbx_seq_one_letter_code
;HHHHHHGMASMTGGQQMGRDLYDDDDKSRLQSNRIMGFAEARVLDAGVFPNVTNINSDKLLGGLLASGFDEDSCLSRYQS
VHYRKPSPYKPSSYLISKLRNYEKLHKRCGPGTESYKKALKQLDQEHIDGDGECKYVVWISFSGLGNRILSLASVFLYAL
LTDRVLLVDRGKDMDDLFCEPFLGMSWLLPLDFPMTDQFDGLNQESSRCYGYMVKNQVIDTEGTLSHLYLHLVHDYGDHD
KMFFCEGDQTFIGKVPWLIVKTDNYFVPSLWLIPGFDDELNKLFPQKATVFHHLGRYLFHPTNQVWGLVTRYYEAYLSHA
DEKIGIQVRVFDEDPGPFQHVMDQISSCTQKEKLLPEVDTLVERSRHVNTPKHKAVLVTSLNAGYAENLKSMYWEYPTST
GEIIGVHQPSQEGYQQTEKKMHNGKALAEMYLLSLTDNLVTSAWSTFGYVAQGLGGLKPWILYRPENRTTPDPSCGRAMS
MEPCFHSPPFYDCKAKTGIDTGTLVPHVRHCEDISWGLKLV
;
_entity_poly.pdbx_strand_id   A,B,C,D
#
loop_
_chem_comp.id
_chem_comp.type
_chem_comp.name
_chem_comp.formula
BGC D-saccharide, beta linking beta-D-glucopyranose 'C6 H12 O6'
CL non-polymer 'CHLORIDE ION' 'Cl -1'
EDO non-polymer 1,2-ETHANEDIOL 'C2 H6 O2'
GAL D-saccharide, beta linking beta-D-galactopyranose 'C6 H12 O6'
GDP RNA linking GUANOSINE-5'-DIPHOSPHATE 'C10 H15 N5 O11 P2'
XYS D-saccharide, alpha linking alpha-D-xylopyranose 'C5 H10 O5'
#
# COMPACT_ATOMS: atom_id res chain seq x y z
N ILE A 55 -35.16 44.55 31.88
CA ILE A 55 -34.55 44.58 30.55
C ILE A 55 -33.06 44.67 30.63
N ASN A 56 -32.49 44.29 31.76
CA ASN A 56 -31.08 43.96 31.78
C ASN A 56 -30.98 42.52 32.24
N SER A 57 -32.03 41.77 31.91
CA SER A 57 -32.12 40.34 32.08
C SER A 57 -31.00 39.66 31.38
N ASP A 58 -30.60 38.49 31.84
CA ASP A 58 -29.55 37.74 31.16
C ASP A 58 -30.04 37.28 29.78
N LYS A 59 -31.32 37.08 29.65
CA LYS A 59 -31.92 36.72 28.36
C LYS A 59 -31.74 37.84 27.35
N LEU A 60 -31.57 39.08 27.81
CA LEU A 60 -31.34 40.24 26.97
C LEU A 60 -29.89 40.70 27.03
N LEU A 61 -29.00 39.84 27.50
CA LEU A 61 -27.58 40.15 27.59
C LEU A 61 -27.33 41.46 28.35
N GLY A 62 -27.99 41.61 29.50
CA GLY A 62 -27.73 42.75 30.36
C GLY A 62 -28.20 44.09 29.83
N GLY A 63 -29.20 44.11 28.96
CA GLY A 63 -29.66 45.35 28.34
C GLY A 63 -29.16 45.55 26.92
N LEU A 64 -28.21 44.72 26.48
CA LEU A 64 -27.71 44.82 25.11
C LEU A 64 -28.81 44.60 24.10
N LEU A 65 -29.67 43.59 24.33
CA LEU A 65 -30.75 43.28 23.40
C LEU A 65 -32.03 44.02 23.78
N ALA A 66 -32.79 44.43 22.77
CA ALA A 66 -34.13 44.95 23.01
C ALA A 66 -35.11 43.79 23.18
N SER A 67 -36.11 43.98 24.02
CA SER A 67 -37.19 43.01 24.03
C SER A 67 -38.23 43.36 22.97
N GLY A 68 -39.13 42.42 22.72
CA GLY A 68 -40.23 42.65 21.81
C GLY A 68 -40.13 41.93 20.49
N PHE A 69 -39.00 41.25 20.21
CA PHE A 69 -38.92 40.48 18.97
C PHE A 69 -39.87 39.29 19.01
N ASP A 70 -40.48 39.00 17.86
CA ASP A 70 -41.24 37.76 17.71
C ASP A 70 -40.31 36.58 17.93
N GLU A 71 -40.71 35.68 18.83
CA GLU A 71 -39.81 34.61 19.24
C GLU A 71 -39.65 33.55 18.16
N ASP A 72 -40.76 32.93 17.75
CA ASP A 72 -40.65 31.76 16.88
C ASP A 72 -39.95 32.06 15.56
N SER A 73 -39.95 33.30 15.10
CA SER A 73 -39.29 33.55 13.83
C SER A 73 -37.77 33.55 13.97
N CYS A 74 -37.23 33.67 15.20
CA CYS A 74 -35.78 33.60 15.44
C CYS A 74 -35.57 32.99 16.84
N LEU A 75 -35.64 31.66 16.93
CA LEU A 75 -35.51 30.98 18.21
C LEU A 75 -34.18 31.32 18.92
N SER A 76 -33.11 31.46 18.17
CA SER A 76 -31.81 31.68 18.79
C SER A 76 -31.71 32.94 19.65
N ARG A 77 -32.47 33.98 19.28
CA ARG A 77 -32.28 35.35 19.80
C ARG A 77 -32.21 35.43 21.32
N TYR A 78 -33.24 34.92 21.97
CA TYR A 78 -33.30 34.99 23.43
C TYR A 78 -32.93 33.65 24.08
N GLN A 79 -32.97 32.58 23.30
CA GLN A 79 -32.70 31.24 23.81
C GLN A 79 -31.20 31.03 23.96
N SER A 80 -30.41 31.92 23.37
CA SER A 80 -28.97 31.79 23.48
C SER A 80 -28.58 31.57 24.93
N VAL A 81 -29.47 31.83 25.85
CA VAL A 81 -29.09 31.83 27.25
C VAL A 81 -28.95 30.44 27.87
N HIS A 82 -29.74 29.51 27.36
CA HIS A 82 -29.74 28.18 27.91
C HIS A 82 -28.43 27.46 27.62
N TYR A 83 -27.70 27.91 26.63
CA TYR A 83 -26.57 27.11 26.19
C TYR A 83 -25.22 27.66 26.62
N ARG A 84 -25.10 28.96 26.79
CA ARG A 84 -23.87 29.57 27.27
C ARG A 84 -23.98 29.87 28.76
N LYS A 85 -22.87 30.33 29.32
CA LYS A 85 -22.88 30.97 30.62
C LYS A 85 -23.00 32.46 30.31
N PRO A 86 -23.36 33.26 31.30
CA PRO A 86 -23.49 34.70 31.07
C PRO A 86 -22.11 35.36 31.05
N SER A 87 -21.94 36.35 30.17
CA SER A 87 -20.66 37.04 30.04
C SER A 87 -20.39 37.89 31.28
N PRO A 88 -19.16 37.89 31.80
CA PRO A 88 -18.80 38.85 32.86
C PRO A 88 -18.57 40.26 32.34
N TYR A 89 -18.64 40.46 31.03
CA TYR A 89 -18.43 41.78 30.42
C TYR A 89 -19.77 42.46 30.24
N LYS A 90 -20.04 43.46 31.08
CA LYS A 90 -21.30 44.19 31.01
C LYS A 90 -21.20 45.30 29.97
N PRO A 91 -22.16 45.42 29.07
CA PRO A 91 -22.19 46.59 28.20
C PRO A 91 -22.49 47.86 29.00
N SER A 92 -21.81 48.94 28.66
CA SER A 92 -22.03 50.20 29.36
C SER A 92 -23.42 50.74 29.06
N SER A 93 -23.98 51.50 30.00
CA SER A 93 -25.27 52.09 29.71
C SER A 93 -25.18 53.14 28.61
N TYR A 94 -24.01 53.76 28.42
CA TYR A 94 -23.80 54.60 27.25
C TYR A 94 -24.03 53.81 25.96
N LEU A 95 -23.39 52.65 25.87
CA LEU A 95 -23.59 51.77 24.72
C LEU A 95 -25.06 51.36 24.56
N ILE A 96 -25.71 50.99 25.65
CA ILE A 96 -27.12 50.57 25.56
C ILE A 96 -27.97 51.71 25.01
N SER A 97 -27.74 52.94 25.51
CA SER A 97 -28.50 54.08 24.98
C SER A 97 -28.25 54.28 23.49
N LYS A 98 -27.00 54.13 23.07
CA LYS A 98 -26.63 54.34 21.67
C LYS A 98 -27.31 53.31 20.75
N LEU A 99 -27.41 52.05 21.20
CA LEU A 99 -28.09 51.03 20.39
C LEU A 99 -29.61 51.26 20.32
N ARG A 100 -30.25 51.62 21.45
CA ARG A 100 -31.66 52.01 21.40
C ARG A 100 -31.85 53.18 20.44
N ASN A 101 -30.98 54.20 20.51
CA ASN A 101 -31.15 55.34 19.62
C ASN A 101 -30.79 55.00 18.19
N TYR A 102 -29.86 54.07 17.99
CA TYR A 102 -29.66 53.62 16.63
C TYR A 102 -30.96 52.99 16.11
N GLU A 103 -31.69 52.27 16.96
CA GLU A 103 -32.91 51.64 16.49
C GLU A 103 -33.98 52.68 16.13
N LYS A 104 -34.03 53.80 16.84
CA LYS A 104 -34.96 54.87 16.46
C LYS A 104 -34.61 55.45 15.09
N LEU A 105 -33.32 55.70 14.84
CA LEU A 105 -32.90 56.22 13.55
C LEU A 105 -33.18 55.22 12.43
N HIS A 106 -32.89 53.94 12.67
CA HIS A 106 -33.11 52.93 11.64
C HIS A 106 -34.60 52.82 11.30
N LYS A 107 -35.44 52.94 12.31
CA LYS A 107 -36.88 52.93 12.07
C LYS A 107 -37.31 54.15 11.24
N ARG A 108 -36.70 55.31 11.51
CA ARG A 108 -37.06 56.50 10.74
C ARG A 108 -36.51 56.45 9.31
N CYS A 109 -35.27 55.98 9.13
CA CYS A 109 -34.56 56.10 7.87
C CYS A 109 -34.40 54.77 7.10
N GLY A 110 -34.93 53.67 7.61
CA GLY A 110 -34.66 52.35 7.09
C GLY A 110 -35.27 52.03 5.73
N PRO A 111 -34.92 50.85 5.21
CA PRO A 111 -35.46 50.42 3.91
C PRO A 111 -36.97 50.51 3.90
N GLY A 112 -37.51 51.06 2.82
CA GLY A 112 -38.93 51.11 2.62
C GLY A 112 -39.60 52.31 3.24
N THR A 113 -38.90 53.08 4.06
CA THR A 113 -39.52 54.26 4.63
C THR A 113 -39.60 55.37 3.59
N GLU A 114 -40.52 56.31 3.83
CA GLU A 114 -40.67 57.48 2.98
C GLU A 114 -39.37 58.28 2.94
N SER A 115 -38.59 58.21 4.02
CA SER A 115 -37.32 58.93 4.06
C SER A 115 -36.29 58.25 3.17
N TYR A 116 -36.15 56.93 3.30
CA TYR A 116 -35.28 56.16 2.42
C TYR A 116 -35.56 56.49 0.96
N LYS A 117 -36.83 56.48 0.58
CA LYS A 117 -37.22 56.71 -0.79
C LYS A 117 -36.87 58.11 -1.25
N LYS A 118 -37.02 59.07 -0.37
CA LYS A 118 -36.58 60.41 -0.63
C LYS A 118 -35.05 60.52 -0.76
N ALA A 119 -34.32 59.78 0.06
CA ALA A 119 -32.86 59.79 -0.06
C ALA A 119 -32.38 59.13 -1.36
N LEU A 120 -33.10 58.11 -1.86
CA LEU A 120 -32.70 57.47 -3.11
C LEU A 120 -32.56 58.47 -4.25
N LYS A 121 -33.38 59.51 -4.26
CA LYS A 121 -33.37 60.49 -5.33
C LYS A 121 -32.12 61.35 -5.35
N GLN A 122 -31.31 61.36 -4.28
CA GLN A 122 -30.04 62.08 -4.35
C GLN A 122 -29.07 61.40 -5.30
N LEU A 123 -29.19 60.09 -5.48
CA LEU A 123 -28.31 59.38 -6.39
C LEU A 123 -28.63 59.60 -7.86
N ASP A 124 -29.66 60.41 -8.13
CA ASP A 124 -30.10 60.74 -9.48
C ASP A 124 -29.51 62.09 -9.90
N GLN A 125 -28.20 62.22 -9.63
CA GLN A 125 -27.41 63.41 -9.92
C GLN A 125 -26.01 63.22 -9.32
N GLU A 126 -25.02 63.98 -9.79
CA GLU A 126 -23.65 63.82 -9.31
C GLU A 126 -23.45 64.53 -7.97
N HIS A 127 -24.00 65.73 -7.84
CA HIS A 127 -23.94 66.53 -6.63
C HIS A 127 -25.32 66.68 -6.03
N ILE A 128 -25.37 66.80 -4.71
CA ILE A 128 -26.66 66.89 -4.02
C ILE A 128 -27.05 68.34 -3.85
N ASP A 131 -29.53 68.86 1.03
CA ASP A 131 -29.24 68.41 2.39
C ASP A 131 -30.41 67.59 2.92
N GLY A 132 -30.14 66.32 3.23
CA GLY A 132 -31.18 65.37 3.54
C GLY A 132 -31.35 65.09 5.03
N GLU A 133 -32.37 64.29 5.33
CA GLU A 133 -32.67 63.88 6.70
C GLU A 133 -31.88 62.66 7.13
N CYS A 134 -31.31 61.91 6.20
CA CYS A 134 -30.82 60.57 6.45
C CYS A 134 -29.53 60.34 5.70
N LYS A 135 -28.53 59.77 6.37
CA LYS A 135 -27.30 59.33 5.75
C LYS A 135 -27.09 57.83 5.95
N TYR A 136 -26.43 57.19 4.99
CA TYR A 136 -26.26 55.74 5.06
C TYR A 136 -24.83 55.28 4.80
N VAL A 137 -24.58 54.03 5.21
CA VAL A 137 -23.40 53.29 4.75
C VAL A 137 -23.85 51.88 4.38
N VAL A 138 -23.50 51.47 3.15
CA VAL A 138 -23.90 50.19 2.58
C VAL A 138 -22.70 49.24 2.61
N TRP A 139 -22.90 48.08 3.23
CA TRP A 139 -21.89 47.05 3.29
C TRP A 139 -22.11 46.06 2.14
N ILE A 140 -21.07 45.77 1.38
CA ILE A 140 -21.16 44.82 0.27
C ILE A 140 -20.79 43.43 0.77
N SER A 141 -21.62 42.44 0.45
CA SER A 141 -21.31 41.06 0.80
C SER A 141 -20.10 40.58 -0.01
N PHE A 142 -19.01 40.28 0.67
CA PHE A 142 -17.71 40.04 0.04
C PHE A 142 -16.88 39.15 0.95
N SER A 143 -16.31 38.09 0.39
CA SER A 143 -15.32 37.26 1.07
C SER A 143 -15.92 36.15 1.94
N GLY A 144 -15.07 35.47 2.73
CA GLY A 144 -15.48 34.35 3.55
C GLY A 144 -16.32 34.79 4.74
N LEU A 145 -16.97 33.79 5.36
CA LEU A 145 -17.97 34.10 6.39
C LEU A 145 -17.35 34.81 7.60
N GLY A 146 -16.18 34.32 8.06
CA GLY A 146 -15.52 34.97 9.17
C GLY A 146 -15.16 36.41 8.85
N ASN A 147 -14.61 36.64 7.65
CA ASN A 147 -14.35 37.99 7.14
C ASN A 147 -15.64 38.84 7.12
N ARG A 148 -16.73 38.28 6.60
CA ARG A 148 -17.98 39.04 6.50
C ARG A 148 -18.53 39.42 7.87
N ILE A 149 -18.53 38.49 8.82
CA ILE A 149 -18.99 38.82 10.17
C ILE A 149 -18.18 39.96 10.79
N LEU A 150 -16.85 39.86 10.71
CA LEU A 150 -16.03 40.87 11.36
C LEU A 150 -16.11 42.24 10.65
N SER A 151 -16.04 42.23 9.32
CA SER A 151 -16.09 43.50 8.60
C SER A 151 -17.43 44.17 8.79
N LEU A 152 -18.51 43.37 8.82
CA LEU A 152 -19.83 43.95 9.01
C LEU A 152 -19.96 44.60 10.39
N ALA A 153 -19.39 43.96 11.41
CA ALA A 153 -19.40 44.57 12.73
C ALA A 153 -18.64 45.91 12.71
N SER A 154 -17.54 45.97 11.95
CA SER A 154 -16.73 47.18 11.87
C SER A 154 -17.49 48.30 11.18
N VAL A 155 -18.18 47.98 10.09
CA VAL A 155 -18.99 48.98 9.40
C VAL A 155 -20.12 49.46 10.32
N PHE A 156 -20.73 48.53 11.08
CA PHE A 156 -21.80 48.96 12.00
C PHE A 156 -21.25 49.95 13.03
N LEU A 157 -20.11 49.64 13.64
CA LEU A 157 -19.47 50.60 14.55
C LEU A 157 -19.27 51.94 13.86
N TYR A 158 -18.78 51.91 12.62
CA TYR A 158 -18.59 53.15 11.89
C TYR A 158 -19.91 53.90 11.69
N ALA A 159 -21.01 53.17 11.38
CA ALA A 159 -22.32 53.84 11.29
C ALA A 159 -22.69 54.53 12.59
N LEU A 160 -22.48 53.85 13.73
CA LEU A 160 -22.76 54.43 15.03
C LEU A 160 -21.97 55.71 15.27
N LEU A 161 -20.73 55.75 14.78
CA LEU A 161 -19.89 56.90 15.05
C LEU A 161 -20.22 58.07 14.14
N THR A 162 -20.94 57.84 13.05
CA THR A 162 -21.19 58.90 12.06
C THR A 162 -22.68 59.19 11.89
N ASP A 163 -23.54 58.66 12.76
CA ASP A 163 -24.99 58.86 12.69
C ASP A 163 -25.55 58.45 11.33
N ARG A 164 -25.09 57.30 10.85
CA ARG A 164 -25.52 56.76 9.57
C ARG A 164 -26.36 55.50 9.80
N VAL A 165 -27.24 55.21 8.84
CA VAL A 165 -27.99 53.97 8.85
C VAL A 165 -27.21 52.91 8.07
N LEU A 166 -27.10 51.71 8.67
CA LEU A 166 -26.44 50.59 8.01
C LEU A 166 -27.42 49.82 7.14
N LEU A 167 -27.06 49.63 5.88
CA LEU A 167 -27.77 48.72 4.99
C LEU A 167 -26.84 47.60 4.58
N VAL A 168 -27.38 46.39 4.53
CA VAL A 168 -26.62 45.16 4.34
C VAL A 168 -27.00 44.53 3.01
N ASP A 169 -26.05 44.49 2.09
CA ASP A 169 -26.21 43.70 0.87
C ASP A 169 -26.28 42.22 1.24
N ARG A 170 -27.43 41.58 0.98
CA ARG A 170 -27.66 40.22 1.44
C ARG A 170 -26.86 39.20 0.65
N GLY A 171 -26.22 39.60 -0.44
CA GLY A 171 -25.42 38.63 -1.17
C GLY A 171 -26.27 37.45 -1.57
N LYS A 172 -25.73 36.26 -1.41
CA LYS A 172 -26.45 35.07 -1.71
C LYS A 172 -27.14 34.48 -0.52
N ASP A 173 -26.75 34.88 0.71
CA ASP A 173 -27.29 34.18 1.88
C ASP A 173 -27.37 34.85 3.26
N MET A 174 -27.16 36.17 3.36
CA MET A 174 -27.15 36.81 4.67
C MET A 174 -28.48 36.58 5.40
N ASP A 175 -29.59 36.58 4.66
CA ASP A 175 -30.91 36.30 5.22
C ASP A 175 -31.20 34.80 5.38
N ASP A 176 -30.35 33.91 4.89
CA ASP A 176 -30.50 32.51 5.29
C ASP A 176 -29.70 32.15 6.53
N LEU A 177 -28.75 33.01 6.90
CA LEU A 177 -27.88 32.72 8.04
C LEU A 177 -28.28 33.49 9.31
N PHE A 178 -28.60 34.76 9.14
CA PHE A 178 -28.85 35.64 10.28
C PHE A 178 -30.27 36.21 10.33
N CYS A 179 -30.78 36.35 11.55
CA CYS A 179 -32.06 37.00 11.82
C CYS A 179 -31.92 38.51 11.65
N GLU A 180 -33.07 39.22 11.69
CA GLU A 180 -33.06 40.70 11.69
C GLU A 180 -32.59 41.20 13.06
N PRO A 181 -31.65 42.14 13.10
CA PRO A 181 -31.14 42.61 14.40
C PRO A 181 -31.77 43.89 14.97
N PHE A 182 -32.46 44.69 14.12
CA PHE A 182 -32.96 46.02 14.50
C PHE A 182 -34.47 45.95 14.70
N LEU A 183 -34.91 46.01 15.97
CA LEU A 183 -36.33 45.78 16.27
C LEU A 183 -37.23 46.65 15.40
N GLY A 184 -38.18 46.00 14.73
CA GLY A 184 -39.20 46.71 14.00
C GLY A 184 -38.85 47.11 12.57
N MET A 185 -37.62 46.82 12.11
CA MET A 185 -37.22 47.15 10.73
C MET A 185 -36.44 45.98 10.14
N SER A 186 -36.04 46.15 8.89
CA SER A 186 -35.10 45.25 8.26
C SER A 186 -33.79 45.98 8.04
N TRP A 187 -32.69 45.24 8.15
CA TRP A 187 -31.39 45.81 7.85
C TRP A 187 -30.92 45.51 6.43
N LEU A 188 -31.67 44.72 5.66
CA LEU A 188 -31.27 44.35 4.31
C LEU A 188 -31.39 45.51 3.30
N LEU A 189 -30.40 45.65 2.45
CA LEU A 189 -30.49 46.54 1.30
C LEU A 189 -31.60 46.04 0.35
N PRO A 190 -32.53 46.90 -0.05
CA PRO A 190 -33.58 46.45 -0.98
C PRO A 190 -32.97 45.92 -2.27
N LEU A 191 -33.64 44.94 -2.88
CA LEU A 191 -33.08 44.31 -4.07
C LEU A 191 -33.06 45.25 -5.28
N ASP A 192 -33.92 46.28 -5.32
CA ASP A 192 -33.91 47.22 -6.43
C ASP A 192 -33.08 48.48 -6.13
N PHE A 193 -32.22 48.46 -5.11
CA PHE A 193 -31.29 49.56 -4.90
C PHE A 193 -30.51 49.86 -6.18
N PRO A 194 -30.54 51.10 -6.65
CA PRO A 194 -30.04 51.46 -7.99
C PRO A 194 -28.63 50.96 -8.39
N MET A 195 -27.71 50.88 -7.43
CA MET A 195 -26.30 50.64 -7.69
C MET A 195 -25.87 49.20 -7.44
N THR A 196 -26.80 48.29 -7.14
CA THR A 196 -26.42 46.93 -6.74
C THR A 196 -25.62 46.23 -7.83
N ASP A 197 -25.98 46.45 -9.11
CA ASP A 197 -25.28 45.77 -10.19
C ASP A 197 -23.88 46.32 -10.42
N GLN A 198 -23.49 47.39 -9.73
CA GLN A 198 -22.12 47.87 -9.81
C GLN A 198 -21.21 47.26 -8.76
N PHE A 199 -21.79 46.67 -7.70
CA PHE A 199 -21.02 46.28 -6.52
C PHE A 199 -19.82 45.40 -6.89
N ASP A 200 -20.04 44.40 -7.74
CA ASP A 200 -18.99 43.47 -8.10
C ASP A 200 -17.77 44.19 -8.67
N GLY A 201 -17.99 45.17 -9.53
CA GLY A 201 -16.92 45.78 -10.29
C GLY A 201 -16.33 47.03 -9.68
N LEU A 202 -16.85 47.50 -8.55
CA LEU A 202 -16.24 48.64 -7.89
C LEU A 202 -14.84 48.28 -7.39
N ASN A 203 -13.89 49.19 -7.57
CA ASN A 203 -12.54 48.95 -7.05
C ASN A 203 -11.74 50.26 -7.05
N GLN A 204 -10.42 50.13 -6.98
CA GLN A 204 -9.55 51.29 -6.79
C GLN A 204 -9.55 52.22 -7.97
N GLU A 205 -9.85 51.69 -9.15
CA GLU A 205 -9.90 52.49 -10.38
C GLU A 205 -11.29 53.06 -10.65
N SER A 206 -12.26 52.71 -9.83
CA SER A 206 -13.58 53.23 -10.07
C SER A 206 -13.54 54.71 -9.92
N SER A 207 -14.28 55.38 -10.75
CA SER A 207 -14.32 56.82 -10.78
C SER A 207 -14.82 57.38 -9.49
N ARG A 208 -15.64 56.62 -8.77
CA ARG A 208 -16.24 57.03 -7.52
C ARG A 208 -15.50 56.50 -6.30
N CYS A 209 -14.32 55.91 -6.49
CA CYS A 209 -13.57 55.45 -5.35
C CYS A 209 -12.92 56.63 -4.70
N TYR A 210 -13.11 56.78 -3.41
CA TYR A 210 -12.51 57.92 -2.72
C TYR A 210 -10.99 57.97 -2.93
N GLY A 211 -10.31 56.83 -2.79
CA GLY A 211 -8.86 56.83 -2.97
C GLY A 211 -8.45 57.29 -4.35
N TYR A 212 -9.23 56.91 -5.36
CA TYR A 212 -8.97 57.37 -6.73
C TYR A 212 -9.05 58.89 -6.80
N MET A 213 -10.05 59.46 -6.15
CA MET A 213 -10.22 60.90 -6.14
C MET A 213 -9.09 61.61 -5.42
N VAL A 214 -8.70 61.09 -4.26
CA VAL A 214 -7.54 61.60 -3.53
C VAL A 214 -6.29 61.56 -4.41
N LYS A 215 -6.03 60.40 -5.01
CA LYS A 215 -4.85 60.23 -5.84
C LYS A 215 -4.76 61.29 -6.93
N ASN A 216 -5.87 61.53 -7.63
CA ASN A 216 -5.90 62.44 -8.76
C ASN A 216 -6.45 63.81 -8.40
N GLN A 217 -6.41 64.17 -7.12
CA GLN A 217 -6.59 65.56 -6.66
C GLN A 217 -7.83 66.21 -7.26
N VAL A 218 -8.94 65.48 -7.24
CA VAL A 218 -10.12 65.92 -7.96
C VAL A 218 -11.30 66.04 -6.99
N ILE A 219 -11.13 66.87 -5.96
CA ILE A 219 -12.20 67.16 -5.02
C ILE A 219 -12.17 68.64 -4.65
N THR A 224 -21.58 69.17 -3.09
CA THR A 224 -20.89 67.96 -2.70
C THR A 224 -21.42 66.69 -3.40
N LEU A 225 -20.63 65.62 -3.33
CA LEU A 225 -20.98 64.40 -4.02
C LEU A 225 -22.23 63.79 -3.42
N SER A 226 -22.90 62.96 -4.18
CA SER A 226 -24.05 62.24 -3.64
C SER A 226 -23.64 60.92 -3.03
N HIS A 227 -22.63 60.29 -3.57
CA HIS A 227 -22.19 59.02 -3.02
C HIS A 227 -20.70 58.87 -3.25
N LEU A 228 -20.13 57.89 -2.56
CA LEU A 228 -18.69 57.67 -2.58
C LEU A 228 -18.44 56.20 -2.27
N TYR A 229 -17.58 55.57 -3.05
CA TYR A 229 -17.19 54.18 -2.80
C TYR A 229 -15.89 54.17 -2.01
N LEU A 230 -15.86 53.37 -0.94
CA LEU A 230 -14.71 53.25 -0.05
C LEU A 230 -14.16 51.84 -0.21
N HIS A 231 -12.98 51.75 -0.79
CA HIS A 231 -12.30 50.48 -1.00
C HIS A 231 -11.47 50.20 0.24
N LEU A 232 -11.95 49.31 1.09
CA LEU A 232 -11.28 48.99 2.35
C LEU A 232 -10.91 47.51 2.40
N VAL A 233 -10.61 46.94 1.23
CA VAL A 233 -10.19 45.56 1.11
C VAL A 233 -8.70 45.47 1.40
N HIS A 234 -8.27 44.30 1.85
CA HIS A 234 -6.88 44.09 2.28
C HIS A 234 -5.83 44.57 1.27
N ASP A 235 -6.18 44.60 -0.02
CA ASP A 235 -5.23 45.02 -1.04
C ASP A 235 -5.26 46.54 -1.28
N TYR A 236 -5.90 47.30 -0.41
CA TYR A 236 -5.98 48.73 -0.65
C TYR A 236 -4.60 49.39 -0.54
N GLY A 237 -4.52 50.66 -0.94
CA GLY A 237 -3.25 51.37 -0.90
C GLY A 237 -3.29 52.65 -0.07
N ASP A 238 -2.23 53.44 -0.22
CA ASP A 238 -2.01 54.65 0.58
C ASP A 238 -3.14 55.66 0.46
N HIS A 239 -3.76 55.77 -0.72
CA HIS A 239 -4.83 56.76 -0.85
C HIS A 239 -6.14 56.23 -0.27
N ASP A 240 -6.40 54.93 -0.39
CA ASP A 240 -7.58 54.35 0.26
C ASP A 240 -7.46 54.47 1.75
N LYS A 241 -6.25 54.31 2.27
CA LYS A 241 -6.03 54.33 3.70
C LYS A 241 -6.32 55.71 4.30
N MET A 242 -6.36 56.76 3.47
CA MET A 242 -6.70 58.07 3.96
C MET A 242 -8.09 58.10 4.58
N PHE A 243 -8.90 57.09 4.32
CA PHE A 243 -10.16 56.91 5.04
C PHE A 243 -9.94 57.08 6.55
N PHE A 244 -8.80 56.60 7.05
CA PHE A 244 -8.57 56.56 8.49
C PHE A 244 -7.97 57.87 9.02
N CYS A 245 -8.13 58.98 8.31
CA CYS A 245 -7.63 60.29 8.76
C CYS A 245 -8.79 61.21 9.12
N GLU A 246 -8.57 62.03 10.14
CA GLU A 246 -9.62 62.90 10.68
C GLU A 246 -10.12 63.89 9.64
N GLY A 247 -9.19 64.59 8.96
CA GLY A 247 -9.59 65.54 7.94
C GLY A 247 -10.42 64.89 6.83
N ASP A 248 -10.05 63.68 6.43
CA ASP A 248 -10.79 63.01 5.38
C ASP A 248 -12.19 62.61 5.86
N GLN A 249 -12.30 62.18 7.13
CA GLN A 249 -13.61 61.85 7.67
C GLN A 249 -14.53 63.05 7.64
N THR A 250 -13.97 64.26 7.75
CA THR A 250 -14.80 65.48 7.71
C THR A 250 -15.39 65.71 6.34
N PHE A 251 -14.58 65.54 5.31
CA PHE A 251 -15.08 65.53 3.93
C PHE A 251 -16.14 64.44 3.80
N ILE A 252 -15.75 63.21 4.13
CA ILE A 252 -16.61 62.04 3.95
C ILE A 252 -17.95 62.18 4.69
N GLY A 253 -17.92 62.80 5.87
CA GLY A 253 -19.14 62.97 6.64
C GLY A 253 -20.21 63.77 5.92
N LYS A 254 -19.85 64.47 4.85
CA LYS A 254 -20.83 65.23 4.08
C LYS A 254 -21.64 64.37 3.12
N VAL A 255 -21.04 63.29 2.64
CA VAL A 255 -21.67 62.48 1.59
C VAL A 255 -22.80 61.62 2.15
N PRO A 256 -24.01 61.71 1.59
CA PRO A 256 -25.14 60.97 2.18
C PRO A 256 -25.07 59.45 1.96
N TRP A 257 -24.49 58.97 0.87
CA TRP A 257 -24.42 57.54 0.58
C TRP A 257 -22.95 57.09 0.47
N LEU A 258 -22.50 56.25 1.40
CA LEU A 258 -21.22 55.59 1.27
C LEU A 258 -21.42 54.11 0.93
N ILE A 259 -20.66 53.62 -0.04
CA ILE A 259 -20.64 52.21 -0.40
C ILE A 259 -19.28 51.63 0.01
N VAL A 260 -19.29 50.60 0.85
CA VAL A 260 -18.09 50.05 1.47
C VAL A 260 -17.87 48.61 1.01
N LYS A 261 -16.66 48.31 0.58
CA LYS A 261 -16.25 46.93 0.33
C LYS A 261 -15.01 46.64 1.16
N THR A 262 -15.11 45.68 2.08
CA THR A 262 -14.00 45.36 2.97
C THR A 262 -14.06 43.88 3.36
N ASP A 263 -12.89 43.31 3.66
CA ASP A 263 -12.79 41.99 4.28
C ASP A 263 -11.98 42.02 5.58
N ASN A 264 -11.92 43.17 6.27
CA ASN A 264 -11.06 43.36 7.44
C ASN A 264 -11.83 43.83 8.68
N TYR A 265 -11.35 43.44 9.85
CA TYR A 265 -11.86 43.96 11.10
C TYR A 265 -11.13 45.25 11.41
N PHE A 266 -11.64 46.36 10.89
CA PHE A 266 -10.86 47.59 10.91
C PHE A 266 -11.05 48.47 12.14
N VAL A 267 -11.82 47.95 13.10
CA VAL A 267 -12.15 48.66 14.34
C VAL A 267 -10.96 49.39 14.99
N PRO A 268 -9.83 48.71 15.18
CA PRO A 268 -8.77 49.33 16.02
C PRO A 268 -8.31 50.69 15.50
N SER A 269 -8.21 50.87 14.18
CA SER A 269 -7.70 52.14 13.67
C SER A 269 -8.71 53.26 13.88
N LEU A 270 -9.99 52.94 14.01
CA LEU A 270 -10.96 53.97 14.39
C LEU A 270 -10.60 54.62 15.71
N TRP A 271 -9.98 53.87 16.64
CA TRP A 271 -9.62 54.46 17.93
C TRP A 271 -8.54 55.52 17.80
N LEU A 272 -7.80 55.54 16.69
CA LEU A 272 -6.74 56.52 16.53
C LEU A 272 -7.18 57.79 15.80
N ILE A 273 -8.47 57.97 15.57
CA ILE A 273 -8.98 59.14 14.87
C ILE A 273 -9.56 60.11 15.89
N PRO A 274 -9.05 61.33 15.98
CA PRO A 274 -9.65 62.31 16.90
C PRO A 274 -11.14 62.50 16.63
N GLY A 275 -11.90 62.64 17.71
CA GLY A 275 -13.35 62.66 17.63
C GLY A 275 -13.93 61.30 17.95
N PHE A 276 -13.64 60.33 17.09
CA PHE A 276 -14.03 58.95 17.37
C PHE A 276 -13.46 58.48 18.71
N ASP A 277 -12.21 58.83 18.98
CA ASP A 277 -11.55 58.35 20.19
C ASP A 277 -12.38 58.67 21.44
N ASP A 278 -12.87 59.91 21.54
CA ASP A 278 -13.66 60.30 22.71
C ASP A 278 -14.97 59.52 22.77
N GLU A 279 -15.66 59.35 21.64
CA GLU A 279 -16.92 58.62 21.68
C GLU A 279 -16.70 57.13 21.99
N LEU A 280 -15.69 56.51 21.37
CA LEU A 280 -15.37 55.11 21.65
C LEU A 280 -15.11 54.88 23.13
N ASN A 281 -14.39 55.79 23.77
CA ASN A 281 -14.04 55.60 25.17
C ASN A 281 -15.28 55.57 26.06
N LYS A 282 -16.29 56.38 25.72
CA LYS A 282 -17.57 56.31 26.42
C LYS A 282 -18.32 55.04 26.06
N LEU A 283 -18.35 54.66 24.79
CA LEU A 283 -19.10 53.47 24.40
C LEU A 283 -18.52 52.23 25.05
N PHE A 284 -17.20 52.13 25.08
CA PHE A 284 -16.54 50.91 25.55
C PHE A 284 -15.50 51.18 26.63
N PRO A 285 -15.96 51.43 27.85
CA PRO A 285 -15.03 51.66 28.97
C PRO A 285 -14.03 50.52 29.15
N GLN A 286 -14.45 49.31 28.78
CA GLN A 286 -13.53 48.18 28.67
C GLN A 286 -13.24 48.06 27.17
N LYS A 287 -12.09 48.55 26.77
CA LYS A 287 -11.80 48.77 25.36
C LYS A 287 -11.85 47.51 24.50
N ALA A 288 -11.38 46.38 25.04
CA ALA A 288 -11.29 45.13 24.30
C ALA A 288 -12.62 44.35 24.28
N THR A 289 -13.76 45.04 24.37
CA THR A 289 -15.06 44.39 24.33
C THR A 289 -15.89 44.81 23.11
N VAL A 290 -15.28 45.53 22.18
CA VAL A 290 -16.01 46.04 21.04
C VAL A 290 -16.73 44.92 20.26
N PHE A 291 -15.97 43.91 19.82
CA PHE A 291 -16.61 42.85 19.04
C PHE A 291 -17.48 41.96 19.91
N HIS A 292 -17.04 41.66 21.13
CA HIS A 292 -17.89 40.90 22.05
C HIS A 292 -19.30 41.50 22.13
N HIS A 293 -19.41 42.83 22.25
CA HIS A 293 -20.76 43.39 22.39
C HIS A 293 -21.46 43.54 21.05
N LEU A 294 -20.82 44.18 20.05
CA LEU A 294 -21.52 44.41 18.80
C LEU A 294 -21.82 43.11 18.08
N GLY A 295 -20.92 42.14 18.17
CA GLY A 295 -21.14 40.86 17.52
C GLY A 295 -22.32 40.11 18.10
N ARG A 296 -22.43 40.13 19.43
CA ARG A 296 -23.55 39.47 20.08
C ARG A 296 -24.86 40.21 19.77
N TYR A 297 -24.75 41.51 19.56
CA TYR A 297 -25.93 42.30 19.27
C TYR A 297 -26.43 42.04 17.85
N LEU A 298 -25.51 42.06 16.90
CA LEU A 298 -25.89 41.96 15.51
C LEU A 298 -26.29 40.57 15.02
N PHE A 299 -25.58 39.55 15.48
CA PHE A 299 -25.63 38.25 14.84
C PHE A 299 -26.36 37.16 15.61
N HIS A 300 -27.47 36.71 15.03
CA HIS A 300 -28.26 35.66 15.61
C HIS A 300 -28.59 34.70 14.50
N PRO A 301 -28.21 33.42 14.66
CA PRO A 301 -28.49 32.43 13.60
C PRO A 301 -29.98 32.23 13.40
N THR A 302 -30.38 32.10 12.14
CA THR A 302 -31.75 31.72 11.80
C THR A 302 -32.09 30.37 12.41
N ASN A 303 -33.37 30.01 12.32
CA ASN A 303 -33.84 28.77 12.94
C ASN A 303 -33.15 27.56 12.33
N GLN A 304 -32.96 27.57 11.01
CA GLN A 304 -32.36 26.42 10.35
C GLN A 304 -30.93 26.19 10.81
N VAL A 305 -30.20 27.26 11.07
CA VAL A 305 -28.82 27.14 11.56
C VAL A 305 -28.82 26.87 13.07
N TRP A 306 -29.74 27.48 13.79
CA TRP A 306 -29.81 27.22 15.22
C TRP A 306 -30.13 25.74 15.51
N GLY A 307 -30.90 25.07 14.63
CA GLY A 307 -31.09 23.64 14.79
C GLY A 307 -29.78 22.85 14.71
N LEU A 308 -28.84 23.29 13.87
CA LEU A 308 -27.54 22.62 13.83
C LEU A 308 -26.84 22.73 15.19
N VAL A 309 -26.93 23.90 15.83
CA VAL A 309 -26.25 24.11 17.10
C VAL A 309 -26.87 23.26 18.20
N THR A 310 -28.18 23.40 18.39
CA THR A 310 -28.87 22.73 19.49
C THR A 310 -28.82 21.21 19.34
N ARG A 311 -29.02 20.68 18.13
CA ARG A 311 -28.93 19.23 18.00
C ARG A 311 -27.53 18.74 18.32
N TYR A 312 -26.49 19.46 17.88
CA TYR A 312 -25.14 19.01 18.19
C TYR A 312 -24.84 19.11 19.68
N TYR A 313 -25.14 20.27 20.28
CA TYR A 313 -24.94 20.46 21.71
C TYR A 313 -25.62 19.36 22.53
N GLU A 314 -26.90 19.11 22.25
CA GLU A 314 -27.67 18.17 23.06
C GLU A 314 -27.21 16.73 22.86
N ALA A 315 -26.77 16.36 21.66
CA ALA A 315 -26.33 14.99 21.44
C ALA A 315 -24.94 14.70 22.03
N TYR A 316 -24.02 15.66 21.92
CA TYR A 316 -22.62 15.34 22.19
C TYR A 316 -21.94 16.08 23.31
N LEU A 317 -22.49 17.21 23.73
CA LEU A 317 -21.77 18.09 24.63
C LEU A 317 -22.46 18.41 25.94
N SER A 318 -23.72 18.08 26.09
CA SER A 318 -24.53 18.64 27.17
C SER A 318 -24.24 18.00 28.53
N HIS A 319 -23.55 16.88 28.58
CA HIS A 319 -23.36 16.20 29.86
C HIS A 319 -21.97 16.42 30.44
N ALA A 320 -21.15 17.25 29.82
CA ALA A 320 -19.78 17.45 30.23
C ALA A 320 -19.67 18.46 31.37
N ASP A 321 -18.69 18.25 32.24
CA ASP A 321 -18.43 19.23 33.27
C ASP A 321 -17.64 20.41 32.74
N GLU A 322 -16.82 20.19 31.72
CA GLU A 322 -16.03 21.27 31.15
C GLU A 322 -15.91 21.03 29.64
N LYS A 323 -15.89 22.10 28.86
CA LYS A 323 -15.74 21.96 27.41
C LYS A 323 -14.52 22.72 26.95
N ILE A 324 -13.66 22.04 26.20
CA ILE A 324 -12.49 22.66 25.59
C ILE A 324 -12.73 22.72 24.09
N GLY A 325 -12.59 23.93 23.53
CA GLY A 325 -12.69 24.12 22.09
C GLY A 325 -11.31 24.18 21.46
N ILE A 326 -11.15 23.52 20.33
CA ILE A 326 -9.89 23.54 19.59
C ILE A 326 -10.23 23.86 18.14
N GLN A 327 -10.06 25.12 17.75
CA GLN A 327 -10.34 25.59 16.39
C GLN A 327 -9.07 25.44 15.55
N VAL A 328 -9.09 24.50 14.61
CA VAL A 328 -7.89 24.13 13.85
C VAL A 328 -8.02 24.62 12.41
N ARG A 329 -7.11 25.49 12.02
CA ARG A 329 -6.99 26.01 10.67
C ARG A 329 -5.54 25.91 10.23
N VAL A 330 -5.30 25.26 9.10
CA VAL A 330 -3.97 25.07 8.51
C VAL A 330 -3.96 25.81 7.18
N PHE A 331 -3.17 26.89 7.10
CA PHE A 331 -3.04 27.62 5.83
C PHE A 331 -1.94 26.95 5.02
N ASP A 332 -2.33 25.97 4.20
CA ASP A 332 -1.39 25.21 3.38
C ASP A 332 -2.13 24.65 2.18
N GLU A 333 -1.41 24.50 1.07
CA GLU A 333 -2.03 24.00 -0.15
C GLU A 333 -2.44 22.55 -0.02
N ASP A 334 -1.64 21.76 0.68
CA ASP A 334 -2.07 20.39 0.92
C ASP A 334 -3.15 20.37 2.01
N PRO A 335 -4.11 19.45 1.90
CA PRO A 335 -5.13 19.33 2.95
C PRO A 335 -4.64 18.68 4.23
N GLY A 336 -3.49 18.01 4.20
CA GLY A 336 -2.95 17.33 5.37
C GLY A 336 -3.63 16.01 5.64
N PRO A 337 -3.77 15.63 6.92
CA PRO A 337 -3.33 16.35 8.13
C PRO A 337 -1.81 16.29 8.31
N PHE A 338 -1.23 17.23 9.04
CA PHE A 338 0.22 17.28 9.23
C PHE A 338 0.60 16.83 10.62
N GLN A 339 1.65 15.99 10.70
CA GLN A 339 2.11 15.51 11.99
C GLN A 339 2.57 16.66 12.88
N HIS A 340 3.24 17.67 12.30
CA HIS A 340 3.76 18.77 13.12
C HIS A 340 2.63 19.59 13.71
N VAL A 341 1.47 19.60 13.05
CA VAL A 341 0.33 20.30 13.64
C VAL A 341 -0.27 19.47 14.77
N MET A 342 -0.29 18.15 14.65
N MET A 342 -0.35 18.14 14.64
CA MET A 342 -0.78 17.26 15.69
CA MET A 342 -0.80 17.30 15.73
C MET A 342 0.12 17.44 16.91
C MET A 342 0.11 17.42 16.94
N ASP A 343 1.41 17.42 16.70
CA ASP A 343 2.36 17.64 17.79
C ASP A 343 2.10 18.99 18.47
N GLN A 344 1.81 20.02 17.67
CA GLN A 344 1.56 21.36 18.23
C GLN A 344 0.33 21.35 19.14
N ILE A 345 -0.75 20.72 18.67
CA ILE A 345 -1.97 20.66 19.48
C ILE A 345 -1.69 19.91 20.78
N SER A 346 -1.06 18.74 20.65
CA SER A 346 -0.75 17.93 21.83
C SER A 346 0.06 18.71 22.86
N SER A 347 1.10 19.38 22.41
CA SER A 347 1.98 20.15 23.28
C SER A 347 1.23 21.31 23.92
N CYS A 348 0.50 22.07 23.11
CA CYS A 348 -0.25 23.19 23.62
C CYS A 348 -1.20 22.77 24.75
N THR A 349 -2.09 21.81 24.47
CA THR A 349 -3.13 21.49 25.45
C THR A 349 -2.57 20.87 26.72
N GLN A 350 -1.45 20.15 26.61
CA GLN A 350 -0.89 19.55 27.80
C GLN A 350 -0.07 20.55 28.61
N LYS A 351 0.80 21.32 27.96
CA LYS A 351 1.62 22.25 28.72
C LYS A 351 0.77 23.37 29.35
N GLU A 352 -0.37 23.72 28.74
CA GLU A 352 -1.23 24.73 29.31
C GLU A 352 -2.25 24.14 30.28
N LYS A 353 -2.14 22.83 30.55
CA LYS A 353 -3.05 22.14 31.47
C LYS A 353 -4.50 22.19 31.00
N LEU A 354 -4.72 22.35 29.70
CA LEU A 354 -6.08 22.31 29.19
C LEU A 354 -6.58 20.87 29.10
N LEU A 355 -5.70 19.96 28.67
CA LEU A 355 -6.01 18.53 28.54
C LEU A 355 -4.92 17.72 29.24
N PRO A 356 -5.30 16.62 29.90
CA PRO A 356 -4.31 15.89 30.70
C PRO A 356 -3.40 15.03 29.82
N GLU A 357 -2.24 14.68 30.36
CA GLU A 357 -1.34 13.72 29.73
C GLU A 357 -1.92 12.32 29.93
N VAL A 358 -1.42 11.33 29.20
CA VAL A 358 -1.89 9.96 29.41
C VAL A 358 -0.77 9.09 29.92
N ASP A 359 -1.13 8.04 30.64
CA ASP A 359 -0.17 7.08 31.18
C ASP A 359 0.02 5.91 30.25
N THR A 360 1.15 5.84 29.58
CA THR A 360 1.42 4.71 28.69
C THR A 360 2.14 3.56 29.40
N LEU A 361 2.38 3.67 30.70
CA LEU A 361 3.02 2.63 31.51
C LEU A 361 2.18 2.34 32.75
N VAL A 362 0.90 2.10 32.52
CA VAL A 362 -0.06 1.87 33.61
C VAL A 362 0.53 0.99 34.69
N ASN A 369 -12.82 8.05 41.97
CA ASN A 369 -14.10 7.96 42.66
C ASN A 369 -15.20 8.69 41.90
N THR A 370 -14.99 9.97 41.57
CA THR A 370 -15.91 10.73 40.72
C THR A 370 -15.12 11.66 39.81
N PRO A 371 -14.62 11.15 38.69
CA PRO A 371 -13.88 12.00 37.76
C PRO A 371 -14.81 12.96 37.02
N LYS A 372 -14.25 14.08 36.59
CA LYS A 372 -15.05 14.99 35.79
C LYS A 372 -15.01 14.56 34.33
N HIS A 373 -16.12 14.85 33.64
CA HIS A 373 -16.24 14.64 32.21
C HIS A 373 -15.84 15.90 31.48
N LYS A 374 -14.81 15.80 30.65
CA LYS A 374 -14.37 16.92 29.83
C LYS A 374 -14.63 16.59 28.37
N ALA A 375 -15.34 17.47 27.68
CA ALA A 375 -15.61 17.31 26.25
C ALA A 375 -14.69 18.21 25.46
N VAL A 376 -14.06 17.66 24.43
CA VAL A 376 -13.16 18.39 23.54
C VAL A 376 -13.89 18.59 22.21
N LEU A 377 -14.12 19.84 21.84
CA LEU A 377 -14.83 20.19 20.61
C LEU A 377 -13.79 20.67 19.60
N VAL A 378 -13.56 19.86 18.57
CA VAL A 378 -12.58 20.19 17.54
C VAL A 378 -13.31 20.60 16.27
N THR A 379 -12.93 21.73 15.68
CA THR A 379 -13.44 22.06 14.35
C THR A 379 -12.27 22.14 13.39
N SER A 380 -12.44 21.54 12.23
CA SER A 380 -11.40 21.59 11.23
C SER A 380 -11.96 21.09 9.90
N LEU A 381 -11.33 21.51 8.80
CA LEU A 381 -11.70 20.96 7.49
C LEU A 381 -11.31 19.50 7.38
N ASN A 382 -10.24 19.09 8.04
CA ASN A 382 -9.74 17.72 8.02
C ASN A 382 -9.92 17.12 9.41
N ALA A 383 -10.37 15.85 9.45
CA ALA A 383 -10.70 15.18 10.71
C ALA A 383 -9.49 14.56 11.40
N GLY A 384 -8.30 14.70 10.81
CA GLY A 384 -7.15 13.94 11.29
C GLY A 384 -6.71 14.27 12.70
N TYR A 385 -6.90 15.50 13.12
CA TYR A 385 -6.41 15.91 14.44
C TYR A 385 -7.31 15.42 15.57
N ALA A 386 -8.63 15.56 15.38
CA ALA A 386 -9.60 15.01 16.34
C ALA A 386 -9.50 13.49 16.41
N GLU A 387 -9.30 12.82 15.27
CA GLU A 387 -9.17 11.37 15.26
C GLU A 387 -7.95 10.93 16.08
N ASN A 388 -6.86 11.68 15.96
CA ASN A 388 -5.66 11.36 16.71
C ASN A 388 -5.89 11.57 18.21
N LEU A 389 -6.53 12.67 18.56
CA LEU A 389 -6.80 12.91 19.98
C LEU A 389 -7.73 11.84 20.55
N LYS A 390 -8.78 11.48 19.80
CA LYS A 390 -9.75 10.50 20.26
C LYS A 390 -9.09 9.16 20.53
N SER A 391 -8.23 8.72 19.59
CA SER A 391 -7.47 7.48 19.77
C SER A 391 -6.61 7.54 21.03
N MET A 392 -5.84 8.60 21.18
CA MET A 392 -4.93 8.66 22.32
C MET A 392 -5.71 8.51 23.64
N TYR A 393 -6.84 9.20 23.75
CA TYR A 393 -7.61 9.14 24.98
C TYR A 393 -8.44 7.85 25.15
N TRP A 394 -8.68 7.14 24.05
CA TRP A 394 -9.32 5.82 24.14
C TRP A 394 -8.28 4.77 24.53
N GLU A 395 -7.11 4.82 23.89
CA GLU A 395 -6.09 3.80 24.09
C GLU A 395 -5.43 3.89 25.47
N TYR A 396 -5.32 5.07 26.07
CA TYR A 396 -4.54 5.15 27.30
C TYR A 396 -5.32 5.90 28.37
N PRO A 397 -5.19 5.48 29.63
CA PRO A 397 -5.86 6.19 30.73
C PRO A 397 -5.23 7.56 30.96
N THR A 398 -6.06 8.50 31.38
CA THR A 398 -5.53 9.81 31.70
C THR A 398 -4.65 9.74 32.96
N SER A 399 -3.67 10.63 33.02
CA SER A 399 -2.83 10.73 34.20
C SER A 399 -3.64 11.18 35.39
N THR A 400 -4.70 11.95 35.16
CA THR A 400 -5.47 12.57 36.22
C THR A 400 -6.73 11.79 36.56
N GLY A 401 -7.02 10.72 35.82
CA GLY A 401 -8.28 10.05 35.98
C GLY A 401 -9.47 10.74 35.31
N GLU A 402 -9.23 11.92 34.73
CA GLU A 402 -10.29 12.62 33.99
C GLU A 402 -10.86 11.77 32.87
N ILE A 403 -12.12 11.98 32.55
CA ILE A 403 -12.77 11.30 31.44
C ILE A 403 -12.85 12.27 30.27
N ILE A 404 -12.22 11.92 29.15
CA ILE A 404 -12.07 12.81 28.00
C ILE A 404 -12.87 12.27 26.82
N GLY A 405 -13.78 13.09 26.29
CA GLY A 405 -14.49 12.78 25.02
C GLY A 405 -14.14 13.76 23.91
N VAL A 406 -13.82 13.25 22.74
CA VAL A 406 -13.43 14.07 21.58
C VAL A 406 -14.53 14.08 20.50
N HIS A 407 -14.92 15.28 20.06
CA HIS A 407 -16.03 15.46 19.11
C HIS A 407 -15.68 16.49 18.05
N GLN A 408 -15.88 16.14 16.79
CA GLN A 408 -15.75 17.09 15.69
C GLN A 408 -17.01 17.01 14.83
N PRO A 409 -17.67 18.15 14.61
CA PRO A 409 -18.97 18.08 13.92
C PRO A 409 -18.86 17.71 12.46
N SER A 410 -17.87 18.23 11.75
CA SER A 410 -17.85 18.08 10.31
C SER A 410 -16.44 17.90 9.78
N GLN A 411 -16.34 17.42 8.56
CA GLN A 411 -15.09 17.34 7.83
C GLN A 411 -15.39 17.80 6.40
N GLU A 412 -15.73 19.08 6.27
CA GLU A 412 -16.11 19.65 4.99
C GLU A 412 -15.02 19.49 3.94
N GLY A 413 -13.81 19.21 4.39
CA GLY A 413 -12.69 18.94 3.51
C GLY A 413 -12.07 20.20 2.98
N TYR A 414 -12.91 21.12 2.52
CA TYR A 414 -12.43 22.39 1.98
C TYR A 414 -13.51 23.46 2.02
N LYS A 420 -24.31 26.47 0.93
CA LYS A 420 -25.59 26.64 1.59
C LYS A 420 -25.72 25.92 2.88
N MET A 421 -25.78 24.59 2.82
CA MET A 421 -25.65 23.78 4.03
C MET A 421 -24.24 23.96 4.61
N HIS A 422 -23.30 24.28 3.73
CA HIS A 422 -21.93 24.51 4.14
C HIS A 422 -21.81 25.78 4.96
N ASN A 423 -22.34 26.89 4.46
CA ASN A 423 -22.20 28.11 5.26
C ASN A 423 -22.98 28.00 6.56
N GLY A 424 -24.10 27.28 6.55
CA GLY A 424 -24.84 27.04 7.77
C GLY A 424 -24.02 26.24 8.78
N LYS A 425 -23.28 25.24 8.32
CA LYS A 425 -22.46 24.46 9.24
C LYS A 425 -21.27 25.25 9.76
N ALA A 426 -20.68 26.10 8.91
CA ALA A 426 -19.58 26.93 9.38
C ALA A 426 -20.05 27.87 10.48
N LEU A 427 -21.21 28.50 10.27
CA LEU A 427 -21.75 29.40 11.29
C LEU A 427 -22.07 28.64 12.58
N ALA A 428 -22.71 27.47 12.45
CA ALA A 428 -23.03 26.66 13.62
C ALA A 428 -21.77 26.25 14.38
N GLU A 429 -20.71 25.91 13.65
CA GLU A 429 -19.46 25.52 14.30
C GLU A 429 -18.80 26.69 15.04
N MET A 430 -18.89 27.89 14.48
CA MET A 430 -18.40 29.07 15.18
C MET A 430 -19.15 29.22 16.50
N TYR A 431 -20.47 29.04 16.50
N TYR A 431 -20.48 29.07 16.43
CA TYR A 431 -21.27 29.23 17.70
CA TYR A 431 -21.30 29.22 17.63
C TYR A 431 -20.99 28.14 18.73
C TYR A 431 -20.97 28.17 18.67
N LEU A 432 -20.83 26.92 18.23
CA LEU A 432 -20.53 25.85 19.18
C LEU A 432 -19.20 26.13 19.89
N LEU A 433 -18.15 26.46 19.14
CA LEU A 433 -16.89 26.87 19.78
C LEU A 433 -17.12 27.98 20.82
N SER A 434 -18.02 28.91 20.50
CA SER A 434 -18.23 30.06 21.36
C SER A 434 -18.89 29.66 22.66
N LEU A 435 -19.37 28.41 22.71
CA LEU A 435 -19.98 27.85 23.89
C LEU A 435 -19.00 27.12 24.80
N THR A 436 -17.71 27.06 24.45
CA THR A 436 -16.81 26.27 25.28
C THR A 436 -16.28 27.08 26.48
N ASP A 437 -15.66 26.37 27.42
CA ASP A 437 -15.13 27.06 28.60
C ASP A 437 -13.74 27.62 28.35
N ASN A 438 -12.95 26.92 27.55
CA ASN A 438 -11.60 27.37 27.20
C ASN A 438 -11.38 27.08 25.74
N LEU A 439 -10.68 27.98 25.04
CA LEU A 439 -10.65 27.92 23.60
C LEU A 439 -9.22 28.05 23.09
N VAL A 440 -8.83 27.12 22.23
CA VAL A 440 -7.57 27.19 21.48
C VAL A 440 -7.92 27.54 20.04
N THR A 441 -7.23 28.52 19.48
CA THR A 441 -7.52 28.98 18.13
C THR A 441 -6.27 28.90 17.26
N SER A 442 -6.45 29.02 15.94
CA SER A 442 -5.33 29.05 15.02
C SER A 442 -4.97 30.49 14.65
N ALA A 443 -3.67 30.76 14.60
CA ALA A 443 -3.14 32.03 14.10
C ALA A 443 -3.72 32.37 12.73
N TRP A 444 -4.14 33.63 12.59
CA TRP A 444 -4.59 34.17 11.31
C TRP A 444 -6.07 33.92 11.00
N SER A 445 -6.73 33.12 11.82
CA SER A 445 -8.04 32.59 11.43
C SER A 445 -9.18 33.47 11.98
N THR A 446 -9.92 34.10 11.07
CA THR A 446 -11.10 34.89 11.47
C THR A 446 -12.23 34.00 11.93
N PHE A 447 -12.22 32.73 11.51
CA PHE A 447 -13.12 31.71 12.05
C PHE A 447 -12.97 31.68 13.57
N GLY A 448 -11.72 31.61 14.04
CA GLY A 448 -11.46 31.63 15.47
C GLY A 448 -11.78 32.96 16.14
N TYR A 449 -11.48 34.07 15.47
CA TYR A 449 -11.78 35.40 16.00
C TYR A 449 -13.27 35.53 16.37
N VAL A 450 -14.13 35.16 15.40
CA VAL A 450 -15.57 35.22 15.61
C VAL A 450 -15.98 34.39 16.83
N ALA A 451 -15.51 33.15 16.87
CA ALA A 451 -15.91 32.24 17.96
C ALA A 451 -15.47 32.76 19.31
N GLN A 452 -14.20 33.20 19.43
CA GLN A 452 -13.74 33.76 20.71
C GLN A 452 -14.51 35.05 21.06
N GLY A 453 -14.79 35.87 20.06
CA GLY A 453 -15.51 37.10 20.33
C GLY A 453 -16.93 36.84 20.80
N LEU A 454 -17.65 35.93 20.12
CA LEU A 454 -19.01 35.66 20.57
C LEU A 454 -19.02 35.07 21.98
N GLY A 455 -17.97 34.31 22.36
CA GLY A 455 -17.93 33.69 23.68
C GLY A 455 -17.31 34.53 24.76
N GLY A 456 -16.76 35.69 24.43
CA GLY A 456 -15.98 36.43 25.40
C GLY A 456 -14.84 35.60 25.97
N LEU A 457 -14.16 34.87 25.11
CA LEU A 457 -13.10 33.96 25.49
C LEU A 457 -11.75 34.54 25.08
N LYS A 458 -10.81 34.57 26.01
CA LYS A 458 -9.43 34.91 25.65
C LYS A 458 -8.71 33.61 25.31
N PRO A 459 -8.49 33.36 24.03
CA PRO A 459 -8.00 32.05 23.61
C PRO A 459 -6.51 31.83 23.88
N TRP A 460 -6.09 30.57 23.80
CA TRP A 460 -4.69 30.22 23.60
C TRP A 460 -4.54 30.05 22.09
N ILE A 461 -3.53 30.71 21.53
CA ILE A 461 -3.32 30.76 20.09
C ILE A 461 -2.23 29.78 19.68
N LEU A 462 -2.53 28.93 18.70
CA LEU A 462 -1.52 28.10 18.04
C LEU A 462 -0.80 28.95 17.02
N TYR A 463 0.47 29.26 17.27
CA TYR A 463 1.22 30.08 16.33
C TYR A 463 1.32 29.44 14.97
N ARG A 464 1.30 30.29 13.95
CA ARG A 464 1.46 29.84 12.58
C ARG A 464 2.83 29.20 12.42
N PRO A 465 2.92 27.97 11.93
CA PRO A 465 4.22 27.31 11.80
C PRO A 465 4.89 27.62 10.47
N GLU A 466 6.21 27.63 10.50
CA GLU A 466 7.00 27.84 9.30
C GLU A 466 7.71 26.55 8.95
N ASN A 467 7.84 26.29 7.66
CA ASN A 467 8.60 25.15 7.16
C ASN A 467 8.21 23.86 7.88
N ARG A 468 6.90 23.68 8.07
CA ARG A 468 6.35 22.44 8.61
C ARG A 468 7.07 21.98 9.88
N THR A 469 7.40 22.95 10.73
CA THR A 469 8.05 22.70 12.02
C THR A 469 7.09 23.09 13.12
N THR A 470 6.96 22.24 14.13
CA THR A 470 6.17 22.59 15.30
C THR A 470 6.80 23.80 15.98
N PRO A 471 6.08 24.90 16.12
CA PRO A 471 6.69 26.07 16.78
C PRO A 471 6.91 25.81 18.24
N ASP A 472 7.88 26.51 18.80
CA ASP A 472 8.24 26.38 20.19
C ASP A 472 8.54 27.76 20.74
N PRO A 473 7.65 28.28 21.59
CA PRO A 473 6.45 27.60 22.12
C PRO A 473 5.39 27.26 21.09
N SER A 474 4.59 26.23 21.38
CA SER A 474 3.58 25.82 20.42
C SER A 474 2.38 26.75 20.42
N CYS A 475 2.10 27.42 21.54
CA CYS A 475 0.97 28.33 21.69
C CYS A 475 1.26 29.27 22.86
N GLY A 476 0.47 30.34 22.93
CA GLY A 476 0.57 31.32 24.00
C GLY A 476 -0.78 31.99 24.18
N ARG A 477 -1.06 32.47 25.38
CA ARG A 477 -2.34 33.13 25.63
C ARG A 477 -2.44 34.44 24.85
N ALA A 478 -3.57 34.69 24.24
CA ALA A 478 -3.80 35.99 23.60
C ALA A 478 -3.69 37.13 24.61
N MET A 479 -3.35 38.32 24.11
CA MET A 479 -3.41 39.52 24.95
C MET A 479 -4.83 39.93 25.27
N SER A 480 -5.82 39.48 24.50
CA SER A 480 -7.22 39.86 24.72
C SER A 480 -8.08 39.07 23.75
N MET A 481 -9.39 39.13 23.98
CA MET A 481 -10.36 38.39 23.16
C MET A 481 -10.68 39.08 21.83
N GLU A 482 -10.21 40.30 21.60
CA GLU A 482 -10.53 41.01 20.37
C GLU A 482 -9.97 40.31 19.13
N PRO A 483 -10.64 40.46 17.99
CA PRO A 483 -10.07 40.04 16.70
C PRO A 483 -8.90 40.92 16.29
N CYS A 484 -8.15 40.44 15.31
CA CYS A 484 -7.01 41.18 14.79
C CYS A 484 -7.40 41.85 13.46
N PHE A 485 -6.97 43.10 13.30
CA PHE A 485 -7.06 43.85 12.03
C PHE A 485 -5.79 43.52 11.24
N HIS A 486 -5.92 42.77 10.14
CA HIS A 486 -4.75 42.24 9.45
C HIS A 486 -4.02 43.26 8.57
N SER A 487 -4.71 44.27 8.01
CA SER A 487 -4.14 45.20 7.03
C SER A 487 -4.33 46.63 7.47
N PRO A 488 -3.70 47.04 8.58
CA PRO A 488 -3.92 48.41 9.07
C PRO A 488 -3.14 49.47 8.28
N PRO A 489 -3.56 50.73 8.34
CA PRO A 489 -2.71 51.81 7.84
C PRO A 489 -1.63 52.13 8.85
N PHE A 490 -0.47 52.54 8.35
CA PHE A 490 0.63 53.02 9.19
C PHE A 490 0.98 54.42 8.73
N TYR A 491 0.13 55.37 9.08
CA TYR A 491 0.22 56.73 8.56
C TYR A 491 -0.15 57.74 9.64
N ASP A 492 0.76 58.66 9.92
CA ASP A 492 0.49 59.80 10.79
C ASP A 492 -0.21 60.87 9.95
N CYS A 493 -1.52 61.02 10.15
CA CYS A 493 -2.32 61.93 9.35
C CYS A 493 -1.90 63.38 9.57
N LYS A 494 -1.57 63.74 10.81
CA LYS A 494 -1.24 65.13 11.11
C LYS A 494 0.12 65.50 10.52
N ALA A 495 1.14 64.69 10.80
CA ALA A 495 2.46 64.98 10.25
C ALA A 495 2.61 64.52 8.80
N LYS A 496 1.62 63.80 8.26
CA LYS A 496 1.65 63.36 6.87
C LYS A 496 2.92 62.55 6.58
N THR A 497 3.07 61.44 7.29
CA THR A 497 4.28 60.63 7.19
C THR A 497 4.02 59.26 7.80
N GLY A 498 4.84 58.29 7.40
CA GLY A 498 4.69 56.94 7.94
C GLY A 498 4.87 56.91 9.44
N ILE A 499 4.19 55.97 10.09
CA ILE A 499 4.30 55.79 11.53
C ILE A 499 3.93 54.36 11.88
N ASP A 500 4.42 53.89 13.03
CA ASP A 500 4.03 52.58 13.55
C ASP A 500 2.80 52.78 14.42
N THR A 501 1.62 52.53 13.83
CA THR A 501 0.36 52.76 14.55
C THR A 501 0.17 51.78 15.72
N GLY A 502 1.04 50.79 15.86
CA GLY A 502 0.98 49.87 16.98
C GLY A 502 1.75 50.31 18.20
N THR A 503 2.34 51.49 18.18
CA THR A 503 3.18 51.97 19.27
C THR A 503 2.86 53.40 19.61
N LEU A 504 1.59 53.76 19.46
CA LEU A 504 1.09 55.10 19.76
C LEU A 504 0.34 55.18 21.10
N VAL A 505 -0.60 54.26 21.30
CA VAL A 505 -1.41 54.23 22.51
C VAL A 505 -1.35 52.84 23.11
N PRO A 506 -1.43 52.76 24.42
CA PRO A 506 -1.31 51.46 25.09
C PRO A 506 -2.36 50.43 24.69
N HIS A 507 -3.53 50.88 24.26
CA HIS A 507 -4.64 49.96 24.06
C HIS A 507 -4.75 49.45 22.63
N VAL A 508 -3.86 49.89 21.74
CA VAL A 508 -3.76 49.39 20.37
C VAL A 508 -2.35 48.82 20.20
N ARG A 509 -2.23 47.50 20.12
CA ARG A 509 -0.93 46.89 19.96
C ARG A 509 -0.91 45.97 18.74
N HIS A 510 0.27 45.52 18.37
CA HIS A 510 0.38 44.53 17.31
C HIS A 510 -0.10 43.18 17.81
N CYS A 511 -0.77 42.44 16.93
CA CYS A 511 -1.35 41.14 17.26
C CYS A 511 -0.29 40.11 17.60
N GLU A 512 -0.74 39.11 18.34
CA GLU A 512 0.17 38.03 18.74
C GLU A 512 0.49 37.13 17.56
N ASP A 513 -0.47 36.96 16.64
CA ASP A 513 -0.35 35.91 15.62
C ASP A 513 0.14 36.41 14.29
N ILE A 514 -0.08 37.70 14.01
CA ILE A 514 0.46 38.35 12.83
C ILE A 514 0.99 39.72 13.25
N SER A 515 2.32 39.86 13.27
CA SER A 515 2.94 41.05 13.85
C SER A 515 2.64 42.30 13.05
N TRP A 516 2.11 42.11 11.87
CA TRP A 516 1.81 43.24 11.07
C TRP A 516 0.51 43.94 11.53
N GLY A 517 -0.43 43.15 12.01
CA GLY A 517 -1.75 43.65 12.35
C GLY A 517 -1.85 44.33 13.73
N LEU A 518 -3.02 44.89 14.00
CA LEU A 518 -3.30 45.63 15.22
C LEU A 518 -4.50 45.02 15.92
N LYS A 519 -4.51 45.09 17.26
CA LYS A 519 -5.73 44.74 17.99
C LYS A 519 -5.88 45.61 19.22
N LEU A 520 -7.13 45.70 19.67
CA LEU A 520 -7.46 46.38 20.90
C LEU A 520 -7.13 45.46 22.06
N VAL A 521 -6.57 46.06 23.11
CA VAL A 521 -6.17 45.33 24.29
C VAL A 521 -6.61 46.06 25.53
N ASP B 58 -25.48 -8.88 40.98
CA ASP B 58 -24.94 -10.24 40.99
C ASP B 58 -23.72 -10.33 40.06
N LYS B 59 -22.54 -10.19 40.65
CA LYS B 59 -21.30 -10.34 39.90
C LYS B 59 -21.00 -11.80 39.57
N LEU B 60 -21.84 -12.72 40.05
CA LEU B 60 -21.59 -14.13 39.78
C LEU B 60 -22.53 -14.68 38.71
N LEU B 61 -23.36 -13.81 38.11
CA LEU B 61 -24.21 -14.19 36.97
C LEU B 61 -25.09 -15.40 37.31
N GLY B 62 -25.76 -15.31 38.46
CA GLY B 62 -26.71 -16.34 38.81
C GLY B 62 -26.10 -17.67 39.16
N GLY B 63 -24.82 -17.68 39.49
CA GLY B 63 -24.12 -18.90 39.84
C GLY B 63 -23.18 -19.37 38.76
N LEU B 64 -23.24 -18.79 37.55
CA LEU B 64 -22.36 -19.21 36.47
C LEU B 64 -20.89 -19.10 36.88
N LEU B 65 -20.50 -17.95 37.43
CA LEU B 65 -19.11 -17.69 37.80
C LEU B 65 -18.84 -18.13 39.24
N ALA B 66 -17.60 -18.54 39.49
CA ALA B 66 -17.18 -18.92 40.82
C ALA B 66 -16.64 -17.68 41.53
N SER B 67 -16.91 -17.59 42.83
CA SER B 67 -16.29 -16.48 43.56
C SER B 67 -14.86 -16.87 43.94
N GLY B 68 -14.10 -15.89 44.41
CA GLY B 68 -12.77 -16.12 44.91
C GLY B 68 -11.63 -15.69 44.00
N PHE B 69 -11.93 -15.10 42.85
CA PHE B 69 -10.88 -14.65 41.94
C PHE B 69 -10.22 -13.38 42.47
N ASP B 70 -8.98 -13.11 42.07
CA ASP B 70 -8.29 -11.87 42.40
C ASP B 70 -8.85 -10.73 41.54
N GLU B 71 -9.58 -9.81 42.17
CA GLU B 71 -10.24 -8.75 41.41
C GLU B 71 -9.23 -7.94 40.60
N ASP B 72 -8.20 -7.41 41.26
CA ASP B 72 -7.32 -6.44 40.62
C ASP B 72 -6.65 -7.00 39.38
N SER B 73 -6.32 -8.29 39.36
CA SER B 73 -5.68 -8.88 38.21
C SER B 73 -6.64 -9.12 37.03
N CYS B 74 -7.95 -9.02 37.24
CA CYS B 74 -8.93 -9.09 36.15
C CYS B 74 -10.16 -8.30 36.60
N LEU B 75 -10.02 -6.97 36.56
CA LEU B 75 -11.12 -6.07 36.86
C LEU B 75 -12.42 -6.44 36.13
N SER B 76 -12.33 -6.86 34.87
CA SER B 76 -13.56 -7.05 34.09
C SER B 76 -14.45 -8.10 34.73
N ARG B 77 -13.84 -9.11 35.35
CA ARG B 77 -14.53 -10.31 35.82
C ARG B 77 -15.82 -10.01 36.59
N TYR B 78 -15.67 -9.27 37.67
CA TYR B 78 -16.82 -8.91 38.48
C TYR B 78 -17.27 -7.48 38.24
N GLN B 79 -16.36 -6.60 37.80
CA GLN B 79 -16.69 -5.18 37.69
C GLN B 79 -17.66 -4.90 36.54
N SER B 80 -17.76 -5.80 35.57
CA SER B 80 -18.62 -5.58 34.42
C SER B 80 -20.11 -5.57 34.76
N VAL B 81 -20.47 -6.00 35.97
CA VAL B 81 -21.86 -5.93 36.39
C VAL B 81 -22.39 -4.50 36.33
N HIS B 82 -21.51 -3.55 36.59
CA HIS B 82 -21.84 -2.12 36.56
C HIS B 82 -22.05 -1.56 35.15
N TYR B 83 -21.94 -2.41 34.13
CA TYR B 83 -22.01 -1.95 32.74
C TYR B 83 -23.07 -2.62 31.88
N ARG B 84 -23.61 -3.76 32.30
CA ARG B 84 -24.68 -4.31 31.50
C ARG B 84 -25.95 -4.43 32.32
N LYS B 85 -27.06 -4.73 31.65
CA LYS B 85 -28.28 -5.06 32.39
C LYS B 85 -28.18 -6.53 32.75
N PRO B 86 -28.86 -6.96 33.81
CA PRO B 86 -28.85 -8.38 34.14
C PRO B 86 -29.43 -9.19 32.98
N SER B 87 -28.81 -10.32 32.70
CA SER B 87 -29.38 -11.23 31.72
C SER B 87 -30.63 -11.90 32.30
N PRO B 88 -31.70 -11.99 31.53
CA PRO B 88 -32.87 -12.72 32.02
C PRO B 88 -32.76 -14.24 31.82
N TYR B 89 -31.67 -14.70 31.21
CA TYR B 89 -31.47 -16.14 31.04
C TYR B 89 -30.63 -16.67 32.16
N LYS B 90 -31.19 -17.56 32.96
CA LYS B 90 -30.45 -18.10 34.10
C LYS B 90 -29.83 -19.45 33.77
N PRO B 91 -28.59 -19.72 34.20
CA PRO B 91 -28.04 -21.05 33.90
C PRO B 91 -28.71 -22.14 34.74
N SER B 92 -28.90 -23.30 34.14
CA SER B 92 -29.46 -24.44 34.85
C SER B 92 -28.57 -24.84 36.03
N SER B 93 -29.22 -25.34 37.07
CA SER B 93 -28.49 -25.86 38.21
C SER B 93 -27.55 -26.99 37.79
N TYR B 94 -27.99 -27.80 36.82
CA TYR B 94 -27.17 -28.88 36.30
C TYR B 94 -25.94 -28.34 35.57
N LEU B 95 -26.08 -27.28 34.78
CA LEU B 95 -24.91 -26.66 34.15
C LEU B 95 -23.95 -26.11 35.20
N ILE B 96 -24.46 -25.41 36.20
CA ILE B 96 -23.60 -24.89 37.26
C ILE B 96 -22.80 -26.02 37.93
N SER B 97 -23.46 -27.12 38.27
CA SER B 97 -22.74 -28.25 38.82
C SER B 97 -21.71 -28.77 37.83
N LYS B 98 -22.06 -28.80 36.56
CA LYS B 98 -21.10 -29.28 35.56
C LYS B 98 -19.83 -28.43 35.57
N LEU B 99 -19.96 -27.13 35.82
CA LEU B 99 -18.80 -26.24 35.71
C LEU B 99 -17.97 -26.26 36.98
N ARG B 100 -18.63 -26.30 38.15
CA ARG B 100 -17.89 -26.48 39.38
C ARG B 100 -17.10 -27.79 39.35
N ASN B 101 -17.73 -28.87 38.85
CA ASN B 101 -17.03 -30.15 38.76
C ASN B 101 -15.96 -30.11 37.67
N TYR B 102 -16.18 -29.30 36.62
CA TYR B 102 -15.14 -29.18 35.62
C TYR B 102 -13.88 -28.55 36.26
N GLU B 103 -14.05 -27.52 37.04
CA GLU B 103 -12.93 -26.87 37.71
C GLU B 103 -12.20 -27.84 38.64
N LYS B 104 -12.90 -28.82 39.20
CA LYS B 104 -12.22 -29.83 40.02
C LYS B 104 -11.41 -30.76 39.14
N LEU B 105 -11.99 -31.22 38.05
CA LEU B 105 -11.20 -32.01 37.10
C LEU B 105 -9.96 -31.22 36.68
N HIS B 106 -10.10 -29.93 36.36
CA HIS B 106 -8.96 -29.17 35.86
C HIS B 106 -7.87 -29.01 36.91
N LYS B 107 -8.26 -28.84 38.18
CA LYS B 107 -7.27 -28.79 39.25
C LYS B 107 -6.56 -30.13 39.39
N ARG B 108 -7.29 -31.21 39.12
CA ARG B 108 -6.75 -32.55 39.25
C ARG B 108 -5.77 -32.91 38.13
N CYS B 109 -6.05 -32.49 36.90
CA CYS B 109 -5.33 -32.91 35.71
C CYS B 109 -4.55 -31.81 34.98
N GLY B 110 -4.70 -30.55 35.36
CA GLY B 110 -4.14 -29.47 34.60
C GLY B 110 -2.62 -29.41 34.52
N PRO B 111 -2.12 -28.47 33.71
CA PRO B 111 -0.67 -28.30 33.56
C PRO B 111 -0.01 -28.06 34.91
N GLY B 112 1.15 -28.69 35.11
CA GLY B 112 1.90 -28.57 36.34
C GLY B 112 1.58 -29.63 37.38
N THR B 113 0.48 -30.33 37.23
CA THR B 113 0.21 -31.38 38.19
C THR B 113 1.02 -32.63 37.91
N GLU B 114 1.10 -33.46 38.94
CA GLU B 114 1.69 -34.77 38.72
C GLU B 114 0.92 -35.54 37.66
N SER B 115 -0.41 -35.54 37.76
CA SER B 115 -1.22 -36.29 36.81
C SER B 115 -0.90 -35.87 35.37
N TYR B 116 -0.67 -34.58 35.16
CA TYR B 116 -0.39 -34.09 33.81
C TYR B 116 0.98 -34.59 33.32
N LYS B 117 1.95 -34.67 34.22
CA LYS B 117 3.27 -35.14 33.80
C LYS B 117 3.20 -36.61 33.37
N LYS B 118 2.55 -37.44 34.19
CA LYS B 118 2.39 -38.84 33.84
C LYS B 118 1.66 -39.00 32.51
N ALA B 119 0.67 -38.15 32.24
CA ALA B 119 -0.07 -38.26 30.98
C ALA B 119 0.79 -37.84 29.78
N LEU B 120 1.68 -36.86 29.96
CA LEU B 120 2.63 -36.54 28.91
C LEU B 120 3.47 -37.77 28.55
N LYS B 121 4.03 -38.43 29.57
CA LYS B 121 4.85 -39.62 29.32
C LYS B 121 4.13 -40.68 28.52
N GLN B 122 2.80 -40.63 28.47
CA GLN B 122 2.02 -41.59 27.71
C GLN B 122 1.98 -41.22 26.23
N LEU B 123 2.06 -39.93 25.95
CA LEU B 123 2.03 -39.48 24.57
C LEU B 123 3.32 -39.96 23.91
N ASP B 124 4.40 -39.96 24.71
CA ASP B 124 5.78 -40.22 24.22
C ASP B 124 6.17 -41.70 24.10
N GLN B 125 6.37 -42.36 25.23
CA GLN B 125 6.51 -43.81 25.28
C GLN B 125 5.25 -44.47 24.72
N ASP B 131 -3.56 -47.33 30.09
CA ASP B 131 -4.70 -46.62 30.68
C ASP B 131 -4.24 -45.38 31.44
N GLY B 132 -5.18 -44.49 31.75
CA GLY B 132 -4.88 -43.29 32.51
C GLY B 132 -6.14 -42.65 33.04
N GLU B 133 -5.98 -41.77 34.03
CA GLU B 133 -7.12 -41.13 34.66
C GLU B 133 -7.29 -39.66 34.24
N CYS B 134 -6.63 -39.25 33.16
CA CYS B 134 -6.76 -37.88 32.68
C CYS B 134 -6.83 -37.89 31.16
N LYS B 135 -7.83 -37.21 30.60
CA LYS B 135 -8.04 -37.08 29.15
C LYS B 135 -8.11 -35.61 28.77
N TYR B 136 -7.61 -35.28 27.58
CA TYR B 136 -7.48 -33.88 27.21
C TYR B 136 -7.96 -33.61 25.81
N VAL B 137 -8.35 -32.35 25.59
CA VAL B 137 -8.57 -31.82 24.26
C VAL B 137 -7.88 -30.46 24.15
N VAL B 138 -6.95 -30.32 23.19
CA VAL B 138 -6.19 -29.10 22.95
C VAL B 138 -6.82 -28.33 21.79
N TRP B 139 -7.13 -27.07 22.03
CA TRP B 139 -7.63 -26.18 20.98
C TRP B 139 -6.46 -25.38 20.41
N ILE B 140 -6.32 -25.38 19.09
CA ILE B 140 -5.26 -24.65 18.42
C ILE B 140 -5.75 -23.25 18.06
N SER B 141 -4.88 -22.26 18.27
CA SER B 141 -5.19 -20.85 17.95
C SER B 141 -5.03 -20.64 16.45
N PHE B 142 -6.07 -20.10 15.84
CA PHE B 142 -6.17 -20.14 14.39
C PHE B 142 -7.34 -19.29 13.89
N SER B 143 -7.03 -18.39 12.98
CA SER B 143 -8.03 -17.56 12.28
C SER B 143 -8.36 -16.27 13.04
N GLY B 144 -9.38 -15.55 12.59
CA GLY B 144 -9.75 -14.30 13.19
C GLY B 144 -10.36 -14.47 14.58
N LEU B 145 -10.44 -13.34 15.29
CA LEU B 145 -10.83 -13.36 16.68
C LEU B 145 -12.25 -13.91 16.85
N GLY B 146 -13.20 -13.45 16.03
CA GLY B 146 -14.56 -13.98 16.13
C GLY B 146 -14.59 -15.49 15.99
N ASN B 147 -13.87 -16.01 14.98
CA ASN B 147 -13.77 -17.45 14.80
C ASN B 147 -13.17 -18.12 16.04
N ARG B 148 -12.17 -17.50 16.64
CA ARG B 148 -11.46 -18.13 17.76
C ARG B 148 -12.37 -18.22 18.97
N ILE B 149 -13.05 -17.13 19.30
CA ILE B 149 -13.96 -17.15 20.44
C ILE B 149 -15.04 -18.24 20.25
N LEU B 150 -15.62 -18.32 19.06
CA LEU B 150 -16.70 -19.28 18.86
C LEU B 150 -16.20 -20.72 18.85
N SER B 151 -15.08 -20.99 18.16
CA SER B 151 -14.62 -22.37 18.07
C SER B 151 -14.08 -22.84 19.40
N LEU B 152 -13.48 -21.92 20.18
CA LEU B 152 -12.99 -22.28 21.50
C LEU B 152 -14.17 -22.61 22.43
N ALA B 153 -15.26 -21.83 22.36
CA ALA B 153 -16.43 -22.18 23.18
C ALA B 153 -16.97 -23.56 22.78
N SER B 154 -16.90 -23.90 21.48
CA SER B 154 -17.35 -25.20 20.98
C SER B 154 -16.50 -26.32 21.54
N VAL B 155 -15.17 -26.20 21.41
CA VAL B 155 -14.28 -27.22 21.95
C VAL B 155 -14.47 -27.36 23.45
N PHE B 156 -14.78 -26.27 24.15
CA PHE B 156 -15.02 -26.38 25.60
C PHE B 156 -16.25 -27.23 25.87
N LEU B 157 -17.35 -26.95 25.14
CA LEU B 157 -18.56 -27.76 25.29
C LEU B 157 -18.21 -29.23 25.05
N TYR B 158 -17.48 -29.49 23.98
CA TYR B 158 -17.07 -30.85 23.67
C TYR B 158 -16.27 -31.45 24.82
N ALA B 159 -15.40 -30.67 25.44
CA ALA B 159 -14.69 -31.20 26.62
C ALA B 159 -15.65 -31.59 27.75
N LEU B 160 -16.69 -30.77 27.97
CA LEU B 160 -17.67 -31.09 29.02
C LEU B 160 -18.41 -32.38 28.70
N LEU B 161 -18.72 -32.59 27.43
CA LEU B 161 -19.49 -33.76 27.03
C LEU B 161 -18.68 -35.03 27.11
N THR B 162 -17.34 -34.95 27.09
CA THR B 162 -16.45 -36.09 27.02
C THR B 162 -15.56 -36.23 28.24
N ASP B 163 -15.80 -35.42 29.28
CA ASP B 163 -15.01 -35.48 30.49
C ASP B 163 -13.52 -35.31 30.19
N ARG B 164 -13.20 -34.35 29.34
CA ARG B 164 -11.81 -34.03 29.09
C ARG B 164 -11.44 -32.68 29.71
N VAL B 165 -10.14 -32.51 29.94
CA VAL B 165 -9.57 -31.20 30.26
C VAL B 165 -9.31 -30.43 28.97
N LEU B 166 -9.74 -29.16 28.95
CA LEU B 166 -9.45 -28.21 27.88
C LEU B 166 -8.11 -27.52 28.12
N LEU B 167 -7.24 -27.54 27.12
CA LEU B 167 -6.01 -26.76 27.15
C LEU B 167 -5.97 -25.86 25.91
N VAL B 168 -5.53 -24.63 26.11
CA VAL B 168 -5.68 -23.55 25.13
C VAL B 168 -4.30 -23.17 24.58
N ASP B 169 -4.10 -23.40 23.30
CA ASP B 169 -2.93 -22.87 22.59
C ASP B 169 -3.01 -21.36 22.59
N ARG B 170 -2.12 -20.69 23.31
CA ARG B 170 -2.18 -19.24 23.46
C ARG B 170 -1.93 -18.46 22.16
N GLY B 171 -1.31 -19.09 21.16
CA GLY B 171 -1.01 -18.37 19.93
C GLY B 171 -0.17 -17.13 20.20
N LYS B 172 -0.51 -16.06 19.50
CA LYS B 172 0.23 -14.82 19.66
C LYS B 172 -0.28 -14.00 20.83
N ASP B 173 -1.58 -14.10 21.14
CA ASP B 173 -2.19 -13.09 22.00
C ASP B 173 -3.33 -13.49 22.94
N MET B 174 -3.73 -14.77 22.99
CA MET B 174 -4.91 -15.14 23.78
C MET B 174 -4.76 -14.71 25.24
N ASP B 175 -3.57 -14.88 25.82
CA ASP B 175 -3.37 -14.42 27.20
C ASP B 175 -3.21 -12.90 27.31
N ASP B 176 -2.98 -12.19 26.19
CA ASP B 176 -3.06 -10.73 26.20
C ASP B 176 -4.50 -10.21 26.15
N LEU B 177 -5.45 -11.03 25.72
CA LEU B 177 -6.84 -10.62 25.55
C LEU B 177 -7.73 -11.08 26.70
N PHE B 178 -7.52 -12.29 27.18
CA PHE B 178 -8.45 -12.98 28.06
C PHE B 178 -7.80 -13.36 29.38
N CYS B 179 -8.56 -13.17 30.45
CA CYS B 179 -8.16 -13.59 31.79
C CYS B 179 -8.31 -15.11 31.93
N GLU B 180 -7.82 -15.64 33.04
CA GLU B 180 -7.98 -17.08 33.33
C GLU B 180 -9.42 -17.39 33.70
N PRO B 181 -10.05 -18.40 33.09
CA PRO B 181 -11.44 -18.69 33.43
C PRO B 181 -11.66 -19.73 34.53
N PHE B 182 -10.64 -20.54 34.84
CA PHE B 182 -10.77 -21.67 35.79
C PHE B 182 -10.06 -21.42 37.13
N LEU B 183 -10.84 -21.26 38.20
CA LEU B 183 -10.33 -20.76 39.47
C LEU B 183 -9.16 -21.61 39.98
N GLY B 184 -8.03 -20.95 40.21
CA GLY B 184 -6.90 -21.60 40.83
C GLY B 184 -5.98 -22.38 39.90
N MET B 185 -6.29 -22.47 38.63
CA MET B 185 -5.33 -23.10 37.72
C MET B 185 -5.27 -22.21 36.50
N SER B 186 -4.60 -22.68 35.46
CA SER B 186 -4.52 -21.92 34.23
C SER B 186 -4.97 -22.81 33.09
N TRP B 187 -5.62 -22.22 32.09
CA TRP B 187 -6.11 -22.97 30.95
C TRP B 187 -5.11 -23.03 29.79
N LEU B 188 -3.98 -22.34 29.93
CA LEU B 188 -3.02 -22.28 28.82
C LEU B 188 -2.24 -23.58 28.70
N LEU B 189 -2.13 -24.06 27.47
CA LEU B 189 -1.19 -25.14 27.17
C LEU B 189 0.23 -24.65 27.43
N PRO B 190 1.02 -25.36 28.23
CA PRO B 190 2.41 -24.94 28.46
C PRO B 190 3.16 -24.78 27.13
N LEU B 191 4.03 -23.77 27.07
CA LEU B 191 4.82 -23.57 25.86
C LEU B 191 5.75 -24.75 25.57
N ASP B 192 6.09 -25.56 26.55
CA ASP B 192 6.94 -26.72 26.28
C ASP B 192 6.14 -27.99 25.95
N PHE B 193 4.82 -27.90 25.76
CA PHE B 193 4.06 -29.06 25.28
C PHE B 193 4.78 -29.60 24.04
N PRO B 194 5.05 -30.91 23.98
CA PRO B 194 6.03 -31.42 23.00
C PRO B 194 5.54 -31.52 21.57
N MET B 195 4.26 -31.27 21.28
CA MET B 195 3.77 -31.26 19.90
C MET B 195 3.54 -29.85 19.38
N THR B 196 3.97 -28.83 20.11
CA THR B 196 3.66 -27.45 19.70
C THR B 196 4.23 -27.13 18.31
N ASP B 197 5.45 -27.60 18.02
CA ASP B 197 6.04 -27.29 16.72
C ASP B 197 5.28 -27.88 15.55
N GLN B 198 4.33 -28.79 15.79
CA GLN B 198 3.56 -29.41 14.72
C GLN B 198 2.20 -28.76 14.50
N PHE B 199 1.80 -27.83 15.38
CA PHE B 199 0.46 -27.26 15.28
C PHE B 199 0.23 -26.61 13.91
N ASP B 200 1.21 -25.86 13.40
CA ASP B 200 1.05 -25.18 12.12
C ASP B 200 0.83 -26.18 10.99
N GLY B 201 1.68 -27.21 10.94
CA GLY B 201 1.60 -28.21 9.89
C GLY B 201 0.40 -29.14 9.97
N LEU B 202 -0.33 -29.20 11.08
CA LEU B 202 -1.37 -30.22 11.21
C LEU B 202 -2.52 -29.94 10.23
N ASN B 203 -2.86 -30.94 9.42
CA ASN B 203 -3.91 -30.76 8.40
C ASN B 203 -4.46 -32.14 8.00
N GLN B 204 -5.22 -32.18 6.91
CA GLN B 204 -5.91 -33.40 6.50
C GLN B 204 -4.95 -34.51 6.10
N GLU B 205 -3.70 -34.19 5.82
CA GLU B 205 -2.70 -35.16 5.44
C GLU B 205 -1.84 -35.62 6.60
N SER B 206 -2.11 -35.13 7.81
CA SER B 206 -1.33 -35.54 8.98
C SER B 206 -1.62 -36.99 9.35
N SER B 207 -0.58 -37.72 9.74
CA SER B 207 -0.75 -39.15 9.94
C SER B 207 -1.73 -39.46 11.07
N ARG B 208 -1.85 -38.57 12.02
CA ARG B 208 -2.77 -38.74 13.12
C ARG B 208 -4.04 -37.95 12.95
N CYS B 209 -4.32 -37.51 11.74
CA CYS B 209 -5.60 -36.88 11.42
C CYS B 209 -6.66 -37.96 11.31
N TYR B 210 -7.74 -37.81 12.08
CA TYR B 210 -8.76 -38.85 12.11
C TYR B 210 -9.27 -39.16 10.70
N GLY B 211 -9.64 -38.12 9.93
CA GLY B 211 -10.11 -38.35 8.56
C GLY B 211 -9.09 -39.06 7.69
N TYR B 212 -7.83 -38.67 7.77
CA TYR B 212 -6.75 -39.31 7.03
C TYR B 212 -6.62 -40.80 7.42
N MET B 213 -7.02 -41.12 8.63
CA MET B 213 -6.90 -42.49 9.08
C MET B 213 -8.06 -43.32 8.60
N VAL B 214 -9.22 -42.73 8.52
CA VAL B 214 -10.37 -43.39 7.97
C VAL B 214 -10.10 -43.61 6.50
N LYS B 215 -9.80 -42.55 5.77
CA LYS B 215 -9.53 -42.68 4.34
C LYS B 215 -8.61 -43.85 4.05
N ASN B 216 -7.38 -43.80 4.58
CA ASN B 216 -6.40 -44.86 4.37
C ASN B 216 -6.83 -46.16 5.05
N GLN B 217 -7.95 -46.13 5.75
CA GLN B 217 -8.47 -47.29 6.49
C GLN B 217 -7.41 -47.85 7.43
N VAL B 218 -6.91 -47.05 8.35
CA VAL B 218 -5.82 -47.46 9.22
C VAL B 218 -6.25 -47.77 10.63
N ILE B 219 -7.54 -47.81 10.88
CA ILE B 219 -8.01 -47.96 12.25
C ILE B 219 -8.23 -49.43 12.59
N GLY B 223 -5.10 -51.83 19.42
CA GLY B 223 -5.00 -51.09 20.67
C GLY B 223 -5.70 -49.75 20.60
N THR B 224 -5.16 -48.76 21.31
CA THR B 224 -5.72 -47.43 21.32
C THR B 224 -4.62 -46.42 21.03
N LEU B 225 -4.90 -45.47 20.16
CA LEU B 225 -3.90 -44.47 19.81
C LEU B 225 -3.59 -43.58 20.99
N SER B 226 -2.40 -43.05 20.96
CA SER B 226 -1.92 -42.15 22.01
C SER B 226 -2.50 -40.75 21.84
N HIS B 227 -2.84 -40.41 20.60
CA HIS B 227 -3.39 -39.10 20.29
C HIS B 227 -3.96 -39.09 18.88
N LEU B 228 -4.77 -38.06 18.63
CA LEU B 228 -5.55 -37.92 17.41
C LEU B 228 -5.70 -36.44 17.10
N TYR B 229 -5.52 -36.08 15.82
CA TYR B 229 -5.80 -34.74 15.33
C TYR B 229 -7.16 -34.74 14.63
N LEU B 230 -8.00 -33.76 14.96
CA LEU B 230 -9.33 -33.61 14.36
C LEU B 230 -9.33 -32.36 13.49
N HIS B 231 -9.37 -32.53 12.18
CA HIS B 231 -9.48 -31.42 11.23
C HIS B 231 -10.95 -31.04 11.10
N LEU B 232 -11.34 -29.95 11.76
CA LEU B 232 -12.71 -29.43 11.72
C LEU B 232 -12.78 -28.03 11.11
N VAL B 233 -11.77 -27.67 10.28
CA VAL B 233 -11.76 -26.41 9.52
C VAL B 233 -12.80 -26.45 8.40
N HIS B 234 -13.20 -25.27 7.93
CA HIS B 234 -14.24 -25.19 6.90
C HIS B 234 -13.97 -25.98 5.63
N ASP B 235 -12.70 -26.29 5.33
CA ASP B 235 -12.39 -27.06 4.12
C ASP B 235 -12.39 -28.57 4.34
N TYR B 236 -12.92 -29.03 5.47
CA TYR B 236 -12.89 -30.47 5.78
C TYR B 236 -13.79 -31.30 4.86
N GLY B 237 -13.45 -32.60 4.74
CA GLY B 237 -14.12 -33.50 3.84
C GLY B 237 -15.01 -34.50 4.57
N ASP B 238 -15.52 -35.46 3.80
CA ASP B 238 -16.46 -36.46 4.31
C ASP B 238 -15.85 -37.28 5.44
N HIS B 239 -14.59 -37.59 5.35
CA HIS B 239 -13.95 -38.38 6.36
C HIS B 239 -13.77 -37.62 7.65
N ASP B 240 -13.33 -36.38 7.56
CA ASP B 240 -13.25 -35.50 8.74
C ASP B 240 -14.60 -35.36 9.41
N LYS B 241 -15.67 -35.30 8.61
CA LYS B 241 -17.01 -35.08 9.15
C LYS B 241 -17.50 -36.27 9.97
N MET B 242 -16.88 -37.45 9.83
CA MET B 242 -17.27 -38.59 10.65
C MET B 242 -17.13 -38.30 12.13
N PHE B 243 -16.38 -37.25 12.50
CA PHE B 243 -16.34 -36.78 13.87
C PHE B 243 -17.75 -36.61 14.47
N PHE B 244 -18.72 -36.21 13.64
CA PHE B 244 -20.07 -35.94 14.13
C PHE B 244 -20.97 -37.18 14.18
N CYS B 245 -20.42 -38.39 14.08
CA CYS B 245 -21.18 -39.62 14.13
C CYS B 245 -20.95 -40.36 15.45
N GLU B 246 -22.00 -41.02 15.94
CA GLU B 246 -21.97 -41.65 17.26
C GLU B 246 -20.91 -42.75 17.35
N GLY B 247 -20.82 -43.61 16.35
CA GLY B 247 -19.84 -44.69 16.42
C GLY B 247 -18.43 -44.16 16.48
N ASP B 248 -18.16 -43.09 15.72
CA ASP B 248 -16.84 -42.49 15.72
C ASP B 248 -16.51 -41.87 17.07
N GLN B 249 -17.50 -41.25 17.72
CA GLN B 249 -17.26 -40.66 19.02
C GLN B 249 -16.86 -41.71 20.05
N THR B 250 -17.45 -42.90 20.00
CA THR B 250 -17.10 -43.93 20.97
C THR B 250 -15.64 -44.35 20.79
N PHE B 251 -15.16 -44.42 19.55
CA PHE B 251 -13.75 -44.74 19.31
C PHE B 251 -12.85 -43.61 19.80
N ILE B 252 -13.16 -42.37 19.41
CA ILE B 252 -12.39 -41.21 19.82
C ILE B 252 -12.36 -41.04 21.34
N GLY B 253 -13.43 -41.46 22.03
CA GLY B 253 -13.51 -41.27 23.45
C GLY B 253 -12.47 -42.03 24.24
N LYS B 254 -11.85 -43.03 23.63
CA LYS B 254 -10.82 -43.82 24.28
C LYS B 254 -9.45 -43.17 24.15
N VAL B 255 -9.28 -42.22 23.26
CA VAL B 255 -7.96 -41.65 22.99
C VAL B 255 -7.64 -40.59 24.03
N PRO B 256 -6.50 -40.68 24.70
CA PRO B 256 -6.19 -39.71 25.78
C PRO B 256 -6.00 -38.28 25.31
N TRP B 257 -5.36 -38.05 24.16
CA TRP B 257 -5.05 -36.71 23.69
C TRP B 257 -5.73 -36.43 22.36
N LEU B 258 -6.59 -35.43 22.34
CA LEU B 258 -7.21 -34.92 21.12
C LEU B 258 -6.68 -33.50 20.86
N ILE B 259 -6.36 -33.23 19.60
CA ILE B 259 -5.93 -31.92 19.15
C ILE B 259 -6.94 -31.45 18.10
N VAL B 260 -7.50 -30.25 18.30
CA VAL B 260 -8.57 -29.74 17.46
C VAL B 260 -8.13 -28.46 16.78
N LYS B 261 -8.38 -28.39 15.47
CA LYS B 261 -8.28 -27.15 14.73
C LYS B 261 -9.63 -26.93 14.04
N THR B 262 -10.24 -25.76 14.29
CA THR B 262 -11.48 -25.40 13.61
C THR B 262 -11.66 -23.88 13.59
N ASP B 263 -12.37 -23.41 12.57
CA ASP B 263 -12.78 -22.01 12.49
C ASP B 263 -14.30 -21.90 12.51
N ASN B 264 -15.01 -22.95 12.93
CA ASN B 264 -16.48 -22.94 12.93
C ASN B 264 -17.02 -23.09 14.35
N TYR B 265 -18.23 -22.55 14.56
CA TYR B 265 -19.06 -22.83 15.75
C TYR B 265 -19.85 -24.11 15.47
N PHE B 266 -19.26 -25.24 15.87
CA PHE B 266 -19.84 -26.54 15.53
C PHE B 266 -20.81 -27.09 16.58
N VAL B 267 -21.17 -26.28 17.57
CA VAL B 267 -22.11 -26.71 18.59
C VAL B 267 -23.40 -27.38 18.08
N PRO B 268 -24.12 -26.79 17.13
CA PRO B 268 -25.44 -27.35 16.81
C PRO B 268 -25.42 -28.84 16.43
N SER B 269 -24.38 -29.28 15.73
CA SER B 269 -24.38 -30.68 15.30
C SER B 269 -24.12 -31.63 16.45
N LEU B 270 -23.52 -31.16 17.55
CA LEU B 270 -23.39 -32.01 18.72
C LEU B 270 -24.76 -32.43 19.25
N TRP B 271 -25.78 -31.57 19.06
CA TRP B 271 -27.12 -31.91 19.52
C TRP B 271 -27.75 -33.04 18.72
N LEU B 272 -27.15 -33.41 17.58
CA LEU B 272 -27.68 -34.47 16.73
C LEU B 272 -26.98 -35.81 16.93
N ILE B 273 -26.10 -35.91 17.93
CA ILE B 273 -25.35 -37.15 18.21
C ILE B 273 -25.94 -37.83 19.44
N PRO B 274 -26.45 -39.06 19.32
CA PRO B 274 -27.11 -39.70 20.47
C PRO B 274 -26.13 -39.89 21.63
N GLY B 275 -26.63 -39.73 22.85
CA GLY B 275 -25.73 -39.67 23.98
C GLY B 275 -25.43 -38.25 24.37
N PHE B 276 -24.81 -37.50 23.46
CA PHE B 276 -24.65 -36.06 23.70
C PHE B 276 -26.00 -35.38 23.84
N ASP B 277 -26.97 -35.80 23.03
CA ASP B 277 -28.25 -35.11 23.01
C ASP B 277 -28.88 -35.09 24.40
N ASP B 278 -28.86 -36.22 25.10
CA ASP B 278 -29.43 -36.30 26.44
C ASP B 278 -28.68 -35.41 27.43
N GLU B 279 -27.35 -35.37 27.33
CA GLU B 279 -26.57 -34.55 28.22
C GLU B 279 -26.83 -33.06 27.96
N LEU B 280 -26.86 -32.67 26.68
CA LEU B 280 -27.15 -31.28 26.30
C LEU B 280 -28.52 -30.77 26.79
N ASN B 281 -29.49 -31.66 26.72
CA ASN B 281 -30.83 -31.39 27.21
C ASN B 281 -30.79 -30.96 28.67
N LYS B 282 -30.03 -31.69 29.48
CA LYS B 282 -29.90 -31.39 30.89
C LYS B 282 -29.17 -30.08 31.16
N LEU B 283 -28.08 -29.86 30.44
CA LEU B 283 -27.23 -28.69 30.61
C LEU B 283 -27.96 -27.40 30.23
N PHE B 284 -28.73 -27.45 29.14
CA PHE B 284 -29.38 -26.28 28.60
C PHE B 284 -30.85 -26.52 28.30
N PRO B 285 -31.69 -26.50 29.35
CA PRO B 285 -33.13 -26.62 29.09
C PRO B 285 -33.64 -25.54 28.15
N GLN B 286 -33.02 -24.37 28.19
CA GLN B 286 -33.25 -23.35 27.18
C GLN B 286 -32.15 -23.57 26.14
N LYS B 287 -32.50 -24.31 25.10
CA LYS B 287 -31.50 -24.84 24.20
C LYS B 287 -30.62 -23.76 23.57
N ALA B 288 -31.19 -22.59 23.28
CA ALA B 288 -30.48 -21.51 22.60
C ALA B 288 -29.71 -20.60 23.57
N THR B 289 -29.24 -21.14 24.70
CA THR B 289 -28.40 -20.34 25.58
C THR B 289 -26.97 -20.86 25.66
N VAL B 290 -26.58 -21.78 24.77
CA VAL B 290 -25.28 -22.44 24.90
C VAL B 290 -24.16 -21.41 24.93
N PHE B 291 -24.04 -20.64 23.86
CA PHE B 291 -22.96 -19.66 23.80
C PHE B 291 -23.12 -18.53 24.81
N HIS B 292 -24.36 -18.13 25.09
CA HIS B 292 -24.59 -17.09 26.08
C HIS B 292 -24.00 -17.47 27.44
N HIS B 293 -24.16 -18.74 27.87
CA HIS B 293 -23.61 -19.17 29.16
C HIS B 293 -22.12 -19.54 29.06
N LEU B 294 -21.74 -20.44 28.16
CA LEU B 294 -20.32 -20.82 28.08
C LEU B 294 -19.44 -19.62 27.69
N GLY B 295 -19.94 -18.75 26.81
CA GLY B 295 -19.17 -17.57 26.44
C GLY B 295 -18.96 -16.59 27.57
N ARG B 296 -20.01 -16.32 28.38
CA ARG B 296 -19.81 -15.41 29.49
C ARG B 296 -18.97 -16.05 30.58
N TYR B 297 -19.03 -17.40 30.68
CA TYR B 297 -18.21 -18.10 31.64
C TYR B 297 -16.74 -18.12 31.21
N LEU B 298 -16.49 -18.25 29.91
CA LEU B 298 -15.11 -18.42 29.46
C LEU B 298 -14.31 -17.14 29.28
N PHE B 299 -14.94 -16.13 28.69
CA PHE B 299 -14.21 -14.99 28.15
C PHE B 299 -14.36 -13.69 28.94
N HIS B 300 -13.25 -13.26 29.50
CA HIS B 300 -13.19 -12.06 30.35
C HIS B 300 -12.00 -11.24 29.85
N PRO B 301 -12.21 -10.01 29.41
CA PRO B 301 -11.08 -9.23 28.86
C PRO B 301 -10.07 -8.86 29.93
N THR B 302 -8.80 -8.91 29.53
CA THR B 302 -7.72 -8.40 30.35
C THR B 302 -7.93 -6.92 30.68
N ASN B 303 -7.16 -6.44 31.66
CA ASN B 303 -7.33 -5.06 32.13
C ASN B 303 -6.99 -4.07 31.02
N GLN B 304 -6.00 -4.36 30.23
CA GLN B 304 -5.71 -3.60 29.06
C GLN B 304 -6.95 -3.48 28.14
N VAL B 305 -7.53 -4.62 27.78
CA VAL B 305 -8.71 -4.58 26.90
C VAL B 305 -9.88 -3.92 27.62
N TRP B 306 -10.06 -4.23 28.91
CA TRP B 306 -11.18 -3.67 29.68
C TRP B 306 -11.09 -2.14 29.76
N GLY B 307 -9.87 -1.59 29.78
CA GLY B 307 -9.74 -0.16 29.75
C GLY B 307 -10.37 0.46 28.51
N LEU B 308 -10.18 -0.17 27.35
CA LEU B 308 -10.80 0.35 26.14
C LEU B 308 -12.33 0.34 26.25
N VAL B 309 -12.87 -0.68 26.91
CA VAL B 309 -14.32 -0.76 27.07
C VAL B 309 -14.81 0.34 27.99
N THR B 310 -14.28 0.40 29.22
CA THR B 310 -14.79 1.37 30.18
C THR B 310 -14.57 2.80 29.69
N ARG B 311 -13.37 3.12 29.19
CA ARG B 311 -13.13 4.50 28.76
C ARG B 311 -14.07 4.91 27.61
N TYR B 312 -14.35 4.01 26.67
CA TYR B 312 -15.27 4.38 25.60
C TYR B 312 -16.69 4.52 26.13
N TYR B 313 -17.12 3.56 26.96
CA TYR B 313 -18.45 3.61 27.54
C TYR B 313 -18.67 4.93 28.28
N GLU B 314 -17.77 5.24 29.23
CA GLU B 314 -17.99 6.40 30.08
C GLU B 314 -17.89 7.71 29.29
N ALA B 315 -17.01 7.78 28.29
CA ALA B 315 -16.90 9.04 27.57
C ALA B 315 -18.08 9.27 26.61
N TYR B 316 -18.66 8.22 26.01
CA TYR B 316 -19.55 8.44 24.87
C TYR B 316 -20.94 7.84 25.01
N LEU B 317 -21.11 6.80 25.84
CA LEU B 317 -22.38 6.07 25.88
C LEU B 317 -23.15 6.11 27.20
N SER B 318 -22.51 6.55 28.27
CA SER B 318 -23.08 6.29 29.59
C SER B 318 -24.29 7.15 29.89
N HIS B 319 -24.43 8.30 29.25
CA HIS B 319 -25.54 9.19 29.56
C HIS B 319 -26.80 8.93 28.75
N ALA B 320 -26.83 7.84 27.99
CA ALA B 320 -27.94 7.61 27.07
C ALA B 320 -29.08 6.87 27.76
N ASP B 321 -30.32 7.25 27.43
CA ASP B 321 -31.48 6.47 27.86
C ASP B 321 -31.54 5.11 27.18
N GLU B 322 -31.09 5.02 25.94
CA GLU B 322 -31.18 3.77 25.18
C GLU B 322 -29.99 3.70 24.23
N LYS B 323 -29.47 2.50 24.03
CA LYS B 323 -28.32 2.29 23.15
C LYS B 323 -28.65 1.30 22.05
N ILE B 324 -28.28 1.65 20.82
CA ILE B 324 -28.51 0.81 19.65
C ILE B 324 -27.16 0.48 19.04
N GLY B 325 -26.81 -0.79 19.02
CA GLY B 325 -25.58 -1.24 18.34
C GLY B 325 -25.85 -1.55 16.89
N ILE B 326 -24.97 -1.09 16.01
CA ILE B 326 -25.05 -1.44 14.60
C ILE B 326 -23.70 -2.02 14.19
N GLN B 327 -23.65 -3.35 14.08
CA GLN B 327 -22.44 -4.08 13.75
C GLN B 327 -22.37 -4.22 12.23
N VAL B 328 -21.50 -3.45 11.59
CA VAL B 328 -21.49 -3.34 10.15
C VAL B 328 -20.27 -4.08 9.63
N ARG B 329 -20.52 -5.07 8.76
CA ARG B 329 -19.47 -5.90 8.20
C ARG B 329 -19.83 -6.10 6.73
N VAL B 330 -18.90 -5.73 5.85
CA VAL B 330 -19.13 -5.80 4.41
C VAL B 330 -18.08 -6.74 3.85
N PHE B 331 -18.50 -7.92 3.40
CA PHE B 331 -17.56 -8.91 2.87
C PHE B 331 -17.27 -8.58 1.42
N ASP B 332 -16.31 -7.69 1.20
CA ASP B 332 -15.95 -7.21 -0.12
C ASP B 332 -14.47 -6.81 -0.08
N GLU B 333 -13.77 -7.01 -1.18
CA GLU B 333 -12.39 -6.60 -1.24
C GLU B 333 -12.27 -5.09 -1.39
N ASP B 334 -13.19 -4.47 -2.11
CA ASP B 334 -13.26 -3.01 -2.11
C ASP B 334 -13.65 -2.53 -0.73
N PRO B 335 -12.95 -1.54 -0.17
CA PRO B 335 -13.27 -1.10 1.20
C PRO B 335 -14.53 -0.25 1.29
N GLY B 336 -14.99 0.34 0.20
CA GLY B 336 -16.20 1.15 0.25
C GLY B 336 -15.88 2.53 0.79
N PRO B 337 -16.85 3.16 1.47
CA PRO B 337 -18.19 2.62 1.80
C PRO B 337 -19.12 2.52 0.58
N PHE B 338 -20.23 1.79 0.69
CA PHE B 338 -21.14 1.59 -0.42
C PHE B 338 -22.50 2.19 -0.10
N GLN B 339 -23.08 2.88 -1.07
CA GLN B 339 -24.37 3.53 -0.90
C GLN B 339 -25.48 2.52 -0.60
N HIS B 340 -25.38 1.33 -1.18
CA HIS B 340 -26.40 0.32 -0.98
C HIS B 340 -26.40 -0.20 0.46
N VAL B 341 -25.23 -0.24 1.12
CA VAL B 341 -25.19 -0.63 2.53
C VAL B 341 -25.74 0.50 3.40
N MET B 342 -25.35 1.75 3.11
N MET B 342 -25.41 1.70 3.04
CA MET B 342 -25.94 2.90 3.80
CA MET B 342 -25.95 2.81 3.77
C MET B 342 -27.46 2.84 3.70
C MET B 342 -27.45 2.89 3.66
N ASP B 343 -27.99 2.53 2.52
CA ASP B 343 -29.43 2.46 2.32
C ASP B 343 -30.04 1.27 3.08
N GLN B 344 -29.38 0.12 3.08
CA GLN B 344 -29.86 -1.00 3.88
C GLN B 344 -30.01 -0.64 5.36
N ILE B 345 -29.00 0.04 5.90
CA ILE B 345 -28.99 0.37 7.32
C ILE B 345 -30.12 1.32 7.74
N SER B 346 -30.29 2.43 7.03
CA SER B 346 -31.33 3.40 7.35
C SER B 346 -32.70 2.75 7.16
N SER B 347 -32.81 1.96 6.10
CA SER B 347 -34.01 1.21 5.84
C SER B 347 -34.40 0.26 7.01
N CYS B 348 -33.42 -0.49 7.48
CA CYS B 348 -33.60 -1.46 8.56
C CYS B 348 -33.98 -0.78 9.86
N THR B 349 -33.16 0.17 10.32
CA THR B 349 -33.41 0.77 11.63
C THR B 349 -34.70 1.54 11.64
N GLN B 350 -35.11 2.09 10.52
CA GLN B 350 -36.32 2.89 10.53
C GLN B 350 -37.57 2.03 10.44
N LYS B 351 -37.60 1.08 9.49
CA LYS B 351 -38.77 0.21 9.38
C LYS B 351 -38.97 -0.65 10.62
N GLU B 352 -37.92 -0.90 11.40
CA GLU B 352 -38.07 -1.69 12.61
C GLU B 352 -38.25 -0.82 13.84
N LYS B 353 -38.32 0.51 13.67
CA LYS B 353 -38.51 1.46 14.78
C LYS B 353 -37.34 1.43 15.75
N LEU B 354 -36.15 1.05 15.26
CA LEU B 354 -34.93 1.17 16.06
C LEU B 354 -34.43 2.60 16.09
N LEU B 355 -34.53 3.31 14.97
CA LEU B 355 -34.16 4.71 14.88
C LEU B 355 -35.30 5.52 14.26
N PRO B 356 -35.43 6.78 14.66
CA PRO B 356 -36.51 7.60 14.14
C PRO B 356 -36.21 8.17 12.76
N GLU B 357 -37.28 8.45 12.02
CA GLU B 357 -37.13 9.23 10.80
C GLU B 357 -36.74 10.66 11.14
N VAL B 358 -36.14 11.32 10.17
CA VAL B 358 -35.98 12.76 10.18
C VAL B 358 -36.95 13.32 9.17
N ASP B 359 -37.25 14.61 9.28
CA ASP B 359 -38.15 15.21 8.30
C ASP B 359 -37.71 16.63 8.01
N THR B 360 -38.37 17.23 7.04
CA THR B 360 -37.97 18.51 6.49
C THR B 360 -39.07 19.56 6.65
N LEU B 361 -40.02 19.32 7.54
CA LEU B 361 -41.09 20.30 7.78
C LEU B 361 -40.58 21.48 8.59
N VAL B 362 -41.01 22.67 8.19
CA VAL B 362 -40.63 23.88 8.91
C VAL B 362 -41.43 23.98 10.21
N GLU B 363 -42.73 23.68 10.16
CA GLU B 363 -43.57 23.65 11.36
C GLU B 363 -43.28 22.39 12.16
N ARG B 364 -42.84 22.57 13.39
CA ARG B 364 -42.55 21.45 14.27
C ARG B 364 -43.65 21.26 15.30
N SER B 365 -43.84 20.04 15.75
CA SER B 365 -44.82 19.74 16.80
C SER B 365 -44.16 19.90 18.15
N ARG B 366 -44.73 19.27 19.18
CA ARG B 366 -44.20 19.40 20.54
C ARG B 366 -44.06 18.09 21.23
N THR B 370 -39.68 15.54 28.23
CA THR B 370 -38.29 15.72 27.82
C THR B 370 -37.82 14.54 26.96
N PRO B 371 -37.04 14.83 25.92
CA PRO B 371 -36.71 13.80 24.93
C PRO B 371 -35.79 12.74 25.49
N LYS B 372 -36.01 11.51 25.05
CA LYS B 372 -35.04 10.45 25.29
C LYS B 372 -33.78 10.67 24.45
N HIS B 373 -32.64 10.35 25.04
N HIS B 373 -32.64 10.30 25.01
CA HIS B 373 -31.36 10.30 24.34
CA HIS B 373 -31.35 10.35 24.31
C HIS B 373 -31.11 8.87 23.91
C HIS B 373 -30.96 8.92 23.92
N LYS B 374 -30.86 8.66 22.62
CA LYS B 374 -30.43 7.37 22.10
C LYS B 374 -29.02 7.49 21.58
N ALA B 375 -28.14 6.63 22.06
CA ALA B 375 -26.79 6.54 21.51
C ALA B 375 -26.79 5.40 20.49
N VAL B 376 -26.23 5.67 19.31
CA VAL B 376 -26.05 4.67 18.26
C VAL B 376 -24.56 4.32 18.23
N LEU B 377 -24.25 3.06 18.51
CA LEU B 377 -22.87 2.59 18.52
C LEU B 377 -22.69 1.80 17.24
N VAL B 378 -21.83 2.30 16.35
CA VAL B 378 -21.55 1.71 15.04
C VAL B 378 -20.13 1.16 15.06
N THR B 379 -19.97 -0.13 14.76
CA THR B 379 -18.63 -0.69 14.54
C THR B 379 -18.51 -1.09 13.08
N SER B 380 -17.37 -0.71 12.48
CA SER B 380 -17.05 -1.11 11.13
C SER B 380 -15.57 -0.87 10.88
N LEU B 381 -15.07 -1.50 9.82
CA LEU B 381 -13.71 -1.22 9.38
C LEU B 381 -13.63 0.14 8.69
N ASN B 382 -14.71 0.59 8.07
CA ASN B 382 -14.81 1.89 7.43
C ASN B 382 -15.84 2.75 8.15
N ALA B 383 -15.53 4.04 8.34
CA ALA B 383 -16.38 4.92 9.12
C ALA B 383 -17.44 5.64 8.29
N GLY B 384 -17.52 5.38 6.98
CA GLY B 384 -18.50 6.05 6.16
C GLY B 384 -19.94 5.85 6.60
N TYR B 385 -20.27 4.66 7.06
CA TYR B 385 -21.66 4.40 7.44
C TYR B 385 -22.08 5.21 8.66
N ALA B 386 -21.22 5.25 9.66
CA ALA B 386 -21.54 6.07 10.82
C ALA B 386 -21.55 7.55 10.46
N GLU B 387 -20.65 8.03 9.62
N GLU B 387 -20.62 8.03 9.63
CA GLU B 387 -20.65 9.44 9.21
CA GLU B 387 -20.63 9.42 9.23
C GLU B 387 -21.94 9.80 8.48
C GLU B 387 -21.91 9.79 8.49
N ASN B 388 -22.38 8.90 7.63
CA ASN B 388 -23.65 9.16 6.98
C ASN B 388 -24.78 9.32 7.97
N LEU B 389 -24.91 8.40 8.91
CA LEU B 389 -25.93 8.53 9.95
C LEU B 389 -25.76 9.81 10.76
N LYS B 390 -24.53 10.09 11.17
CA LYS B 390 -24.23 11.26 11.98
C LYS B 390 -24.76 12.53 11.32
N SER B 391 -24.34 12.75 10.08
CA SER B 391 -24.76 13.92 9.32
C SER B 391 -26.27 14.04 9.27
N MET B 392 -26.95 12.95 8.98
CA MET B 392 -28.39 13.00 8.79
C MET B 392 -29.08 13.48 10.06
N TYR B 393 -28.66 12.93 11.20
CA TYR B 393 -29.26 13.33 12.48
C TYR B 393 -28.77 14.71 12.95
N TRP B 394 -27.59 15.15 12.48
CA TRP B 394 -27.20 16.54 12.69
C TRP B 394 -28.02 17.47 11.79
N GLU B 395 -28.14 17.14 10.51
CA GLU B 395 -28.74 18.10 9.57
C GLU B 395 -30.25 18.24 9.71
N TYR B 396 -30.95 17.26 10.27
CA TYR B 396 -32.41 17.35 10.26
C TYR B 396 -32.98 17.00 11.62
N PRO B 397 -34.07 17.64 12.01
CA PRO B 397 -34.76 17.26 13.24
C PRO B 397 -35.37 15.87 13.13
N THR B 398 -35.42 15.16 14.25
CA THR B 398 -36.11 13.88 14.23
C THR B 398 -37.62 14.08 14.25
N SER B 399 -38.33 13.13 13.64
CA SER B 399 -39.79 13.23 13.58
C SER B 399 -40.43 13.00 14.94
N THR B 400 -39.78 12.24 15.83
CA THR B 400 -40.28 11.95 17.16
C THR B 400 -39.78 12.93 18.24
N GLY B 401 -38.81 13.77 17.93
CA GLY B 401 -38.21 14.62 18.94
C GLY B 401 -37.02 14.03 19.68
N GLU B 402 -36.75 12.74 19.50
CA GLU B 402 -35.64 12.10 20.20
C GLU B 402 -34.30 12.73 19.84
N ILE B 403 -33.35 12.62 20.77
CA ILE B 403 -31.98 13.10 20.56
C ILE B 403 -31.12 11.89 20.16
N ILE B 404 -30.40 12.04 19.06
CA ILE B 404 -29.62 10.94 18.53
C ILE B 404 -28.16 11.34 18.39
N GLY B 405 -27.29 10.59 19.06
CA GLY B 405 -25.84 10.71 18.87
C GLY B 405 -25.28 9.42 18.28
N VAL B 406 -24.40 9.57 17.28
CA VAL B 406 -23.83 8.42 16.57
C VAL B 406 -22.35 8.34 16.92
N HIS B 407 -21.88 7.15 17.29
CA HIS B 407 -20.50 6.99 17.75
C HIS B 407 -19.85 5.77 17.10
N GLN B 408 -18.64 5.91 16.58
CA GLN B 408 -17.89 4.75 16.10
C GLN B 408 -16.49 4.75 16.71
N PRO B 409 -16.10 3.65 17.38
CA PRO B 409 -14.81 3.64 18.10
C PRO B 409 -13.58 3.78 17.22
N SER B 410 -13.54 3.10 16.07
CA SER B 410 -12.31 2.99 15.28
C SER B 410 -12.65 2.85 13.80
N GLN B 411 -11.62 2.99 12.96
CA GLN B 411 -11.70 2.71 11.52
C GLN B 411 -10.36 2.07 11.13
N GLU B 412 -10.24 0.79 11.42
CA GLU B 412 -8.98 0.08 11.22
C GLU B 412 -8.72 -0.31 9.76
N GLY B 413 -9.65 -0.08 8.85
CA GLY B 413 -9.40 -0.43 7.45
C GLY B 413 -9.38 -1.90 7.04
N TYR B 414 -8.61 -2.70 7.73
CA TYR B 414 -8.63 -4.13 7.52
C TYR B 414 -8.24 -4.85 8.81
N GLN B 415 -8.28 -6.17 8.79
CA GLN B 415 -7.89 -7.00 9.90
C GLN B 415 -6.35 -7.07 9.99
N GLN B 416 -5.81 -6.86 11.19
CA GLN B 416 -4.39 -6.93 11.44
C GLN B 416 -4.15 -7.75 12.73
N LYS B 420 -1.16 -6.05 18.04
CA LYS B 420 -1.95 -6.57 19.17
C LYS B 420 -2.98 -5.54 19.63
N MET B 421 -2.65 -4.26 19.40
CA MET B 421 -3.62 -3.21 19.64
C MET B 421 -4.88 -3.36 18.78
N HIS B 422 -4.70 -3.92 17.58
CA HIS B 422 -5.82 -4.21 16.72
C HIS B 422 -6.73 -5.32 17.28
N ASN B 423 -6.16 -6.41 17.76
CA ASN B 423 -7.00 -7.43 18.33
C ASN B 423 -7.67 -6.96 19.60
N GLY B 424 -6.95 -6.16 20.40
CA GLY B 424 -7.51 -5.60 21.60
C GLY B 424 -8.72 -4.72 21.33
N LYS B 425 -8.60 -3.86 20.32
CA LYS B 425 -9.69 -2.97 19.92
C LYS B 425 -10.90 -3.75 19.42
N ALA B 426 -10.65 -4.80 18.63
CA ALA B 426 -11.75 -5.62 18.11
C ALA B 426 -12.51 -6.33 19.23
N LEU B 427 -11.78 -6.85 20.22
CA LEU B 427 -12.45 -7.49 21.35
C LEU B 427 -13.27 -6.47 22.11
N ALA B 428 -12.68 -5.29 22.37
CA ALA B 428 -13.39 -4.26 23.11
C ALA B 428 -14.65 -3.81 22.37
N GLU B 429 -14.58 -3.76 21.04
CA GLU B 429 -15.75 -3.36 20.26
C GLU B 429 -16.85 -4.43 20.28
N MET B 430 -16.49 -5.71 20.21
CA MET B 430 -17.48 -6.76 20.42
C MET B 430 -18.11 -6.64 21.80
N TYR B 431 -17.28 -6.38 22.80
CA TYR B 431 -17.81 -6.19 24.14
C TYR B 431 -18.75 -4.98 24.20
N LEU B 432 -18.37 -3.88 23.53
CA LEU B 432 -19.21 -2.69 23.59
C LEU B 432 -20.58 -2.94 22.96
N LEU B 433 -20.59 -3.52 21.75
CA LEU B 433 -21.83 -3.98 21.12
C LEU B 433 -22.69 -4.80 22.08
N SER B 434 -22.07 -5.69 22.86
CA SER B 434 -22.83 -6.53 23.77
C SER B 434 -23.46 -5.74 24.91
N LEU B 435 -23.08 -4.49 25.08
CA LEU B 435 -23.69 -3.66 26.11
C LEU B 435 -24.90 -2.86 25.61
N THR B 436 -25.30 -3.00 24.34
CA THR B 436 -26.42 -2.19 23.88
C THR B 436 -27.75 -2.88 24.20
N ASP B 437 -28.82 -2.12 24.06
CA ASP B 437 -30.17 -2.59 24.35
C ASP B 437 -30.79 -3.33 23.18
N ASN B 438 -30.50 -2.88 21.97
CA ASN B 438 -30.98 -3.49 20.73
C ASN B 438 -29.83 -3.50 19.74
N LEU B 439 -29.65 -4.61 19.03
CA LEU B 439 -28.47 -4.84 18.22
C LEU B 439 -28.83 -5.23 16.81
N VAL B 440 -28.21 -4.53 15.85
CA VAL B 440 -28.21 -4.88 14.44
C VAL B 440 -26.86 -5.49 14.07
N THR B 441 -26.88 -6.63 13.38
CA THR B 441 -25.67 -7.33 12.98
C THR B 441 -25.66 -7.57 11.47
N SER B 442 -24.51 -8.01 10.97
CA SER B 442 -24.31 -8.23 9.54
C SER B 442 -24.26 -9.73 9.27
N ALA B 443 -24.97 -10.14 8.23
CA ALA B 443 -25.05 -11.54 7.83
C ALA B 443 -23.65 -12.13 7.70
N TRP B 444 -23.46 -13.37 8.16
CA TRP B 444 -22.23 -14.16 8.11
C TRP B 444 -21.17 -13.71 9.11
N SER B 445 -21.36 -12.63 9.85
CA SER B 445 -20.27 -12.03 10.63
C SER B 445 -20.17 -12.69 12.00
N THR B 446 -19.05 -13.38 12.25
CA THR B 446 -18.90 -13.96 13.59
C THR B 446 -18.56 -12.88 14.62
N PHE B 447 -18.01 -11.75 14.14
CA PHE B 447 -17.84 -10.55 14.96
C PHE B 447 -19.16 -10.25 15.65
N GLY B 448 -20.23 -10.28 14.86
CA GLY B 448 -21.53 -9.98 15.41
C GLY B 448 -22.13 -11.11 16.23
N TYR B 449 -21.81 -12.37 15.89
CA TYR B 449 -22.31 -13.47 16.72
C TYR B 449 -21.76 -13.36 18.14
N VAL B 450 -20.49 -13.03 18.27
CA VAL B 450 -19.91 -12.90 19.60
C VAL B 450 -20.62 -11.82 20.39
N ALA B 451 -20.77 -10.64 19.78
CA ALA B 451 -21.44 -9.52 20.46
C ALA B 451 -22.81 -9.91 20.94
N GLN B 452 -23.61 -10.53 20.06
CA GLN B 452 -24.99 -10.83 20.41
C GLN B 452 -25.04 -11.94 21.47
N GLY B 453 -24.14 -12.92 21.37
CA GLY B 453 -24.11 -13.99 22.36
C GLY B 453 -23.75 -13.50 23.74
N LEU B 454 -22.67 -12.73 23.84
CA LEU B 454 -22.28 -12.17 25.13
C LEU B 454 -23.37 -11.26 25.67
N GLY B 455 -24.02 -10.47 24.80
CA GLY B 455 -25.06 -9.64 25.33
C GLY B 455 -26.38 -10.32 25.61
N GLY B 456 -26.54 -11.61 25.33
CA GLY B 456 -27.88 -12.19 25.42
C GLY B 456 -28.89 -11.52 24.51
N LEU B 457 -28.45 -11.07 23.33
CA LEU B 457 -29.22 -10.18 22.46
C LEU B 457 -29.65 -10.91 21.19
N LYS B 458 -30.94 -10.81 20.87
CA LYS B 458 -31.47 -11.37 19.64
C LYS B 458 -31.51 -10.26 18.59
N PRO B 459 -30.56 -10.23 17.68
CA PRO B 459 -30.42 -9.09 16.78
C PRO B 459 -31.42 -9.06 15.62
N TRP B 460 -31.40 -7.93 14.92
CA TRP B 460 -31.89 -7.82 13.57
C TRP B 460 -30.65 -8.00 12.68
N ILE B 461 -30.79 -8.83 11.66
CA ILE B 461 -29.70 -9.21 10.78
C ILE B 461 -29.85 -8.45 9.46
N LEU B 462 -28.80 -7.72 9.07
CA LEU B 462 -28.68 -7.17 7.72
C LEU B 462 -28.27 -8.30 6.79
N TYR B 463 -29.17 -8.68 5.88
CA TYR B 463 -28.90 -9.77 4.96
C TYR B 463 -27.72 -9.48 4.04
N ARG B 464 -27.13 -10.55 3.51
CA ARG B 464 -25.95 -10.41 2.66
C ARG B 464 -26.34 -9.96 1.25
N PRO B 465 -25.95 -8.77 0.82
CA PRO B 465 -26.30 -8.32 -0.54
C PRO B 465 -25.50 -9.00 -1.62
N GLU B 466 -26.16 -9.22 -2.74
CA GLU B 466 -25.55 -9.68 -3.96
C GLU B 466 -25.51 -8.53 -4.97
N ASN B 467 -24.56 -8.61 -5.91
CA ASN B 467 -24.41 -7.64 -7.00
C ASN B 467 -24.64 -6.20 -6.52
N ARG B 468 -24.11 -5.88 -5.34
CA ARG B 468 -24.14 -4.51 -4.78
C ARG B 468 -25.53 -3.89 -4.83
N THR B 469 -26.55 -4.71 -4.60
CA THR B 469 -27.95 -4.29 -4.57
C THR B 469 -28.47 -4.36 -3.14
N THR B 470 -29.10 -3.28 -2.69
CA THR B 470 -29.66 -3.27 -1.35
C THR B 470 -30.72 -4.37 -1.21
N PRO B 471 -30.55 -5.33 -0.30
CA PRO B 471 -31.53 -6.41 -0.19
C PRO B 471 -32.90 -5.89 0.25
N ASP B 472 -33.93 -6.59 -0.18
CA ASP B 472 -35.30 -6.22 0.18
C ASP B 472 -36.09 -7.49 0.43
N PRO B 473 -36.57 -7.68 1.66
CA PRO B 473 -36.39 -6.77 2.82
C PRO B 473 -34.92 -6.56 3.26
N SER B 474 -34.66 -5.45 3.95
CA SER B 474 -33.29 -5.07 4.29
C SER B 474 -32.73 -5.84 5.49
N CYS B 475 -33.60 -6.27 6.40
CA CYS B 475 -33.16 -7.03 7.55
C CYS B 475 -34.35 -7.80 8.08
N GLY B 476 -34.07 -8.84 8.85
CA GLY B 476 -35.09 -9.54 9.60
C GLY B 476 -34.59 -9.85 11.00
N ARG B 477 -35.54 -10.02 11.91
CA ARG B 477 -35.17 -10.44 13.25
C ARG B 477 -34.61 -11.86 13.23
N ALA B 478 -33.56 -12.08 14.02
CA ALA B 478 -33.02 -13.43 14.22
C ALA B 478 -34.01 -14.31 14.97
N MET B 479 -33.92 -15.62 14.70
CA MET B 479 -34.67 -16.60 15.47
C MET B 479 -34.20 -16.68 16.91
N SER B 480 -32.91 -16.43 17.16
CA SER B 480 -32.33 -16.58 18.50
C SER B 480 -30.98 -15.88 18.53
N MET B 481 -30.44 -15.74 19.74
CA MET B 481 -29.14 -15.10 19.95
C MET B 481 -27.97 -16.01 19.61
N GLU B 482 -28.21 -17.27 19.26
CA GLU B 482 -27.12 -18.21 19.03
C GLU B 482 -26.29 -17.84 17.81
N PRO B 483 -25.00 -18.13 17.83
CA PRO B 483 -24.20 -18.07 16.59
C PRO B 483 -24.67 -19.12 15.60
N CYS B 484 -24.14 -19.01 14.37
CA CYS B 484 -24.44 -19.95 13.29
C CYS B 484 -23.24 -20.84 12.94
N PHE B 485 -23.51 -22.12 12.69
CA PHE B 485 -22.51 -23.10 12.22
C PHE B 485 -22.46 -23.01 10.69
N HIS B 486 -21.41 -22.39 10.15
CA HIS B 486 -21.41 -22.10 8.71
C HIS B 486 -21.20 -23.33 7.82
N SER B 487 -20.44 -24.34 8.26
CA SER B 487 -20.13 -25.48 7.41
C SER B 487 -20.50 -26.81 8.08
N PRO B 488 -21.75 -27.04 8.40
CA PRO B 488 -22.15 -28.29 9.06
C PRO B 488 -22.11 -29.52 8.14
N PRO B 489 -22.01 -30.70 8.71
CA PRO B 489 -22.17 -31.93 7.92
C PRO B 489 -23.61 -32.12 7.52
N PHE B 490 -23.84 -32.86 6.42
CA PHE B 490 -25.18 -33.15 5.90
C PHE B 490 -25.32 -34.67 5.69
N TYR B 491 -25.16 -35.40 6.79
CA TYR B 491 -24.89 -36.83 6.72
C TYR B 491 -25.73 -37.57 7.73
N ASP B 492 -26.37 -38.66 7.29
CA ASP B 492 -27.08 -39.56 8.18
C ASP B 492 -26.13 -40.71 8.55
N CYS B 493 -25.71 -40.74 9.81
CA CYS B 493 -24.74 -41.75 10.21
C CYS B 493 -25.35 -43.15 10.11
N LYS B 494 -26.62 -43.31 10.51
CA LYS B 494 -27.24 -44.64 10.55
C LYS B 494 -27.42 -45.22 9.14
N ALA B 495 -28.17 -44.52 8.29
CA ALA B 495 -28.42 -44.99 6.93
C ALA B 495 -27.20 -44.83 6.03
N LYS B 496 -26.14 -44.19 6.50
CA LYS B 496 -24.93 -43.96 5.72
C LYS B 496 -25.23 -43.27 4.39
N THR B 497 -25.98 -42.18 4.45
CA THR B 497 -26.34 -41.42 3.26
C THR B 497 -26.62 -39.96 3.63
N GLY B 498 -26.75 -39.11 2.59
CA GLY B 498 -26.89 -37.69 2.83
C GLY B 498 -28.28 -37.33 3.33
N ILE B 499 -28.36 -36.26 4.13
CA ILE B 499 -29.63 -35.78 4.65
C ILE B 499 -29.51 -34.30 5.00
N ASP B 500 -30.64 -33.58 4.94
CA ASP B 500 -30.67 -32.18 5.37
C ASP B 500 -30.74 -32.16 6.89
N THR B 501 -29.60 -31.93 7.55
CA THR B 501 -29.54 -31.95 9.01
C THR B 501 -30.28 -30.77 9.64
N GLY B 502 -30.73 -29.82 8.85
CA GLY B 502 -31.54 -28.74 9.39
C GLY B 502 -33.04 -28.98 9.37
N THR B 503 -33.46 -30.23 9.17
CA THR B 503 -34.88 -30.59 9.14
C THR B 503 -35.15 -31.85 9.93
N LEU B 504 -34.35 -32.13 10.96
CA LEU B 504 -34.48 -33.34 11.75
C LEU B 504 -35.21 -33.11 13.07
N VAL B 505 -34.93 -32.00 13.74
CA VAL B 505 -35.54 -31.66 15.03
C VAL B 505 -35.85 -30.19 15.06
N PRO B 506 -36.88 -29.80 15.83
CA PRO B 506 -37.34 -28.40 15.78
C PRO B 506 -36.34 -27.40 16.31
N HIS B 507 -35.38 -27.81 17.14
CA HIS B 507 -34.47 -26.83 17.74
C HIS B 507 -33.16 -26.63 16.98
N VAL B 508 -32.92 -27.37 15.89
CA VAL B 508 -31.75 -27.16 15.04
C VAL B 508 -32.25 -26.75 13.66
N ARG B 509 -32.18 -25.46 13.33
CA ARG B 509 -32.76 -24.99 12.08
C ARG B 509 -31.70 -24.30 11.23
N HIS B 510 -32.01 -24.15 9.95
CA HIS B 510 -31.10 -23.41 9.08
C HIS B 510 -31.02 -21.95 9.49
N CYS B 511 -29.83 -21.38 9.38
CA CYS B 511 -29.59 -20.01 9.81
C CYS B 511 -30.34 -19.02 8.92
N GLU B 512 -30.61 -17.83 9.48
CA GLU B 512 -31.31 -16.78 8.76
C GLU B 512 -30.43 -16.11 7.71
N ASP B 513 -29.11 -16.03 7.95
CA ASP B 513 -28.22 -15.22 7.12
C ASP B 513 -27.45 -16.05 6.12
N ILE B 514 -27.39 -17.36 6.33
CA ILE B 514 -26.65 -18.28 5.45
C ILE B 514 -27.47 -19.56 5.36
N SER B 515 -27.97 -19.88 4.18
CA SER B 515 -29.06 -20.83 4.07
C SER B 515 -28.64 -22.25 4.44
N TRP B 516 -27.39 -22.64 4.23
CA TRP B 516 -26.97 -23.99 4.57
C TRP B 516 -26.40 -24.10 6.00
N GLY B 517 -26.24 -23.00 6.72
CA GLY B 517 -25.79 -23.08 8.10
C GLY B 517 -26.84 -23.66 9.03
N LEU B 518 -26.40 -24.01 10.24
CA LEU B 518 -27.27 -24.49 11.30
C LEU B 518 -27.12 -23.61 12.53
N LYS B 519 -28.22 -23.45 13.27
CA LYS B 519 -28.15 -22.84 14.60
C LYS B 519 -29.25 -23.39 15.51
N LEU B 520 -29.00 -23.27 16.81
CA LEU B 520 -29.99 -23.62 17.83
C LEU B 520 -31.03 -22.50 17.97
N VAL B 521 -32.27 -22.92 18.17
CA VAL B 521 -33.40 -22.03 18.35
C VAL B 521 -34.18 -22.53 19.57
N SER C 57 12.98 23.28 -4.83
CA SER C 57 12.17 22.16 -4.35
C SER C 57 12.78 20.84 -4.78
N ASP C 58 12.36 19.75 -4.13
CA ASP C 58 12.72 18.42 -4.63
C ASP C 58 12.01 18.13 -5.95
N LYS C 59 10.67 18.14 -5.94
CA LYS C 59 9.93 17.82 -7.16
C LYS C 59 10.25 18.79 -8.30
N LEU C 60 10.57 20.05 -7.97
CA LEU C 60 10.78 21.11 -8.94
C LEU C 60 12.24 21.29 -9.34
N LEU C 61 13.11 20.37 -8.91
CA LEU C 61 14.54 20.39 -9.25
C LEU C 61 15.15 21.78 -9.03
N GLY C 62 14.90 22.33 -7.86
CA GLY C 62 15.56 23.56 -7.49
C GLY C 62 15.00 24.77 -8.16
N GLY C 63 13.76 24.70 -8.67
CA GLY C 63 13.14 25.78 -9.39
C GLY C 63 13.26 25.68 -10.89
N LEU C 64 14.00 24.69 -11.40
CA LEU C 64 14.06 24.49 -12.84
C LEU C 64 12.66 24.30 -13.42
N LEU C 65 11.83 23.51 -12.75
CA LEU C 65 10.48 23.21 -13.21
C LEU C 65 9.47 24.19 -12.62
N ALA C 66 8.41 24.45 -13.36
CA ALA C 66 7.30 25.24 -12.83
C ALA C 66 6.32 24.33 -12.12
N SER C 67 5.71 24.82 -11.03
CA SER C 67 4.60 24.10 -10.42
C SER C 67 3.29 24.40 -11.17
N GLY C 68 2.29 23.57 -10.92
CA GLY C 68 0.97 23.81 -11.50
C GLY C 68 0.56 22.92 -12.66
N PHE C 69 1.41 22.00 -13.09
CA PHE C 69 0.99 21.06 -14.12
C PHE C 69 -0.07 20.10 -13.53
N ASP C 70 -1.03 19.71 -14.36
CA ASP C 70 -1.86 18.55 -14.05
C ASP C 70 -0.98 17.33 -13.85
N GLU C 71 -1.22 16.59 -12.78
CA GLU C 71 -0.35 15.47 -12.44
C GLU C 71 -0.73 14.17 -13.15
N ASP C 72 -2.02 13.81 -13.17
CA ASP C 72 -2.44 12.58 -13.81
C ASP C 72 -2.00 12.51 -15.26
N SER C 73 -2.04 13.63 -15.96
CA SER C 73 -1.70 13.55 -17.37
C SER C 73 -0.21 13.33 -17.60
N CYS C 74 0.66 13.57 -16.60
CA CYS C 74 2.10 13.29 -16.77
C CYS C 74 2.69 12.92 -15.40
N LEU C 75 2.55 11.64 -15.03
CA LEU C 75 2.96 11.21 -13.69
C LEU C 75 4.46 11.42 -13.45
N SER C 76 5.27 11.22 -14.46
CA SER C 76 6.71 11.29 -14.27
C SER C 76 7.21 12.65 -13.81
N ARG C 77 6.52 13.71 -14.25
CA ARG C 77 7.01 15.07 -14.08
C ARG C 77 7.56 15.30 -12.68
N TYR C 78 6.68 15.17 -11.70
CA TYR C 78 7.03 15.38 -10.30
C TYR C 78 7.30 14.06 -9.56
N GLN C 79 6.70 12.97 -10.02
CA GLN C 79 6.79 11.67 -9.35
C GLN C 79 8.19 11.05 -9.37
N SER C 80 9.03 11.49 -10.30
CA SER C 80 10.34 10.89 -10.52
C SER C 80 11.36 11.22 -9.43
N VAL C 81 11.10 12.24 -8.62
CA VAL C 81 11.91 12.51 -7.43
C VAL C 81 12.06 11.26 -6.56
N HIS C 82 11.11 10.34 -6.63
CA HIS C 82 11.16 9.13 -5.82
C HIS C 82 12.14 8.10 -6.38
N TYR C 83 12.76 8.36 -7.53
CA TYR C 83 13.52 7.33 -8.21
C TYR C 83 14.98 7.67 -8.48
N ARG C 84 15.34 8.95 -8.41
CA ARG C 84 16.74 9.30 -8.61
C ARG C 84 17.30 10.02 -7.39
N LYS C 85 18.62 10.08 -7.30
CA LYS C 85 19.26 10.91 -6.30
C LYS C 85 19.17 12.36 -6.77
N PRO C 86 19.10 13.30 -5.82
CA PRO C 86 19.06 14.72 -6.20
C PRO C 86 20.37 15.12 -6.86
N SER C 87 20.24 15.89 -7.94
CA SER C 87 21.45 16.31 -8.63
C SER C 87 22.20 17.36 -7.82
N PRO C 88 23.52 17.27 -7.76
CA PRO C 88 24.31 18.33 -7.11
C PRO C 88 24.53 19.57 -7.97
N TYR C 89 23.92 19.64 -9.14
CA TYR C 89 24.13 20.75 -10.04
C TYR C 89 22.89 21.63 -9.95
N LYS C 90 23.04 22.78 -9.29
CA LYS C 90 21.92 23.70 -9.10
C LYS C 90 21.77 24.61 -10.31
N PRO C 91 20.57 24.78 -10.83
CA PRO C 91 20.38 25.74 -11.92
C PRO C 91 20.49 27.18 -11.41
N SER C 92 21.25 28.01 -12.14
CA SER C 92 21.38 29.42 -11.75
C SER C 92 20.00 30.09 -11.72
N SER C 93 19.89 31.10 -10.86
N SER C 93 19.96 31.09 -10.84
CA SER C 93 18.66 31.88 -10.86
CA SER C 93 18.82 32.00 -10.78
C SER C 93 18.49 32.66 -12.16
C SER C 93 18.54 32.61 -12.15
N TYR C 94 19.59 33.09 -12.81
CA TYR C 94 19.46 33.68 -14.14
C TYR C 94 18.80 32.71 -15.12
N LEU C 95 19.17 31.43 -15.07
CA LEU C 95 18.52 30.46 -15.95
C LEU C 95 17.04 30.28 -15.60
N ILE C 96 16.73 30.18 -14.30
CA ILE C 96 15.33 30.03 -13.89
C ILE C 96 14.48 31.19 -14.39
N SER C 97 14.97 32.44 -14.20
CA SER C 97 14.24 33.60 -14.69
C SER C 97 14.06 33.51 -16.20
N LYS C 98 15.08 33.07 -16.92
CA LYS C 98 14.97 32.95 -18.36
C LYS C 98 13.91 31.94 -18.78
N LEU C 99 13.78 30.83 -18.05
CA LEU C 99 12.77 29.83 -18.42
C LEU C 99 11.36 30.31 -18.05
N ARG C 100 11.20 30.95 -16.88
CA ARG C 100 9.89 31.48 -16.53
C ARG C 100 9.46 32.55 -17.53
N ASN C 101 10.42 33.30 -18.07
CA ASN C 101 10.10 34.30 -19.09
C ASN C 101 9.88 33.62 -20.45
N TYR C 102 10.60 32.52 -20.73
CA TYR C 102 10.31 31.80 -21.96
C TYR C 102 8.85 31.38 -21.94
N GLU C 103 8.34 30.93 -20.79
CA GLU C 103 6.98 30.41 -20.74
C GLU C 103 5.93 31.50 -20.99
N LYS C 104 6.17 32.71 -20.50
CA LYS C 104 5.27 33.82 -20.82
C LYS C 104 5.26 34.11 -22.32
N LEU C 105 6.43 34.01 -22.97
CA LEU C 105 6.48 34.29 -24.40
C LEU C 105 5.74 33.20 -25.16
N HIS C 106 6.02 31.93 -24.83
CA HIS C 106 5.33 30.81 -25.47
C HIS C 106 3.80 30.92 -25.27
N LYS C 107 3.35 31.45 -24.13
CA LYS C 107 1.92 31.58 -23.90
C LYS C 107 1.29 32.68 -24.76
N ARG C 108 2.01 33.79 -24.98
CA ARG C 108 1.47 34.84 -25.85
C ARG C 108 1.50 34.47 -27.33
N CYS C 109 2.51 33.70 -27.77
CA CYS C 109 2.76 33.48 -29.20
C CYS C 109 2.56 32.04 -29.65
N GLY C 110 2.17 31.14 -28.75
CA GLY C 110 2.14 29.72 -29.01
C GLY C 110 1.10 29.23 -30.02
N PRO C 111 1.17 27.99 -30.36
CA PRO C 111 0.24 27.42 -31.34
C PRO C 111 -1.20 27.61 -30.90
N GLY C 112 -2.01 28.04 -31.83
CA GLY C 112 -3.42 28.28 -31.58
C GLY C 112 -3.77 29.65 -31.09
N THR C 113 -2.78 30.46 -30.73
CA THR C 113 -3.10 31.81 -30.28
C THR C 113 -3.46 32.67 -31.47
N GLU C 114 -4.10 33.81 -31.19
CA GLU C 114 -4.40 34.75 -32.24
C GLU C 114 -3.08 35.33 -32.81
N SER C 115 -2.06 35.50 -31.95
CA SER C 115 -0.77 35.99 -32.43
C SER C 115 -0.12 35.00 -33.42
N TYR C 116 -0.18 33.71 -33.11
CA TYR C 116 0.36 32.70 -34.02
C TYR C 116 -0.40 32.69 -35.35
N LYS C 117 -1.72 32.85 -35.28
CA LYS C 117 -2.52 32.88 -36.48
C LYS C 117 -2.19 34.09 -37.33
N LYS C 118 -2.02 35.23 -36.71
CA LYS C 118 -1.51 36.41 -37.43
C LYS C 118 -0.15 36.14 -38.05
N ALA C 119 0.78 35.59 -37.26
CA ALA C 119 2.13 35.35 -37.77
C ALA C 119 2.14 34.45 -39.00
N LEU C 120 1.19 33.51 -39.11
CA LEU C 120 1.18 32.61 -40.25
C LEU C 120 0.99 33.36 -41.56
N LYS C 121 0.30 34.49 -41.53
CA LYS C 121 0.08 35.22 -42.77
C LYS C 121 1.40 35.66 -43.39
N GLN C 122 2.43 35.85 -42.56
CA GLN C 122 3.74 36.20 -43.10
C GLN C 122 4.21 35.15 -44.11
N LEU C 123 3.80 33.89 -43.93
CA LEU C 123 4.27 32.81 -44.78
C LEU C 123 3.50 32.72 -46.10
N ASP C 124 2.44 33.52 -46.28
CA ASP C 124 1.77 33.55 -47.58
C ASP C 124 2.58 34.31 -48.62
N GLN C 125 3.58 35.06 -48.19
CA GLN C 125 4.42 35.85 -49.08
C GLN C 125 5.89 35.50 -48.82
N GLU C 126 6.78 36.18 -49.52
CA GLU C 126 8.20 35.89 -49.40
C GLU C 126 8.96 36.93 -48.58
N HIS C 127 8.39 38.12 -48.43
CA HIS C 127 8.95 39.15 -47.59
C HIS C 127 7.87 39.72 -46.71
N ILE C 128 8.27 40.46 -45.68
CA ILE C 128 7.35 41.03 -44.74
C ILE C 128 7.33 42.53 -44.89
N ASP C 129 6.29 43.16 -44.38
CA ASP C 129 6.23 44.61 -44.44
C ASP C 129 6.61 45.27 -43.12
N GLY C 130 5.79 45.06 -42.11
CA GLY C 130 6.15 45.52 -40.79
C GLY C 130 6.63 44.36 -39.95
N ASP C 131 7.36 44.68 -38.90
CA ASP C 131 7.74 43.68 -37.95
C ASP C 131 6.46 43.13 -37.29
N GLY C 132 6.38 41.82 -37.16
CA GLY C 132 5.31 41.20 -36.44
C GLY C 132 5.54 41.27 -34.95
N GLU C 133 4.71 40.53 -34.22
CA GLU C 133 4.78 40.51 -32.77
C GLU C 133 5.53 39.29 -32.24
N CYS C 134 5.80 38.29 -33.07
CA CYS C 134 6.31 37.01 -32.61
C CYS C 134 7.34 36.49 -33.62
N LYS C 135 8.38 35.81 -33.11
CA LYS C 135 9.36 35.10 -33.92
C LYS C 135 9.45 33.64 -33.48
N TYR C 136 9.81 32.78 -34.43
CA TYR C 136 9.78 31.34 -34.19
C TYR C 136 10.97 30.61 -34.73
N VAL C 137 11.21 29.44 -34.18
CA VAL C 137 12.10 28.48 -34.78
C VAL C 137 11.39 27.14 -34.70
N VAL C 138 11.30 26.46 -35.85
CA VAL C 138 10.63 25.17 -35.96
C VAL C 138 11.67 24.07 -36.05
N TRP C 139 11.58 23.10 -35.15
CA TRP C 139 12.42 21.92 -35.18
C TRP C 139 11.73 20.80 -35.92
N ILE C 140 12.46 20.21 -36.85
CA ILE C 140 11.95 19.12 -37.70
C ILE C 140 12.34 17.79 -37.07
N SER C 141 11.36 16.90 -36.91
CA SER C 141 11.62 15.57 -36.38
C SER C 141 12.40 14.74 -37.39
N PHE C 142 13.62 14.32 -37.03
CA PHE C 142 14.55 13.79 -38.01
C PHE C 142 15.56 12.91 -37.29
N SER C 143 15.73 11.66 -37.78
CA SER C 143 16.80 10.78 -37.32
C SER C 143 16.41 9.98 -36.06
N GLY C 144 17.37 9.24 -35.49
CA GLY C 144 17.07 8.39 -34.35
C GLY C 144 16.81 9.20 -33.09
N LEU C 145 16.36 8.51 -32.04
CA LEU C 145 15.78 9.19 -30.87
C LEU C 145 16.84 9.93 -30.08
N GLY C 146 18.01 9.33 -29.93
CA GLY C 146 19.11 10.02 -29.26
C GLY C 146 19.47 11.31 -29.98
N ASN C 147 19.63 11.24 -31.30
CA ASN C 147 19.85 12.47 -32.08
C ASN C 147 18.72 13.47 -31.85
N ARG C 148 17.46 13.01 -31.92
CA ARG C 148 16.35 13.95 -31.82
C ARG C 148 16.34 14.66 -30.48
N ILE C 149 16.62 13.93 -29.40
CA ILE C 149 16.65 14.53 -28.07
C ILE C 149 17.76 15.59 -27.99
N LEU C 150 18.98 15.22 -28.37
CA LEU C 150 20.07 16.19 -28.31
C LEU C 150 19.83 17.40 -29.23
N SER C 151 19.38 17.16 -30.46
CA SER C 151 19.24 18.29 -31.38
C SER C 151 18.09 19.22 -30.96
N LEU C 152 17.02 18.67 -30.39
CA LEU C 152 15.93 19.52 -29.91
C LEU C 152 16.38 20.38 -28.73
N ALA C 153 17.11 19.79 -27.76
CA ALA C 153 17.69 20.61 -26.69
C ALA C 153 18.54 21.73 -27.30
N SER C 154 19.32 21.42 -28.34
CA SER C 154 20.16 22.44 -28.99
C SER C 154 19.31 23.57 -29.58
N VAL C 155 18.23 23.23 -30.28
CA VAL C 155 17.37 24.26 -30.83
C VAL C 155 16.67 25.05 -29.74
N PHE C 156 16.31 24.42 -28.63
CA PHE C 156 15.69 25.19 -27.53
C PHE C 156 16.64 26.26 -27.01
N LEU C 157 17.88 25.87 -26.73
CA LEU C 157 18.85 26.86 -26.26
C LEU C 157 18.96 27.98 -27.28
N TYR C 158 18.97 27.63 -28.56
CA TYR C 158 19.02 28.65 -29.63
C TYR C 158 17.80 29.57 -29.54
N ALA C 159 16.61 28.99 -29.39
CA ALA C 159 15.41 29.82 -29.19
C ALA C 159 15.56 30.75 -27.98
N LEU C 160 16.10 30.24 -26.87
CA LEU C 160 16.33 31.10 -25.71
C LEU C 160 17.27 32.24 -26.06
N LEU C 161 18.30 31.96 -26.82
CA LEU C 161 19.28 32.98 -27.12
C LEU C 161 18.78 34.06 -28.06
N THR C 162 17.70 33.81 -28.78
CA THR C 162 17.25 34.71 -29.85
C THR C 162 15.84 35.22 -29.63
N ASP C 163 15.27 35.00 -28.44
CA ASP C 163 13.89 35.38 -28.13
C ASP C 163 12.89 34.85 -29.17
N ARG C 164 13.02 33.59 -29.54
CA ARG C 164 12.06 32.95 -30.42
C ARG C 164 11.23 31.94 -29.64
N VAL C 165 10.05 31.65 -30.19
CA VAL C 165 9.20 30.56 -29.71
C VAL C 165 9.62 29.28 -30.41
N LEU C 166 9.80 28.23 -29.62
CA LEU C 166 10.13 26.92 -30.17
C LEU C 166 8.84 26.18 -30.53
N LEU C 167 8.81 25.61 -31.74
CA LEU C 167 7.72 24.73 -32.17
C LEU C 167 8.29 23.39 -32.61
N VAL C 168 7.66 22.32 -32.17
CA VAL C 168 8.18 20.97 -32.35
C VAL C 168 7.38 20.17 -33.39
N ASP C 169 7.99 19.82 -34.51
CA ASP C 169 7.40 18.84 -35.43
C ASP C 169 7.26 17.51 -34.68
N ARG C 170 6.02 17.06 -34.43
CA ARG C 170 5.83 15.84 -33.65
C ARG C 170 6.26 14.60 -34.40
N GLY C 171 6.36 14.68 -35.72
CA GLY C 171 6.73 13.51 -36.49
C GLY C 171 5.82 12.35 -36.17
N LYS C 172 6.44 11.18 -35.94
CA LYS C 172 5.65 9.98 -35.78
C LYS C 172 5.27 9.72 -34.33
N ASP C 173 6.05 10.24 -33.38
CA ASP C 173 5.89 9.81 -32.00
C ASP C 173 6.22 10.80 -30.88
N MET C 174 6.64 12.02 -31.18
CA MET C 174 7.17 12.87 -30.10
C MET C 174 6.15 13.01 -28.97
N ASP C 175 4.87 13.19 -29.31
CA ASP C 175 3.83 13.27 -28.31
C ASP C 175 3.45 11.91 -27.73
N ASP C 176 3.86 10.82 -28.35
CA ASP C 176 3.71 9.53 -27.66
C ASP C 176 4.78 9.32 -26.58
N LEU C 177 5.89 10.06 -26.67
CA LEU C 177 7.05 9.80 -25.84
C LEU C 177 7.23 10.83 -24.73
N PHE C 178 6.91 12.09 -25.01
CA PHE C 178 7.15 13.16 -24.05
C PHE C 178 5.90 13.95 -23.69
N CYS C 179 5.86 14.46 -22.47
CA CYS C 179 4.76 15.32 -22.04
C CYS C 179 5.02 16.76 -22.48
N GLU C 180 4.00 17.61 -22.37
CA GLU C 180 4.16 19.03 -22.66
C GLU C 180 5.12 19.65 -21.66
N PRO C 181 6.15 20.39 -22.12
CA PRO C 181 7.10 21.00 -21.17
C PRO C 181 6.80 22.45 -20.76
N PHE C 182 5.93 23.14 -21.48
CA PHE C 182 5.74 24.58 -21.28
C PHE C 182 4.38 24.81 -20.62
N LEU C 183 4.39 25.28 -19.39
CA LEU C 183 3.16 25.32 -18.61
C LEU C 183 2.10 26.18 -19.32
N GLY C 184 0.90 25.60 -19.50
CA GLY C 184 -0.23 26.33 -20.04
C GLY C 184 -0.33 26.43 -21.56
N MET C 185 0.54 25.75 -22.34
N MET C 185 0.60 25.85 -22.29
CA MET C 185 0.64 26.03 -23.77
CA MET C 185 0.46 25.78 -23.73
C MET C 185 1.41 24.94 -24.52
C MET C 185 0.88 24.40 -24.18
N SER C 186 0.78 24.20 -25.46
CA SER C 186 1.46 23.09 -26.15
C SER C 186 2.70 23.54 -26.94
N TRP C 187 3.70 22.64 -27.05
CA TRP C 187 4.86 22.95 -27.89
C TRP C 187 4.78 22.34 -29.29
N LEU C 188 3.72 21.57 -29.55
CA LEU C 188 3.61 20.89 -30.82
C LEU C 188 3.27 21.88 -31.93
N LEU C 189 4.00 21.77 -33.04
CA LEU C 189 3.62 22.40 -34.29
C LEU C 189 2.27 21.87 -34.76
N PRO C 190 1.32 22.74 -35.12
CA PRO C 190 0.02 22.26 -35.60
C PRO C 190 0.16 21.46 -36.89
N LEU C 191 -0.70 20.45 -37.02
CA LEU C 191 -0.63 19.53 -38.17
C LEU C 191 -0.91 20.21 -39.51
N ASP C 192 -1.60 21.35 -39.54
CA ASP C 192 -1.84 22.05 -40.80
C ASP C 192 -0.86 23.21 -41.01
N PHE C 193 0.31 23.18 -40.39
CA PHE C 193 1.35 24.17 -40.70
C PHE C 193 1.64 24.05 -42.19
N PRO C 194 1.61 25.16 -42.94
CA PRO C 194 1.61 25.04 -44.41
C PRO C 194 2.84 24.36 -44.98
N MET C 195 4.00 24.56 -44.38
CA MET C 195 5.23 24.01 -44.95
C MET C 195 5.51 22.55 -44.60
N THR C 196 4.69 21.97 -43.77
CA THR C 196 4.96 20.67 -43.21
C THR C 196 5.29 19.62 -44.25
N ASP C 197 4.70 19.68 -45.42
CA ASP C 197 5.01 18.60 -46.30
C ASP C 197 6.28 18.82 -47.13
N GLN C 198 6.97 19.93 -46.88
CA GLN C 198 8.25 20.15 -47.48
C GLN C 198 9.36 19.67 -46.59
N PHE C 199 9.05 19.39 -45.33
CA PHE C 199 10.09 19.06 -44.35
C PHE C 199 11.05 17.97 -44.83
N ASP C 200 10.52 16.80 -45.16
CA ASP C 200 11.33 15.69 -45.61
C ASP C 200 12.31 16.09 -46.71
N GLY C 201 11.83 16.85 -47.68
CA GLY C 201 12.64 17.20 -48.84
C GLY C 201 13.64 18.34 -48.69
N LEU C 202 13.48 19.16 -47.66
CA LEU C 202 14.33 20.32 -47.47
C LEU C 202 15.78 19.88 -47.36
N ASN C 203 16.68 20.62 -48.01
CA ASN C 203 18.10 20.28 -47.98
C ASN C 203 18.90 21.51 -48.41
N GLN C 204 20.24 21.37 -48.43
CA GLN C 204 21.12 22.52 -48.65
C GLN C 204 21.06 23.06 -50.09
N GLU C 205 20.28 22.45 -50.96
CA GLU C 205 19.98 23.06 -52.26
C GLU C 205 18.58 23.66 -52.33
N SER C 206 17.78 23.57 -51.28
CA SER C 206 16.46 24.19 -51.34
C SER C 206 16.58 25.71 -51.50
N SER C 207 15.64 26.28 -52.26
CA SER C 207 15.75 27.69 -52.64
C SER C 207 15.67 28.64 -51.43
N ARG C 208 15.07 28.20 -50.32
CA ARG C 208 15.05 29.01 -49.11
C ARG C 208 16.09 28.59 -48.10
N CYS C 209 16.98 27.66 -48.46
CA CYS C 209 18.05 27.27 -47.55
C CYS C 209 19.06 28.43 -47.44
N TYR C 210 19.40 28.80 -46.21
CA TYR C 210 20.29 29.94 -45.98
C TYR C 210 21.66 29.75 -46.66
N GLY C 211 22.24 28.56 -46.52
CA GLY C 211 23.51 28.33 -47.17
C GLY C 211 23.41 28.48 -48.67
N TYR C 212 22.29 28.03 -49.23
CA TYR C 212 22.07 28.16 -50.67
C TYR C 212 22.03 29.63 -51.09
N MET C 213 21.34 30.46 -50.31
CA MET C 213 21.16 31.87 -50.67
C MET C 213 22.48 32.63 -50.57
N VAL C 214 23.30 32.32 -49.56
CA VAL C 214 24.58 33.02 -49.43
C VAL C 214 25.51 32.66 -50.59
N LYS C 215 25.72 31.36 -50.84
CA LYS C 215 26.68 30.95 -51.88
C LYS C 215 26.23 31.32 -53.29
N ASN C 216 24.94 31.55 -53.53
CA ASN C 216 24.51 32.10 -54.81
C ASN C 216 24.41 33.63 -54.79
N GLN C 217 24.74 34.27 -53.66
CA GLN C 217 24.69 35.72 -53.50
C GLN C 217 23.31 36.27 -53.88
N VAL C 218 22.28 35.58 -53.41
CA VAL C 218 20.89 35.94 -53.67
C VAL C 218 20.36 36.88 -52.60
N ILE C 219 21.03 36.97 -51.45
CA ILE C 219 20.64 37.87 -50.38
C ILE C 219 20.89 39.32 -50.79
N GLY C 223 14.43 43.92 -48.82
CA GLY C 223 13.35 43.62 -47.89
C GLY C 223 13.82 42.74 -46.74
N THR C 224 12.83 42.11 -46.11
CA THR C 224 13.09 41.12 -45.10
C THR C 224 12.24 39.92 -45.36
N LEU C 225 12.96 38.83 -45.53
CA LEU C 225 12.46 37.53 -45.86
C LEU C 225 11.50 37.13 -44.78
N SER C 226 10.51 36.37 -45.19
CA SER C 226 9.50 35.85 -44.27
C SER C 226 9.99 34.61 -43.54
N HIS C 227 10.75 33.77 -44.21
CA HIS C 227 11.29 32.58 -43.58
C HIS C 227 12.56 32.06 -44.20
N LEU C 228 13.28 31.22 -43.45
CA LEU C 228 14.56 30.62 -43.84
C LEU C 228 14.63 29.15 -43.40
N TYR C 229 15.36 28.35 -44.15
CA TYR C 229 15.59 26.98 -43.75
C TYR C 229 17.07 26.88 -43.39
N LEU C 230 17.37 26.27 -42.28
CA LEU C 230 18.75 26.16 -41.81
C LEU C 230 19.14 24.69 -41.83
N HIS C 231 20.02 24.33 -42.76
CA HIS C 231 20.44 22.95 -42.92
C HIS C 231 21.59 22.69 -41.96
N LEU C 232 21.33 21.90 -40.93
CA LEU C 232 22.34 21.64 -39.92
C LEU C 232 22.56 20.15 -39.71
N VAL C 233 22.16 19.35 -40.71
CA VAL C 233 22.47 17.94 -40.73
C VAL C 233 23.97 17.73 -40.92
N HIS C 234 24.46 16.54 -40.54
CA HIS C 234 25.88 16.21 -40.55
C HIS C 234 26.54 16.35 -41.93
N ASP C 235 25.76 16.38 -43.01
CA ASP C 235 26.34 16.50 -44.35
C ASP C 235 26.45 17.97 -44.81
N TYR C 236 26.25 18.92 -43.91
CA TYR C 236 26.17 20.29 -44.38
C TYR C 236 27.55 20.81 -44.87
N GLY C 237 27.51 21.92 -45.60
CA GLY C 237 28.70 22.47 -46.24
C GLY C 237 29.18 23.76 -45.61
N ASP C 238 30.26 24.30 -46.19
CA ASP C 238 30.88 25.51 -45.64
C ASP C 238 29.90 26.66 -45.54
N HIS C 239 28.97 26.79 -46.48
CA HIS C 239 28.05 27.92 -46.39
C HIS C 239 26.98 27.67 -45.34
N ASP C 240 26.49 26.42 -45.20
CA ASP C 240 25.58 26.10 -44.10
C ASP C 240 26.22 26.40 -42.73
N LYS C 241 27.53 26.15 -42.59
CA LYS C 241 28.16 26.36 -41.29
C LYS C 241 28.26 27.83 -40.90
N MET C 242 28.02 28.72 -41.85
CA MET C 242 28.01 30.12 -41.53
C MET C 242 26.88 30.50 -40.56
N PHE C 243 25.96 29.57 -40.31
CA PHE C 243 25.01 29.71 -39.20
C PHE C 243 25.77 30.01 -37.92
N PHE C 244 26.99 29.46 -37.78
CA PHE C 244 27.78 29.62 -36.56
C PHE C 244 28.66 30.88 -36.57
N CYS C 245 28.34 31.89 -37.39
CA CYS C 245 29.05 33.15 -37.42
C CYS C 245 28.17 34.29 -36.90
N GLU C 246 28.82 35.25 -36.23
CA GLU C 246 28.12 36.40 -35.65
C GLU C 246 27.41 37.25 -36.71
N GLY C 247 28.11 37.59 -37.80
CA GLY C 247 27.47 38.39 -38.84
C GLY C 247 26.21 37.75 -39.38
N ASP C 248 26.27 36.45 -39.66
CA ASP C 248 25.10 35.77 -40.18
C ASP C 248 23.97 35.67 -39.18
N GLN C 249 24.30 35.54 -37.90
CA GLN C 249 23.26 35.54 -36.87
C GLN C 249 22.53 36.88 -36.84
N THR C 250 23.25 37.99 -37.04
CA THR C 250 22.59 39.30 -37.09
C THR C 250 21.61 39.38 -38.25
N PHE C 251 21.97 38.84 -39.41
CA PHE C 251 21.04 38.79 -40.54
C PHE C 251 19.87 37.86 -40.24
N ILE C 252 20.15 36.68 -39.66
CA ILE C 252 19.14 35.66 -39.40
C ILE C 252 18.16 36.13 -38.33
N GLY C 253 18.65 36.91 -37.35
CA GLY C 253 17.82 37.47 -36.31
C GLY C 253 16.61 38.26 -36.76
N LYS C 254 16.62 38.79 -37.97
CA LYS C 254 15.48 39.58 -38.44
C LYS C 254 14.35 38.75 -39.04
N VAL C 255 14.57 37.47 -39.30
CA VAL C 255 13.61 36.67 -40.06
C VAL C 255 12.61 36.06 -39.09
N PRO C 256 11.31 36.29 -39.26
CA PRO C 256 10.35 35.77 -38.26
C PRO C 256 10.28 34.27 -38.19
N TRP C 257 10.38 33.58 -39.32
CA TRP C 257 10.26 32.13 -39.26
C TRP C 257 11.57 31.43 -39.64
N LEU C 258 12.14 30.65 -38.71
CA LEU C 258 13.25 29.77 -39.04
C LEU C 258 12.81 28.31 -38.93
N ILE C 259 13.23 27.51 -39.90
CA ILE C 259 13.04 26.06 -39.92
C ILE C 259 14.41 25.42 -39.85
N VAL C 260 14.60 24.56 -38.85
CA VAL C 260 15.87 23.88 -38.65
C VAL C 260 15.71 22.37 -38.80
N LYS C 261 16.66 21.72 -39.49
CA LYS C 261 16.79 20.27 -39.50
C LYS C 261 18.21 19.93 -39.09
N THR C 262 18.37 19.10 -38.04
CA THR C 262 19.71 18.67 -37.64
C THR C 262 19.63 17.33 -36.90
N ASP C 263 20.72 16.57 -36.96
CA ASP C 263 20.93 15.35 -36.19
C ASP C 263 22.11 15.50 -35.22
N ASN C 264 22.58 16.72 -34.94
CA ASN C 264 23.77 16.92 -34.14
C ASN C 264 23.43 17.73 -32.90
N TYR C 265 24.26 17.59 -31.87
CA TYR C 265 24.19 18.42 -30.68
C TYR C 265 25.14 19.59 -30.88
N PHE C 266 24.60 20.73 -31.32
CA PHE C 266 25.42 21.83 -31.80
C PHE C 266 25.71 22.92 -30.76
N VAL C 267 25.22 22.77 -29.54
CA VAL C 267 25.46 23.69 -28.43
C VAL C 267 26.90 24.20 -28.31
N PRO C 268 27.92 23.34 -28.35
CA PRO C 268 29.28 23.84 -28.08
C PRO C 268 29.72 25.01 -28.96
N SER C 269 29.40 24.95 -30.25
CA SER C 269 29.78 26.05 -31.13
C SER C 269 28.98 27.33 -30.90
N LEU C 270 27.83 27.30 -30.20
CA LEU C 270 27.18 28.58 -29.86
C LEU C 270 28.01 29.35 -28.84
N TRP C 271 28.83 28.66 -28.03
CA TRP C 271 29.68 29.37 -27.09
C TRP C 271 30.81 30.12 -27.80
N LEU C 272 31.07 29.80 -29.07
CA LEU C 272 32.13 30.48 -29.82
C LEU C 272 31.61 31.69 -30.60
N ILE C 273 30.34 32.05 -30.41
CA ILE C 273 29.73 33.19 -31.11
C ILE C 273 29.69 34.37 -30.15
N PRO C 274 30.38 35.46 -30.43
CA PRO C 274 30.28 36.63 -29.53
C PRO C 274 28.84 37.18 -29.50
N GLY C 275 28.48 37.75 -28.37
CA GLY C 275 27.07 38.07 -28.17
C GLY C 275 26.42 36.93 -27.41
N PHE C 276 26.48 35.73 -27.98
CA PHE C 276 25.93 34.57 -27.29
C PHE C 276 26.79 34.22 -26.10
N ASP C 277 28.11 34.34 -26.27
CA ASP C 277 29.05 34.00 -25.21
C ASP C 277 28.75 34.66 -23.86
N ASP C 278 28.36 35.92 -23.87
CA ASP C 278 28.07 36.62 -22.63
C ASP C 278 26.78 36.12 -21.98
N GLU C 279 25.74 35.87 -22.77
CA GLU C 279 24.50 35.35 -22.20
C GLU C 279 24.68 33.91 -21.70
N LEU C 280 25.38 33.07 -22.47
CA LEU C 280 25.56 31.68 -22.05
C LEU C 280 26.27 31.60 -20.71
N ASN C 281 27.22 32.51 -20.48
CA ASN C 281 27.93 32.50 -19.21
C ASN C 281 27.05 32.88 -18.04
N LYS C 282 26.10 33.80 -18.23
CA LYS C 282 25.15 34.09 -17.16
C LYS C 282 24.22 32.91 -16.94
N LEU C 283 23.77 32.25 -18.01
CA LEU C 283 22.86 31.12 -17.92
C LEU C 283 23.51 29.93 -17.21
N PHE C 284 24.77 29.62 -17.52
CA PHE C 284 25.40 28.39 -17.07
C PHE C 284 26.70 28.72 -16.35
N PRO C 285 26.62 29.16 -15.09
CA PRO C 285 27.85 29.40 -14.33
C PRO C 285 28.75 28.18 -14.32
N GLN C 286 28.17 26.99 -14.36
CA GLN C 286 28.92 25.76 -14.56
C GLN C 286 28.68 25.38 -16.03
N LYS C 287 29.71 25.53 -16.86
CA LYS C 287 29.47 25.54 -18.31
C LYS C 287 29.02 24.18 -18.81
N ALA C 288 29.42 23.10 -18.15
CA ALA C 288 29.05 21.76 -18.63
C ALA C 288 27.75 21.25 -17.99
N THR C 289 26.76 22.11 -17.77
CA THR C 289 25.46 21.68 -17.28
C THR C 289 24.33 22.01 -18.26
N VAL C 290 24.66 22.39 -19.49
CA VAL C 290 23.65 22.85 -20.43
C VAL C 290 22.63 21.75 -20.69
N PHE C 291 23.08 20.59 -21.15
CA PHE C 291 22.12 19.55 -21.45
C PHE C 291 21.49 18.98 -20.19
N HIS C 292 22.29 18.86 -19.11
CA HIS C 292 21.73 18.43 -17.84
C HIS C 292 20.54 19.31 -17.41
N HIS C 293 20.62 20.62 -17.60
CA HIS C 293 19.51 21.45 -17.12
C HIS C 293 18.40 21.55 -18.16
N LEU C 294 18.75 21.84 -19.42
CA LEU C 294 17.72 21.97 -20.45
C LEU C 294 17.07 20.62 -20.74
N GLY C 295 17.86 19.54 -20.68
CA GLY C 295 17.31 18.21 -20.90
C GLY C 295 16.28 17.83 -19.84
N ARG C 296 16.62 18.06 -18.55
CA ARG C 296 15.66 17.73 -17.51
C ARG C 296 14.44 18.65 -17.58
N TYR C 297 14.62 19.89 -18.05
CA TYR C 297 13.50 20.81 -18.16
C TYR C 297 12.56 20.41 -19.30
N LEU C 298 13.12 19.99 -20.42
CA LEU C 298 12.35 19.71 -21.63
C LEU C 298 11.66 18.35 -21.67
N PHE C 299 12.37 17.31 -21.21
CA PHE C 299 11.98 15.93 -21.49
C PHE C 299 11.43 15.13 -20.30
N HIS C 300 10.12 14.91 -20.34
CA HIS C 300 9.41 14.14 -19.34
C HIS C 300 8.66 13.01 -20.03
N PRO C 301 8.95 11.78 -19.66
CA PRO C 301 8.30 10.61 -20.29
C PRO C 301 6.80 10.60 -20.05
N THR C 302 6.06 10.29 -21.11
CA THR C 302 4.63 10.06 -20.94
C THR C 302 4.36 8.90 -19.98
N ASN C 303 3.14 8.89 -19.44
CA ASN C 303 2.70 7.83 -18.55
C ASN C 303 3.03 6.44 -19.05
N GLN C 304 2.83 6.20 -20.31
CA GLN C 304 3.14 4.94 -20.91
C GLN C 304 4.64 4.57 -20.82
N VAL C 305 5.51 5.51 -21.08
CA VAL C 305 6.95 5.28 -20.97
C VAL C 305 7.35 5.17 -19.52
N TRP C 306 6.76 6.00 -18.69
CA TRP C 306 7.07 6.00 -17.27
C TRP C 306 6.73 4.66 -16.62
N GLY C 307 5.65 4.01 -17.09
CA GLY C 307 5.34 2.66 -16.61
C GLY C 307 6.47 1.67 -16.82
N LEU C 308 7.14 1.75 -18.00
CA LEU C 308 8.28 0.89 -18.27
C LEU C 308 9.42 1.19 -17.32
N VAL C 309 9.63 2.46 -17.00
CA VAL C 309 10.70 2.82 -16.08
C VAL C 309 10.39 2.32 -14.67
N THR C 310 9.21 2.64 -14.15
CA THR C 310 8.94 2.35 -12.75
C THR C 310 8.86 0.84 -12.50
N ARG C 311 8.22 0.09 -13.39
CA ARG C 311 8.11 -1.35 -13.15
C ARG C 311 9.48 -2.01 -13.20
N TYR C 312 10.29 -1.66 -14.18
CA TYR C 312 11.60 -2.28 -14.25
C TYR C 312 12.43 -1.92 -13.02
N TYR C 313 12.39 -0.67 -12.61
CA TYR C 313 13.19 -0.23 -11.50
C TYR C 313 12.76 -0.92 -10.21
N GLU C 314 11.45 -0.99 -9.99
CA GLU C 314 10.94 -1.61 -8.77
C GLU C 314 11.17 -3.11 -8.75
N ALA C 315 11.04 -3.80 -9.90
CA ALA C 315 11.24 -5.24 -9.92
C ALA C 315 12.72 -5.65 -9.87
N TYR C 316 13.61 -4.86 -10.47
CA TYR C 316 14.98 -5.33 -10.67
C TYR C 316 16.11 -4.52 -10.05
N LEU C 317 15.88 -3.24 -9.79
CA LEU C 317 16.98 -2.39 -9.34
C LEU C 317 16.85 -1.77 -7.97
N SER C 318 15.68 -1.85 -7.33
CA SER C 318 15.38 -1.01 -6.16
C SER C 318 16.02 -1.48 -4.85
N HIS C 319 16.50 -2.71 -4.78
CA HIS C 319 17.08 -3.20 -3.53
C HIS C 319 18.61 -3.10 -3.49
N ALA C 320 19.23 -2.66 -4.57
CA ALA C 320 20.67 -2.62 -4.61
C ALA C 320 21.22 -1.48 -3.77
N ASP C 321 22.40 -1.70 -3.17
CA ASP C 321 23.14 -0.63 -2.53
C ASP C 321 23.77 0.31 -3.56
N GLU C 322 24.06 -0.17 -4.75
CA GLU C 322 24.70 0.65 -5.76
C GLU C 322 24.33 0.07 -7.11
N LYS C 323 24.15 0.96 -8.08
CA LYS C 323 23.81 0.59 -9.43
C LYS C 323 24.87 1.06 -10.43
N ILE C 324 25.34 0.13 -11.26
CA ILE C 324 26.32 0.40 -12.29
C ILE C 324 25.59 0.25 -13.61
N GLY C 325 25.56 1.32 -14.41
CA GLY C 325 25.01 1.22 -15.73
C GLY C 325 26.10 0.90 -16.74
N ILE C 326 25.78 0.06 -17.71
CA ILE C 326 26.72 -0.20 -18.81
C ILE C 326 25.90 -0.11 -20.09
N GLN C 327 26.17 0.93 -20.88
CA GLN C 327 25.40 1.23 -22.09
C GLN C 327 26.21 0.74 -23.28
N VAL C 328 25.77 -0.36 -23.90
CA VAL C 328 26.60 -1.03 -24.90
C VAL C 328 26.02 -0.76 -26.29
N ARG C 329 26.84 -0.17 -27.13
CA ARG C 329 26.46 0.17 -28.50
C ARG C 329 27.60 -0.27 -29.39
N VAL C 330 27.33 -1.16 -30.34
CA VAL C 330 28.33 -1.66 -31.27
C VAL C 330 27.96 -1.20 -32.68
N PHE C 331 28.74 -0.27 -33.24
CA PHE C 331 28.49 0.25 -34.59
C PHE C 331 29.12 -0.70 -35.59
N ASP C 332 28.38 -1.76 -35.92
CA ASP C 332 28.86 -2.81 -36.80
C ASP C 332 27.66 -3.39 -37.53
N GLU C 333 27.87 -3.75 -38.79
CA GLU C 333 26.81 -4.40 -39.57
C GLU C 333 26.40 -5.73 -38.94
N ASP C 334 27.38 -6.54 -38.54
CA ASP C 334 27.07 -7.81 -37.89
C ASP C 334 26.52 -7.55 -36.49
N PRO C 335 25.45 -8.24 -36.09
CA PRO C 335 24.90 -8.00 -34.75
C PRO C 335 25.71 -8.60 -33.61
N GLY C 336 26.75 -9.37 -33.90
CA GLY C 336 27.57 -9.98 -32.87
C GLY C 336 26.85 -11.09 -32.13
N PRO C 337 27.12 -11.25 -30.83
CA PRO C 337 28.01 -10.39 -30.04
C PRO C 337 29.49 -10.64 -30.32
N PHE C 338 30.38 -9.77 -29.86
CA PHE C 338 31.79 -9.82 -30.23
C PHE C 338 32.65 -10.03 -28.99
N GLN C 339 33.59 -10.97 -29.10
CA GLN C 339 34.43 -11.31 -27.97
C GLN C 339 35.24 -10.10 -27.53
N HIS C 340 35.80 -9.35 -28.50
CA HIS C 340 36.61 -8.20 -28.14
C HIS C 340 35.81 -7.15 -27.38
N VAL C 341 34.50 -7.08 -27.60
CA VAL C 341 33.71 -6.12 -26.84
C VAL C 341 33.50 -6.64 -25.41
N MET C 342 33.14 -7.92 -25.29
N MET C 342 33.27 -7.92 -25.26
CA MET C 342 33.08 -8.57 -23.98
CA MET C 342 33.11 -8.48 -23.97
C MET C 342 34.36 -8.31 -23.19
C MET C 342 34.37 -8.43 -23.15
N ASP C 343 35.51 -8.52 -23.83
CA ASP C 343 36.79 -8.31 -23.16
C ASP C 343 36.96 -6.86 -22.77
N GLN C 344 36.55 -5.93 -23.66
CA GLN C 344 36.66 -4.52 -23.34
C GLN C 344 35.85 -4.17 -22.11
N ILE C 345 34.61 -4.68 -22.03
CA ILE C 345 33.75 -4.43 -20.88
C ILE C 345 34.34 -4.99 -19.58
N SER C 346 34.92 -6.19 -19.64
CA SER C 346 35.54 -6.76 -18.46
C SER C 346 36.73 -5.93 -18.02
N SER C 347 37.61 -5.63 -18.97
CA SER C 347 38.81 -4.86 -18.69
C SER C 347 38.48 -3.48 -18.14
N CYS C 348 37.47 -2.84 -18.74
CA CYS C 348 37.07 -1.52 -18.29
C CYS C 348 36.54 -1.54 -16.87
N THR C 349 35.52 -2.37 -16.62
CA THR C 349 34.86 -2.30 -15.32
C THR C 349 35.78 -2.78 -14.20
N GLN C 350 36.69 -3.71 -14.50
CA GLN C 350 37.56 -4.21 -13.45
C GLN C 350 38.71 -3.24 -13.15
N LYS C 351 39.28 -2.58 -14.16
CA LYS C 351 40.43 -1.72 -13.89
C LYS C 351 40.00 -0.41 -13.24
N GLU C 352 38.77 0.04 -13.47
CA GLU C 352 38.25 1.26 -12.86
C GLU C 352 37.57 1.00 -11.52
N LYS C 353 37.65 -0.24 -11.01
CA LYS C 353 37.04 -0.59 -9.73
C LYS C 353 35.53 -0.39 -9.75
N LEU C 354 34.92 -0.52 -10.92
CA LEU C 354 33.47 -0.47 -11.00
C LEU C 354 32.84 -1.82 -10.65
N LEU C 355 33.46 -2.91 -11.09
CA LEU C 355 33.01 -4.26 -10.80
C LEU C 355 34.19 -5.09 -10.33
N PRO C 356 33.96 -6.06 -9.45
CA PRO C 356 35.07 -6.82 -8.89
C PRO C 356 35.50 -7.95 -9.81
N GLU C 357 36.73 -8.39 -9.61
CA GLU C 357 37.19 -9.60 -10.25
C GLU C 357 36.60 -10.78 -9.53
N VAL C 358 36.61 -11.93 -10.21
CA VAL C 358 36.18 -13.16 -9.58
C VAL C 358 37.34 -14.09 -9.35
N ASP C 359 37.13 -14.98 -8.40
CA ASP C 359 38.15 -15.93 -7.96
C ASP C 359 37.74 -17.32 -8.39
N THR C 360 38.49 -17.89 -9.33
CA THR C 360 38.19 -19.20 -9.87
C THR C 360 38.90 -20.31 -9.11
N LEU C 361 39.83 -19.93 -8.24
CA LEU C 361 40.58 -20.90 -7.46
C LEU C 361 39.88 -21.11 -6.13
N VAL C 362 38.90 -20.26 -5.85
CA VAL C 362 38.15 -20.37 -4.60
C VAL C 362 38.91 -19.75 -3.44
N THR C 370 28.55 -8.52 6.37
CA THR C 370 27.43 -7.95 5.63
C THR C 370 27.89 -7.36 4.30
N PRO C 371 27.54 -8.02 3.21
CA PRO C 371 27.98 -7.61 1.87
C PRO C 371 27.04 -6.62 1.17
N LYS C 372 27.64 -5.78 0.35
CA LYS C 372 26.91 -4.84 -0.47
C LYS C 372 26.32 -5.54 -1.70
N HIS C 373 25.13 -5.11 -2.11
CA HIS C 373 24.51 -5.58 -3.36
C HIS C 373 24.77 -4.54 -4.45
N LYS C 374 25.43 -4.95 -5.53
CA LYS C 374 25.59 -4.12 -6.71
C LYS C 374 24.70 -4.65 -7.82
N ALA C 375 23.86 -3.80 -8.40
CA ALA C 375 23.04 -4.20 -9.53
C ALA C 375 23.63 -3.59 -10.80
N VAL C 376 23.81 -4.42 -11.82
CA VAL C 376 24.42 -4.01 -13.07
C VAL C 376 23.32 -3.93 -14.12
N LEU C 377 23.04 -2.71 -14.60
CA LEU C 377 22.05 -2.49 -15.65
C LEU C 377 22.78 -2.35 -16.99
N VAL C 378 22.66 -3.36 -17.83
CA VAL C 378 23.25 -3.39 -19.16
C VAL C 378 22.15 -3.10 -20.15
N THR C 379 22.43 -2.26 -21.17
CA THR C 379 21.51 -2.04 -22.29
C THR C 379 22.24 -2.27 -23.60
N SER C 380 21.61 -3.02 -24.47
CA SER C 380 22.21 -3.24 -25.77
C SER C 380 21.15 -3.86 -26.65
N LEU C 381 21.38 -3.80 -27.96
CA LEU C 381 20.52 -4.52 -28.90
C LEU C 381 20.71 -6.02 -28.83
N ASN C 382 21.91 -6.50 -28.51
CA ASN C 382 22.15 -7.92 -28.35
C ASN C 382 22.40 -8.24 -26.87
N ALA C 383 21.86 -9.37 -26.41
CA ALA C 383 21.96 -9.69 -24.99
C ALA C 383 23.24 -10.40 -24.63
N GLY C 384 24.14 -10.67 -25.58
CA GLY C 384 25.30 -11.52 -25.29
C GLY C 384 26.25 -10.94 -24.26
N TYR C 385 26.29 -9.63 -24.13
CA TYR C 385 27.21 -9.01 -23.18
C TYR C 385 26.71 -9.13 -21.74
N ALA C 386 25.42 -8.86 -21.53
CA ALA C 386 24.82 -9.08 -20.22
C ALA C 386 24.91 -10.56 -19.82
N GLU C 387 24.62 -11.46 -20.77
N GLU C 387 24.62 -11.46 -20.77
CA GLU C 387 24.67 -12.89 -20.47
CA GLU C 387 24.66 -12.89 -20.46
C GLU C 387 26.06 -13.33 -20.05
C GLU C 387 26.06 -13.33 -20.06
N ASN C 388 27.09 -12.74 -20.67
CA ASN C 388 28.46 -13.03 -20.25
C ASN C 388 28.75 -12.58 -18.83
N LEU C 389 28.37 -11.38 -18.46
CA LEU C 389 28.56 -10.89 -17.13
C LEU C 389 27.82 -11.74 -16.11
N LYS C 390 26.55 -11.98 -16.41
CA LYS C 390 25.69 -12.80 -15.57
C LYS C 390 26.26 -14.18 -15.29
N SER C 391 26.68 -14.92 -16.31
CA SER C 391 27.28 -16.24 -16.10
C SER C 391 28.54 -16.14 -15.25
N MET C 392 29.39 -15.15 -15.53
CA MET C 392 30.65 -15.03 -14.80
C MET C 392 30.39 -14.82 -13.31
N TYR C 393 29.48 -13.92 -12.98
CA TYR C 393 29.20 -13.65 -11.58
C TYR C 393 28.33 -14.73 -10.93
N TRP C 394 27.61 -15.53 -11.72
CA TRP C 394 26.99 -16.73 -11.16
C TRP C 394 28.03 -17.82 -10.92
N GLU C 395 28.91 -18.06 -11.90
CA GLU C 395 29.79 -19.22 -11.80
C GLU C 395 30.88 -19.08 -10.74
N TYR C 396 31.32 -17.87 -10.41
CA TYR C 396 32.45 -17.72 -9.49
C TYR C 396 32.18 -16.68 -8.42
N PRO C 397 32.73 -16.91 -7.23
CA PRO C 397 32.62 -15.92 -6.15
C PRO C 397 33.45 -14.69 -6.47
N THR C 398 32.99 -13.54 -5.95
CA THR C 398 33.70 -12.29 -6.17
C THR C 398 34.94 -12.23 -5.29
N SER C 399 35.96 -11.53 -5.78
CA SER C 399 37.18 -11.32 -4.99
C SER C 399 36.93 -10.49 -3.74
N THR C 400 35.87 -9.67 -3.73
CA THR C 400 35.56 -8.76 -2.64
C THR C 400 34.48 -9.26 -1.68
N GLY C 401 33.74 -10.31 -2.04
CA GLY C 401 32.55 -10.66 -1.29
C GLY C 401 31.29 -9.92 -1.69
N GLU C 402 31.38 -8.89 -2.55
CA GLU C 402 30.19 -8.19 -3.01
C GLU C 402 29.25 -9.13 -3.77
N ILE C 403 27.96 -8.82 -3.71
CA ILE C 403 26.91 -9.56 -4.41
C ILE C 403 26.55 -8.81 -5.69
N ILE C 404 26.64 -9.49 -6.83
CA ILE C 404 26.46 -8.87 -8.14
C ILE C 404 25.29 -9.51 -8.85
N GLY C 405 24.33 -8.70 -9.28
CA GLY C 405 23.25 -9.15 -10.16
C GLY C 405 23.27 -8.34 -11.44
N VAL C 406 23.08 -9.02 -12.56
CA VAL C 406 23.15 -8.42 -13.88
C VAL C 406 21.75 -8.42 -14.49
N HIS C 407 21.30 -7.27 -14.99
CA HIS C 407 19.95 -7.10 -15.52
C HIS C 407 20.02 -6.37 -16.86
N GLN C 408 19.38 -6.91 -17.91
CA GLN C 408 19.25 -6.20 -19.19
C GLN C 408 17.78 -6.19 -19.61
N PRO C 409 17.21 -5.02 -19.84
CA PRO C 409 15.76 -4.94 -20.05
C PRO C 409 15.26 -5.56 -21.37
N SER C 410 15.99 -5.42 -22.49
CA SER C 410 15.47 -5.87 -23.78
C SER C 410 16.61 -6.25 -24.73
N GLN C 411 16.24 -6.99 -25.77
CA GLN C 411 17.16 -7.39 -26.81
C GLN C 411 16.45 -7.12 -28.13
N GLU C 412 16.44 -5.88 -28.52
CA GLU C 412 15.65 -5.44 -29.62
C GLU C 412 16.24 -5.87 -30.96
N GLY C 413 17.51 -6.18 -30.94
CA GLY C 413 18.21 -6.58 -32.13
C GLY C 413 18.20 -5.42 -33.10
N LYS C 420 5.47 1.06 -31.95
CA LYS C 420 5.66 2.20 -31.06
C LYS C 420 6.36 1.82 -29.76
N MET C 421 6.17 0.57 -29.35
CA MET C 421 6.78 0.08 -28.13
C MET C 421 8.29 0.09 -28.26
N HIS C 422 8.83 0.10 -29.47
CA HIS C 422 10.28 0.11 -29.64
C HIS C 422 10.88 1.44 -29.16
N ASN C 423 10.36 2.58 -29.65
CA ASN C 423 10.92 3.85 -29.13
C ASN C 423 10.57 4.08 -27.67
N GLY C 424 9.39 3.60 -27.21
CA GLY C 424 9.09 3.68 -25.78
C GLY C 424 10.11 2.95 -24.94
N LYS C 425 10.53 1.77 -25.41
CA LYS C 425 11.54 1.01 -24.68
C LYS C 425 12.91 1.67 -24.76
N ALA C 426 13.23 2.28 -25.91
CA ALA C 426 14.52 2.95 -26.02
C ALA C 426 14.59 4.12 -25.05
N LEU C 427 13.48 4.87 -24.91
CA LEU C 427 13.45 6.02 -24.03
C LEU C 427 13.52 5.58 -22.55
N ALA C 428 12.75 4.54 -22.19
CA ALA C 428 12.80 4.03 -20.82
C ALA C 428 14.21 3.55 -20.47
N GLU C 429 14.90 2.93 -21.42
CA GLU C 429 16.24 2.43 -21.10
C GLU C 429 17.24 3.58 -20.90
N MET C 430 17.14 4.64 -21.72
CA MET C 430 17.96 5.81 -21.47
C MET C 430 17.66 6.37 -20.08
N TYR C 431 16.39 6.39 -19.69
CA TYR C 431 16.02 6.91 -18.38
C TYR C 431 16.52 6.00 -17.26
N LEU C 432 16.44 4.67 -17.46
CA LEU C 432 16.93 3.75 -16.44
C LEU C 432 18.45 3.90 -16.25
N LEU C 433 19.20 4.01 -17.34
CA LEU C 433 20.64 4.28 -17.22
C LEU C 433 20.90 5.58 -16.46
N SER C 434 20.06 6.60 -16.66
CA SER C 434 20.24 7.85 -15.93
C SER C 434 19.99 7.71 -14.42
N LEU C 435 19.36 6.63 -13.97
CA LEU C 435 19.15 6.39 -12.53
C LEU C 435 20.31 5.65 -11.86
N THR C 436 21.33 5.21 -12.59
CA THR C 436 22.41 4.48 -11.94
C THR C 436 23.37 5.44 -11.22
N ASP C 437 24.27 4.87 -10.42
CA ASP C 437 25.22 5.66 -9.65
C ASP C 437 26.53 5.91 -10.42
N ASN C 438 27.00 4.92 -11.16
CA ASN C 438 28.18 5.07 -12.00
C ASN C 438 27.82 4.48 -13.34
N LEU C 439 28.29 5.11 -14.42
CA LEU C 439 27.80 4.80 -15.76
C LEU C 439 28.95 4.59 -16.74
N VAL C 440 28.92 3.47 -17.45
CA VAL C 440 29.79 3.21 -18.59
C VAL C 440 29.00 3.44 -19.87
N THR C 441 29.59 4.16 -20.82
CA THR C 441 28.93 4.47 -22.08
C THR C 441 29.79 4.01 -23.24
N SER C 442 29.22 4.08 -24.45
CA SER C 442 29.90 3.63 -25.65
C SER C 442 30.27 4.82 -26.53
N ALA C 443 31.52 4.83 -27.01
CA ALA C 443 31.99 5.91 -27.87
C ALA C 443 31.02 6.15 -29.00
N TRP C 444 30.79 7.43 -29.32
CA TRP C 444 29.97 7.85 -30.45
C TRP C 444 28.45 7.74 -30.22
N SER C 445 27.99 7.20 -29.09
CA SER C 445 26.58 6.83 -28.95
C SER C 445 25.79 7.98 -28.32
N THR C 446 24.85 8.55 -29.08
CA THR C 446 24.01 9.58 -28.47
C THR C 446 23.00 8.99 -27.49
N PHE C 447 22.72 7.68 -27.60
CA PHE C 447 21.93 6.94 -26.59
C PHE C 447 22.57 7.19 -25.23
N GLY C 448 23.90 7.00 -25.18
CA GLY C 448 24.65 7.20 -23.95
C GLY C 448 24.69 8.65 -23.47
N TYR C 449 24.89 9.59 -24.41
CA TYR C 449 24.93 11.01 -24.06
C TYR C 449 23.66 11.41 -23.34
N VAL C 450 22.51 10.94 -23.84
CA VAL C 450 21.24 11.31 -23.22
C VAL C 450 21.19 10.78 -21.80
N ALA C 451 21.52 9.50 -21.61
CA ALA C 451 21.40 8.95 -20.25
C ALA C 451 22.33 9.67 -19.28
N GLN C 452 23.58 9.87 -19.70
CA GLN C 452 24.53 10.53 -18.82
C GLN C 452 24.09 11.95 -18.53
N GLY C 453 23.57 12.64 -19.55
CA GLY C 453 23.17 14.02 -19.38
C GLY C 453 22.01 14.17 -18.42
N LEU C 454 20.98 13.33 -18.59
CA LEU C 454 19.84 13.41 -17.69
C LEU C 454 20.22 13.02 -16.27
N GLY C 455 21.14 12.08 -16.10
CA GLY C 455 21.49 11.72 -14.75
C GLY C 455 22.59 12.55 -14.14
N GLY C 456 23.08 13.57 -14.84
CA GLY C 456 24.25 14.32 -14.36
C GLY C 456 25.43 13.43 -14.07
N LEU C 457 25.62 12.42 -14.92
CA LEU C 457 26.68 11.45 -14.71
C LEU C 457 27.87 11.70 -15.62
N LYS C 458 29.04 11.84 -15.02
CA LYS C 458 30.26 11.87 -15.81
C LYS C 458 30.70 10.43 -16.03
N PRO C 459 30.60 9.90 -17.24
CA PRO C 459 30.75 8.45 -17.45
C PRO C 459 32.19 8.01 -17.75
N TRP C 460 32.37 6.70 -17.78
CA TRP C 460 33.55 6.06 -18.33
C TRP C 460 33.19 5.64 -19.76
N ILE C 461 34.07 5.96 -20.71
CA ILE C 461 33.77 5.77 -22.13
C ILE C 461 34.55 4.57 -22.66
N LEU C 462 33.82 3.57 -23.16
CA LEU C 462 34.46 2.50 -23.94
C LEU C 462 34.80 3.02 -25.33
N TYR C 463 36.09 3.12 -25.62
CA TYR C 463 36.52 3.67 -26.90
C TYR C 463 36.06 2.83 -28.07
N ARG C 464 35.86 3.47 -29.20
CA ARG C 464 35.44 2.75 -30.38
C ARG C 464 36.51 1.78 -30.85
N PRO C 465 36.20 0.52 -30.92
CA PRO C 465 37.19 -0.43 -31.45
C PRO C 465 37.41 -0.26 -32.95
N GLU C 466 38.64 -0.54 -33.37
CA GLU C 466 38.99 -0.70 -34.77
C GLU C 466 39.44 -2.14 -35.00
N ASN C 467 39.14 -2.66 -36.19
CA ASN C 467 39.63 -3.98 -36.58
C ASN C 467 39.33 -5.04 -35.53
N ARG C 468 38.10 -5.02 -35.02
CA ARG C 468 37.63 -6.00 -34.04
C ARG C 468 38.71 -6.36 -33.02
N THR C 469 39.40 -5.33 -32.53
CA THR C 469 40.45 -5.45 -31.52
C THR C 469 40.06 -4.66 -30.29
N THR C 470 40.17 -5.27 -29.13
CA THR C 470 39.90 -4.58 -27.87
C THR C 470 40.85 -3.39 -27.74
N PRO C 471 40.34 -2.17 -27.55
CA PRO C 471 41.24 -1.02 -27.35
C PRO C 471 42.03 -1.13 -26.06
N ASP C 472 43.22 -0.54 -26.07
CA ASP C 472 44.04 -0.43 -24.86
C ASP C 472 44.65 0.95 -24.77
N PRO C 473 44.27 1.72 -23.75
CA PRO C 473 43.32 1.32 -22.71
C PRO C 473 41.94 0.99 -23.26
N SER C 474 41.21 0.16 -22.49
CA SER C 474 39.87 -0.20 -22.90
C SER C 474 38.87 0.95 -22.68
N CYS C 475 39.09 1.76 -21.66
CA CYS C 475 38.21 2.89 -21.40
C CYS C 475 38.91 3.99 -20.61
N GLY C 476 38.32 5.19 -20.62
CA GLY C 476 38.81 6.29 -19.80
C GLY C 476 37.65 7.15 -19.31
N ARG C 477 37.90 7.86 -18.21
CA ARG C 477 36.87 8.74 -17.68
C ARG C 477 36.60 9.88 -18.66
N ALA C 478 35.33 10.26 -18.79
CA ALA C 478 35.00 11.43 -19.61
C ALA C 478 35.47 12.73 -18.93
N MET C 479 35.66 13.77 -19.75
CA MET C 479 36.02 15.09 -19.22
C MET C 479 34.85 15.75 -18.50
N SER C 480 33.63 15.40 -18.90
CA SER C 480 32.44 16.01 -18.31
C SER C 480 31.23 15.21 -18.78
N MET C 481 30.08 15.54 -18.20
CA MET C 481 28.80 14.91 -18.49
C MET C 481 28.18 15.38 -19.80
N GLU C 482 28.76 16.39 -20.45
CA GLU C 482 28.12 16.97 -21.62
C GLU C 482 28.15 16.00 -22.80
N PRO C 483 27.14 16.06 -23.67
CA PRO C 483 27.21 15.35 -24.96
C PRO C 483 28.28 15.97 -25.87
N CYS C 484 28.50 15.29 -26.99
CA CYS C 484 29.50 15.65 -27.98
C CYS C 484 28.84 16.10 -29.29
N PHE C 485 29.36 17.18 -29.87
CA PHE C 485 28.99 17.71 -31.19
C PHE C 485 29.85 16.97 -32.22
N HIS C 486 29.25 16.07 -33.00
CA HIS C 486 30.07 15.19 -33.84
C HIS C 486 30.63 15.89 -35.08
N SER C 487 29.95 16.89 -35.63
CA SER C 487 30.30 17.46 -36.93
C SER C 487 30.38 18.98 -36.84
N PRO C 488 31.24 19.50 -35.98
CA PRO C 488 31.32 20.97 -35.80
C PRO C 488 32.01 21.65 -36.97
N PRO C 489 31.76 22.94 -37.16
CA PRO C 489 32.56 23.69 -38.14
C PRO C 489 33.98 23.92 -37.63
N PHE C 490 34.94 23.99 -38.55
CA PHE C 490 36.34 24.31 -38.23
C PHE C 490 36.72 25.58 -39.01
N TYR C 491 36.12 26.70 -38.63
CA TYR C 491 36.08 27.83 -39.54
C TYR C 491 36.24 29.12 -38.74
N ASP C 492 37.20 29.96 -39.13
CA ASP C 492 37.37 31.27 -38.52
C ASP C 492 36.52 32.28 -39.30
N CYS C 493 35.44 32.75 -38.68
CA CYS C 493 34.44 33.59 -39.35
C CYS C 493 35.03 34.92 -39.82
N LYS C 494 35.98 35.48 -39.08
CA LYS C 494 36.56 36.77 -39.45
C LYS C 494 37.54 36.64 -40.61
N ALA C 495 38.50 35.70 -40.50
CA ALA C 495 39.52 35.55 -41.54
C ALA C 495 39.04 34.71 -42.71
N LYS C 496 37.94 33.99 -42.55
CA LYS C 496 37.34 33.18 -43.60
C LYS C 496 38.25 32.01 -44.04
N THR C 497 39.03 31.47 -43.12
CA THR C 497 39.88 30.31 -43.38
C THR C 497 39.62 29.24 -42.33
N GLY C 498 40.15 28.04 -42.58
CA GLY C 498 40.02 26.98 -41.60
C GLY C 498 40.77 27.31 -40.32
N ILE C 499 40.21 26.85 -39.20
CA ILE C 499 40.89 26.91 -37.90
C ILE C 499 40.40 25.74 -37.07
N ASP C 500 41.21 25.31 -36.11
CA ASP C 500 40.82 24.23 -35.22
C ASP C 500 40.04 24.82 -34.05
N THR C 501 38.70 24.66 -34.07
CA THR C 501 37.84 25.30 -33.10
C THR C 501 37.89 24.64 -31.72
N GLY C 502 38.62 23.53 -31.60
CA GLY C 502 38.83 22.92 -30.30
C GLY C 502 40.05 23.43 -29.58
N THR C 503 40.75 24.38 -30.18
CA THR C 503 41.94 24.98 -29.59
C THR C 503 41.74 26.44 -29.19
N LEU C 504 40.49 26.89 -29.31
CA LEU C 504 40.17 28.29 -29.12
C LEU C 504 40.17 28.76 -27.67
N VAL C 505 39.23 28.24 -26.88
CA VAL C 505 39.14 28.54 -25.47
C VAL C 505 39.28 27.23 -24.75
N PRO C 506 39.51 27.28 -23.45
CA PRO C 506 39.75 26.06 -22.66
C PRO C 506 38.48 25.31 -22.27
N HIS C 507 37.27 25.90 -22.38
CA HIS C 507 36.07 25.16 -22.06
C HIS C 507 35.40 24.52 -23.28
N VAL C 508 35.97 24.64 -24.48
CA VAL C 508 35.46 23.96 -25.68
C VAL C 508 36.58 23.09 -26.23
N ARG C 509 36.42 21.77 -26.10
CA ARG C 509 37.53 20.85 -26.31
C ARG C 509 37.12 19.73 -27.25
N HIS C 510 38.12 19.12 -27.87
CA HIS C 510 37.84 17.92 -28.63
C HIS C 510 37.33 16.79 -27.73
N CYS C 511 36.36 16.05 -28.25
CA CYS C 511 35.75 14.94 -27.53
C CYS C 511 36.73 13.81 -27.27
N GLU C 512 36.37 12.98 -26.30
CA GLU C 512 37.22 11.91 -25.84
C GLU C 512 37.04 10.73 -26.77
N ASP C 513 35.86 10.57 -27.32
CA ASP C 513 35.50 9.38 -28.07
C ASP C 513 35.60 9.56 -29.58
N ILE C 514 35.48 10.80 -30.05
CA ILE C 514 35.52 11.09 -31.47
C ILE C 514 36.39 12.34 -31.65
N SER C 515 37.58 12.16 -32.22
CA SER C 515 38.65 13.15 -32.01
C SER C 515 38.33 14.51 -32.66
N TRP C 516 37.49 14.56 -33.69
CA TRP C 516 37.20 15.87 -34.28
C TRP C 516 35.95 16.53 -33.70
N GLY C 517 35.28 15.92 -32.71
CA GLY C 517 34.09 16.53 -32.14
C GLY C 517 34.41 17.58 -31.06
N LEU C 518 33.40 18.36 -30.70
CA LEU C 518 33.55 19.37 -29.66
C LEU C 518 32.60 19.08 -28.52
N LYS C 519 33.03 19.42 -27.30
CA LYS C 519 32.16 19.34 -26.14
C LYS C 519 32.58 20.37 -25.10
N LEU C 520 31.61 20.79 -24.29
CA LEU C 520 31.85 21.71 -23.19
C LEU C 520 32.47 20.99 -22.01
N VAL C 521 33.38 21.68 -21.33
CA VAL C 521 34.07 21.17 -20.16
C VAL C 521 34.21 22.27 -19.12
N SER D 57 16.93 -30.94 15.53
CA SER D 57 17.22 -29.52 15.47
C SER D 57 16.68 -28.90 14.19
N ASP D 58 16.93 -27.60 14.01
CA ASP D 58 16.62 -26.96 12.74
C ASP D 58 17.67 -27.29 11.69
N LYS D 59 18.94 -27.31 12.09
CA LYS D 59 20.00 -27.74 11.18
C LYS D 59 20.01 -29.25 10.99
N LEU D 60 19.39 -30.01 11.90
CA LEU D 60 19.37 -31.44 11.77
C LEU D 60 18.07 -31.95 11.22
N LEU D 61 17.22 -31.05 10.79
CA LEU D 61 15.98 -31.42 10.13
C LEU D 61 15.17 -32.40 10.99
N GLY D 62 15.03 -32.05 12.27
CA GLY D 62 14.26 -32.86 13.19
C GLY D 62 14.86 -34.21 13.48
N GLY D 63 16.20 -34.33 13.46
CA GLY D 63 16.86 -35.59 13.67
C GLY D 63 17.11 -36.40 12.41
N LEU D 64 16.60 -35.95 11.28
CA LEU D 64 16.92 -36.65 10.04
C LEU D 64 18.42 -36.80 9.87
N LEU D 65 19.16 -35.72 10.04
CA LEU D 65 20.60 -35.76 9.84
C LEU D 65 21.30 -35.98 11.18
N ALA D 66 22.48 -36.59 11.11
CA ALA D 66 23.37 -36.70 12.27
C ALA D 66 24.25 -35.47 12.38
N SER D 67 24.58 -35.10 13.61
CA SER D 67 25.61 -34.09 13.82
C SER D 67 26.99 -34.74 13.81
N GLY D 68 28.01 -33.90 13.59
CA GLY D 68 29.40 -34.35 13.62
C GLY D 68 30.17 -34.23 12.32
N PHE D 69 29.50 -33.95 11.19
CA PHE D 69 30.21 -33.73 9.92
C PHE D 69 31.06 -32.45 10.00
N ASP D 70 32.20 -32.46 9.30
CA ASP D 70 33.00 -31.24 9.19
C ASP D 70 32.24 -30.20 8.35
N GLU D 71 31.99 -29.03 8.92
CA GLU D 71 31.09 -28.08 8.28
C GLU D 71 31.72 -27.42 7.05
N ASP D 72 33.01 -27.08 7.11
CA ASP D 72 33.59 -26.38 5.96
C ASP D 72 33.74 -27.29 4.75
N SER D 73 33.91 -28.58 4.96
CA SER D 73 34.03 -29.44 3.79
C SER D 73 32.69 -29.68 3.09
N CYS D 74 31.56 -29.36 3.74
CA CYS D 74 30.27 -29.42 3.03
C CYS D 74 29.34 -28.36 3.61
N LEU D 75 29.48 -27.12 3.13
CA LEU D 75 28.75 -26.00 3.72
C LEU D 75 27.24 -26.22 3.68
N SER D 76 26.72 -26.83 2.60
CA SER D 76 25.27 -26.90 2.41
C SER D 76 24.61 -27.74 3.49
N ARG D 77 25.32 -28.75 4.01
CA ARG D 77 24.72 -29.75 4.89
C ARG D 77 23.91 -29.10 6.01
N TYR D 78 24.52 -28.18 6.74
CA TYR D 78 23.86 -27.55 7.86
C TYR D 78 23.42 -26.12 7.56
N GLN D 79 24.03 -25.46 6.59
CA GLN D 79 23.80 -24.05 6.29
C GLN D 79 22.60 -23.83 5.38
N SER D 80 22.05 -24.89 4.80
CA SER D 80 20.86 -24.74 3.96
C SER D 80 19.65 -24.25 4.74
N VAL D 81 19.63 -24.42 6.06
CA VAL D 81 18.49 -23.94 6.85
C VAL D 81 18.30 -22.45 6.68
N HIS D 82 19.38 -21.72 6.39
CA HIS D 82 19.30 -20.29 6.17
C HIS D 82 18.59 -19.92 4.87
N TYR D 83 18.35 -20.86 3.96
CA TYR D 83 17.79 -20.49 2.67
C TYR D 83 16.41 -21.08 2.41
N ARG D 84 15.87 -21.86 3.35
CA ARG D 84 14.67 -22.65 3.11
C ARG D 84 13.79 -22.64 4.33
N LYS D 85 12.50 -22.43 4.17
CA LYS D 85 11.56 -22.53 5.26
C LYS D 85 11.74 -23.91 5.86
N PRO D 86 11.45 -24.08 7.14
CA PRO D 86 11.47 -25.42 7.76
C PRO D 86 10.33 -26.25 7.19
N SER D 87 10.64 -27.48 6.82
CA SER D 87 9.61 -28.39 6.32
C SER D 87 8.67 -28.77 7.45
N PRO D 88 7.35 -28.81 7.19
CA PRO D 88 6.40 -29.31 8.20
C PRO D 88 6.38 -30.82 8.31
N TYR D 89 7.17 -31.52 7.51
CA TYR D 89 7.17 -32.99 7.52
C TYR D 89 8.29 -33.47 8.44
N LYS D 90 7.93 -33.90 9.64
CA LYS D 90 8.90 -34.42 10.60
C LYS D 90 9.15 -35.91 10.35
N PRO D 91 10.40 -36.36 10.25
CA PRO D 91 10.65 -37.79 10.09
C PRO D 91 10.27 -38.51 11.37
N SER D 92 9.68 -39.70 11.24
CA SER D 92 9.29 -40.44 12.44
C SER D 92 10.54 -40.96 13.17
N SER D 93 10.37 -41.20 14.47
CA SER D 93 11.51 -41.70 15.23
C SER D 93 11.89 -43.10 14.76
N TYR D 94 10.93 -43.87 14.24
CA TYR D 94 11.29 -45.18 13.71
C TYR D 94 12.22 -45.03 12.51
N LEU D 95 11.97 -44.04 11.63
CA LEU D 95 12.89 -43.80 10.51
C LEU D 95 14.23 -43.27 10.99
N ILE D 96 14.23 -42.36 11.96
CA ILE D 96 15.48 -41.85 12.52
C ILE D 96 16.33 -42.99 13.05
N SER D 97 15.71 -43.92 13.79
CA SER D 97 16.44 -45.07 14.31
C SER D 97 17.01 -45.93 13.18
N LYS D 98 16.20 -46.17 12.16
CA LYS D 98 16.66 -46.91 11.00
C LYS D 98 17.87 -46.24 10.36
N LEU D 99 17.88 -44.91 10.30
CA LEU D 99 18.97 -44.21 9.64
C LEU D 99 20.26 -44.27 10.47
N ARG D 100 20.16 -43.99 11.78
CA ARG D 100 21.32 -44.15 12.65
C ARG D 100 21.79 -45.60 12.67
N ASN D 101 20.87 -46.55 12.58
CA ASN D 101 21.30 -47.94 12.50
C ASN D 101 21.92 -48.24 11.14
N TYR D 102 21.42 -47.64 10.08
CA TYR D 102 22.11 -47.84 8.82
C TYR D 102 23.55 -47.33 8.90
N GLU D 103 23.79 -46.22 9.61
CA GLU D 103 25.14 -45.67 9.69
C GLU D 103 26.08 -46.64 10.43
N LYS D 104 25.57 -47.32 11.47
CA LYS D 104 26.38 -48.34 12.14
C LYS D 104 26.67 -49.52 11.21
N LEU D 105 25.71 -49.91 10.36
CA LEU D 105 25.98 -51.00 9.43
C LEU D 105 27.02 -50.58 8.40
N HIS D 106 26.89 -49.36 7.86
CA HIS D 106 27.85 -48.87 6.88
C HIS D 106 29.24 -48.80 7.47
N LYS D 107 29.35 -48.39 8.74
CA LYS D 107 30.64 -48.33 9.40
C LYS D 107 31.26 -49.72 9.56
N ARG D 108 30.42 -50.73 9.71
CA ARG D 108 30.91 -52.09 9.91
C ARG D 108 31.31 -52.77 8.61
N CYS D 109 30.57 -52.53 7.57
CA CYS D 109 30.74 -53.27 6.32
C CYS D 109 31.24 -52.41 5.16
N GLY D 110 31.45 -51.12 5.38
CA GLY D 110 31.70 -50.20 4.29
C GLY D 110 33.08 -50.41 3.65
N PRO D 111 33.33 -49.64 2.59
CA PRO D 111 34.59 -49.80 1.83
C PRO D 111 35.80 -49.54 2.72
N GLY D 112 36.79 -50.42 2.62
CA GLY D 112 38.00 -50.32 3.37
C GLY D 112 38.02 -51.12 4.66
N THR D 113 36.86 -51.37 5.26
CA THR D 113 36.80 -52.23 6.44
C THR D 113 37.37 -53.60 6.11
N GLU D 114 37.77 -54.33 7.16
CA GLU D 114 38.18 -55.71 6.93
C GLU D 114 37.00 -56.57 6.47
N SER D 115 35.79 -56.27 6.95
CA SER D 115 34.64 -57.05 6.51
C SER D 115 34.38 -56.86 5.01
N TYR D 116 34.55 -55.63 4.51
CA TYR D 116 34.42 -55.39 3.07
C TYR D 116 35.42 -56.24 2.30
N LYS D 117 36.69 -56.23 2.72
CA LYS D 117 37.71 -57.01 2.02
C LYS D 117 37.38 -58.49 2.05
N LYS D 118 36.82 -58.96 3.16
CA LYS D 118 36.43 -60.37 3.26
C LYS D 118 35.26 -60.68 2.33
N ALA D 119 34.26 -59.80 2.27
CA ALA D 119 33.13 -60.06 1.40
C ALA D 119 33.54 -60.07 -0.07
N LEU D 120 34.52 -59.25 -0.44
CA LEU D 120 35.01 -59.26 -1.82
C LEU D 120 35.45 -60.65 -2.27
N LYS D 121 35.96 -61.47 -1.35
CA LYS D 121 36.43 -62.79 -1.76
C LYS D 121 35.30 -63.67 -2.29
N GLN D 122 34.05 -63.41 -1.86
CA GLN D 122 32.93 -64.17 -2.40
C GLN D 122 32.74 -63.93 -3.89
N LEU D 123 33.13 -62.75 -4.39
CA LEU D 123 32.96 -62.47 -5.82
C LEU D 123 33.83 -63.37 -6.68
N ASP D 124 34.85 -63.98 -6.12
CA ASP D 124 35.81 -64.78 -6.89
C ASP D 124 35.42 -66.26 -6.90
N GLN D 125 34.13 -66.51 -7.12
CA GLN D 125 33.61 -67.87 -7.17
C GLN D 125 32.12 -67.81 -7.51
N GLU D 126 31.58 -68.91 -8.04
CA GLU D 126 30.17 -68.90 -8.43
C GLU D 126 29.25 -68.82 -7.21
N HIS D 127 29.51 -69.62 -6.23
CA HIS D 127 28.61 -69.71 -5.09
C HIS D 127 29.38 -69.57 -3.82
N ILE D 128 28.69 -69.16 -2.77
CA ILE D 128 29.31 -69.11 -1.49
C ILE D 128 29.46 -70.55 -1.06
N GLY D 132 27.99 -65.58 6.28
CA GLY D 132 27.69 -64.29 5.67
C GLY D 132 27.56 -63.15 6.67
N GLU D 133 28.58 -62.30 6.73
CA GLU D 133 28.60 -61.14 7.62
C GLU D 133 27.90 -59.92 7.02
N CYS D 134 28.12 -59.64 5.74
CA CYS D 134 27.74 -58.38 5.11
C CYS D 134 27.12 -58.63 3.74
N LYS D 135 26.17 -57.77 3.36
CA LYS D 135 25.50 -57.85 2.07
C LYS D 135 25.40 -56.44 1.48
N TYR D 136 25.35 -56.37 0.16
CA TYR D 136 25.56 -55.10 -0.54
C TYR D 136 24.57 -54.95 -1.67
N VAL D 137 24.29 -53.69 -2.03
CA VAL D 137 23.66 -53.40 -3.32
C VAL D 137 24.40 -52.23 -3.96
N VAL D 138 24.81 -52.42 -5.22
CA VAL D 138 25.59 -51.43 -5.95
C VAL D 138 24.68 -50.73 -6.93
N TRP D 139 24.63 -49.40 -6.84
CA TRP D 139 23.90 -48.61 -7.82
C TRP D 139 24.86 -48.17 -8.93
N ILE D 140 24.49 -48.44 -10.18
CA ILE D 140 25.33 -48.03 -11.31
C ILE D 140 24.93 -46.64 -11.76
N SER D 141 25.91 -45.73 -11.87
CA SER D 141 25.65 -44.40 -12.39
C SER D 141 25.18 -44.49 -13.83
N PHE D 142 24.03 -43.87 -14.11
CA PHE D 142 23.33 -44.15 -15.35
C PHE D 142 22.20 -43.14 -15.60
N SER D 143 22.18 -42.53 -16.80
CA SER D 143 21.08 -41.67 -17.27
C SER D 143 21.21 -40.22 -16.79
N GLY D 144 20.17 -39.40 -17.02
CA GLY D 144 20.22 -38.01 -16.59
C GLY D 144 20.17 -37.83 -15.06
N LEU D 145 20.52 -36.59 -14.64
CA LEU D 145 20.68 -36.29 -13.22
C LEU D 145 19.38 -36.50 -12.45
N GLY D 146 18.26 -36.05 -13.00
CA GLY D 146 16.98 -36.29 -12.34
C GLY D 146 16.71 -37.77 -12.14
N ASN D 147 16.99 -38.58 -13.16
CA ASN D 147 16.79 -40.03 -13.05
C ASN D 147 17.72 -40.62 -12.01
N ARG D 148 18.95 -40.12 -11.94
CA ARG D 148 19.93 -40.70 -11.04
C ARG D 148 19.57 -40.43 -9.59
N ILE D 149 19.16 -39.20 -9.30
CA ILE D 149 18.77 -38.87 -7.93
C ILE D 149 17.63 -39.76 -7.48
N LEU D 150 16.57 -39.88 -8.30
CA LEU D 150 15.39 -40.64 -7.87
C LEU D 150 15.70 -42.14 -7.76
N SER D 151 16.44 -42.69 -8.72
CA SER D 151 16.71 -44.13 -8.70
C SER D 151 17.63 -44.49 -7.54
N LEU D 152 18.61 -43.62 -7.23
CA LEU D 152 19.54 -43.90 -6.14
C LEU D 152 18.83 -43.83 -4.80
N ALA D 153 17.87 -42.92 -4.64
CA ALA D 153 17.07 -42.90 -3.42
C ALA D 153 16.21 -44.16 -3.31
N SER D 154 15.71 -44.66 -4.46
CA SER D 154 14.96 -45.90 -4.47
C SER D 154 15.86 -47.07 -4.06
N VAL D 155 17.07 -47.14 -4.63
CA VAL D 155 17.96 -48.23 -4.26
C VAL D 155 18.35 -48.11 -2.79
N PHE D 156 18.50 -46.88 -2.26
CA PHE D 156 18.79 -46.72 -0.83
C PHE D 156 17.66 -47.26 0.06
N LEU D 157 16.41 -46.87 -0.22
CA LEU D 157 15.29 -47.47 0.51
C LEU D 157 15.36 -49.01 0.45
N TYR D 158 15.57 -49.54 -0.76
CA TYR D 158 15.67 -50.99 -0.90
C TYR D 158 16.77 -51.55 0.01
N ALA D 159 17.90 -50.80 0.15
CA ALA D 159 18.94 -51.24 1.06
C ALA D 159 18.43 -51.27 2.50
N LEU D 160 17.68 -50.25 2.91
CA LEU D 160 17.08 -50.21 4.24
C LEU D 160 16.19 -51.43 4.48
N LEU D 161 15.37 -51.78 3.50
CA LEU D 161 14.42 -52.88 3.70
C LEU D 161 15.10 -54.26 3.71
N THR D 162 16.33 -54.37 3.21
CA THR D 162 16.94 -55.68 3.07
C THR D 162 18.21 -55.81 3.91
N ASP D 163 18.52 -54.81 4.72
CA ASP D 163 19.73 -54.86 5.54
C ASP D 163 20.99 -55.01 4.68
N ARG D 164 21.05 -54.27 3.57
CA ARG D 164 22.26 -54.23 2.77
C ARG D 164 22.96 -52.88 2.94
N VAL D 165 24.27 -52.88 2.60
CA VAL D 165 25.07 -51.69 2.45
C VAL D 165 24.93 -51.15 1.03
N LEU D 166 24.68 -49.84 0.93
CA LEU D 166 24.66 -49.12 -0.35
C LEU D 166 26.07 -48.67 -0.78
N LEU D 167 26.46 -49.04 -1.99
CA LEU D 167 27.69 -48.54 -2.60
C LEU D 167 27.33 -47.84 -3.90
N VAL D 168 27.87 -46.65 -4.10
CA VAL D 168 27.49 -45.78 -5.19
C VAL D 168 28.61 -45.73 -6.21
N ASP D 169 28.35 -46.23 -7.42
CA ASP D 169 29.26 -46.03 -8.54
C ASP D 169 29.30 -44.54 -8.88
N ARG D 170 30.45 -43.90 -8.62
CA ARG D 170 30.58 -42.45 -8.75
C ARG D 170 30.46 -41.98 -10.19
N GLY D 171 30.55 -42.89 -11.16
CA GLY D 171 30.42 -42.48 -12.57
C GLY D 171 31.43 -41.40 -12.92
N LYS D 172 31.01 -40.48 -13.76
CA LYS D 172 31.88 -39.38 -14.12
C LYS D 172 31.96 -38.32 -13.03
N ASP D 173 30.89 -38.12 -12.28
CA ASP D 173 30.81 -36.92 -11.46
C ASP D 173 29.96 -36.90 -10.18
N MET D 174 29.54 -38.03 -9.66
CA MET D 174 28.66 -38.01 -8.50
C MET D 174 29.31 -37.30 -7.31
N ASP D 175 30.60 -37.52 -7.09
CA ASP D 175 31.25 -36.83 -5.97
C ASP D 175 31.69 -35.40 -6.28
N ASP D 176 31.55 -34.96 -7.50
CA ASP D 176 31.62 -33.51 -7.77
C ASP D 176 30.32 -32.83 -7.40
N LEU D 177 29.21 -33.57 -7.42
CA LEU D 177 27.90 -32.99 -7.21
C LEU D 177 27.43 -33.08 -5.75
N PHE D 178 27.71 -34.20 -5.07
CA PHE D 178 27.15 -34.50 -3.77
C PHE D 178 28.22 -34.79 -2.71
N CYS D 179 27.94 -34.37 -1.49
CA CYS D 179 28.82 -34.68 -0.37
C CYS D 179 28.56 -36.10 0.14
N GLU D 180 29.42 -36.54 1.05
CA GLU D 180 29.25 -37.83 1.72
C GLU D 180 28.04 -37.78 2.64
N PRO D 181 27.08 -38.69 2.49
CA PRO D 181 25.91 -38.68 3.38
C PRO D 181 26.03 -39.50 4.65
N PHE D 182 26.98 -40.43 4.75
CA PHE D 182 27.03 -41.36 5.88
C PHE D 182 28.20 -40.97 6.80
N LEU D 183 27.87 -40.46 7.98
CA LEU D 183 28.87 -40.00 8.93
C LEU D 183 29.94 -41.05 9.18
N GLY D 184 31.20 -40.69 8.91
CA GLY D 184 32.33 -41.51 9.26
C GLY D 184 32.88 -42.36 8.15
N MET D 185 32.12 -42.58 7.08
CA MET D 185 32.51 -43.51 6.02
C MET D 185 32.21 -42.86 4.67
N SER D 186 32.59 -43.55 3.59
CA SER D 186 32.30 -43.12 2.23
C SER D 186 31.25 -44.04 1.61
N TRP D 187 30.35 -43.47 0.80
CA TRP D 187 29.38 -44.28 0.10
C TRP D 187 29.84 -44.66 -1.30
N LEU D 188 31.00 -44.17 -1.72
CA LEU D 188 31.51 -44.45 -3.06
C LEU D 188 32.05 -45.86 -3.15
N LEU D 189 31.62 -46.57 -4.18
CA LEU D 189 32.23 -47.83 -4.60
C LEU D 189 33.72 -47.59 -4.90
N PRO D 190 34.63 -48.30 -4.23
CA PRO D 190 36.05 -48.08 -4.51
C PRO D 190 36.35 -48.25 -5.99
N LEU D 191 37.29 -47.45 -6.49
CA LEU D 191 37.60 -47.47 -7.92
C LEU D 191 38.28 -48.76 -8.35
N ASP D 192 38.79 -49.56 -7.41
CA ASP D 192 39.33 -50.87 -7.74
C ASP D 192 38.33 -52.00 -7.44
N PHE D 193 37.03 -51.71 -7.47
CA PHE D 193 36.06 -52.78 -7.35
C PHE D 193 36.22 -53.75 -8.52
N PRO D 194 36.27 -55.06 -8.27
CA PRO D 194 36.60 -56.03 -9.34
C PRO D 194 35.71 -55.99 -10.57
N MET D 195 34.43 -55.67 -10.45
CA MET D 195 33.46 -55.81 -11.54
C MET D 195 33.20 -54.52 -12.31
N THR D 196 33.94 -53.43 -12.04
CA THR D 196 33.50 -52.13 -12.54
C THR D 196 33.48 -52.09 -14.06
N ASP D 197 34.45 -52.76 -14.68
CA ASP D 197 34.56 -52.77 -16.14
C ASP D 197 33.39 -53.43 -16.84
N GLN D 198 32.58 -54.18 -16.10
CA GLN D 198 31.44 -54.88 -16.67
C GLN D 198 30.13 -54.12 -16.55
N PHE D 199 30.13 -53.00 -15.85
CA PHE D 199 28.89 -52.26 -15.70
C PHE D 199 28.34 -51.82 -17.02
N ASP D 200 29.17 -51.25 -17.88
CA ASP D 200 28.73 -50.74 -19.17
C ASP D 200 27.99 -51.78 -20.01
N GLY D 201 28.42 -53.04 -19.88
CA GLY D 201 27.87 -54.11 -20.69
C GLY D 201 26.66 -54.84 -20.13
N LEU D 202 26.50 -54.84 -18.80
CA LEU D 202 25.41 -55.59 -18.21
C LEU D 202 24.09 -55.22 -18.86
N ASN D 203 23.26 -56.23 -19.10
CA ASN D 203 21.96 -56.03 -19.72
C ASN D 203 21.03 -57.21 -19.51
N GLN D 204 19.93 -57.25 -20.25
CA GLN D 204 18.96 -58.33 -20.16
C GLN D 204 19.51 -59.64 -20.69
N GLU D 205 20.59 -59.60 -21.45
CA GLU D 205 21.14 -60.80 -22.02
C GLU D 205 22.32 -61.30 -21.23
N SER D 206 22.75 -60.57 -20.23
CA SER D 206 23.82 -61.04 -19.36
C SER D 206 23.35 -62.23 -18.52
N SER D 207 24.20 -63.24 -18.44
CA SER D 207 23.81 -64.48 -17.78
C SER D 207 23.69 -64.36 -16.28
N ARG D 208 24.18 -63.26 -15.73
CA ARG D 208 23.95 -62.98 -14.34
C ARG D 208 22.76 -62.04 -14.12
N CYS D 209 22.09 -61.70 -15.19
CA CYS D 209 20.85 -60.92 -15.09
C CYS D 209 19.76 -61.80 -14.49
N TYR D 210 19.17 -61.35 -13.38
CA TYR D 210 18.16 -62.18 -12.72
C TYR D 210 17.00 -62.47 -13.66
N GLY D 211 16.55 -61.46 -14.41
CA GLY D 211 15.53 -61.70 -15.43
C GLY D 211 15.94 -62.80 -16.38
N TYR D 212 17.18 -62.75 -16.85
CA TYR D 212 17.66 -63.73 -17.82
C TYR D 212 17.64 -65.14 -17.25
N MET D 213 18.05 -65.29 -15.99
CA MET D 213 17.98 -66.60 -15.36
C MET D 213 16.53 -67.07 -15.22
N VAL D 214 15.61 -66.14 -14.99
CA VAL D 214 14.21 -66.49 -14.78
C VAL D 214 13.56 -66.90 -16.10
N LYS D 215 13.81 -66.14 -17.17
CA LYS D 215 13.25 -66.48 -18.48
C LYS D 215 13.62 -67.90 -18.88
N ASN D 216 14.92 -68.18 -18.94
CA ASN D 216 15.43 -69.47 -19.35
C ASN D 216 15.39 -70.51 -18.23
N GLN D 217 14.83 -70.17 -17.08
CA GLN D 217 14.62 -71.10 -15.98
C GLN D 217 15.88 -71.92 -15.67
N VAL D 218 16.94 -71.20 -15.31
CA VAL D 218 18.21 -71.81 -14.95
C VAL D 218 18.01 -72.80 -13.80
N THR D 224 23.38 -70.99 -3.73
CA THR D 224 23.35 -69.56 -3.53
C THR D 224 24.43 -68.88 -4.32
N LEU D 225 24.02 -67.98 -5.20
CA LEU D 225 24.93 -67.24 -6.05
C LEU D 225 25.63 -66.12 -5.28
N SER D 226 26.84 -65.81 -5.74
CA SER D 226 27.67 -64.78 -5.14
C SER D 226 27.19 -63.38 -5.50
N HIS D 227 26.70 -63.20 -6.70
CA HIS D 227 26.24 -61.88 -7.09
C HIS D 227 25.16 -62.02 -8.16
N LEU D 228 24.42 -60.93 -8.36
CA LEU D 228 23.28 -60.90 -9.26
C LEU D 228 23.16 -59.51 -9.85
N TYR D 229 22.85 -59.44 -11.15
CA TYR D 229 22.53 -58.19 -11.82
C TYR D 229 21.02 -58.05 -11.93
N LEU D 230 20.49 -56.94 -11.44
CA LEU D 230 19.07 -56.62 -11.50
C LEU D 230 18.89 -55.52 -12.55
N HIS D 231 18.29 -55.89 -13.68
CA HIS D 231 17.99 -54.94 -14.74
C HIS D 231 16.65 -54.27 -14.45
N LEU D 232 16.71 -53.00 -14.07
CA LEU D 232 15.53 -52.24 -13.64
C LEU D 232 15.45 -50.92 -14.39
N VAL D 233 15.89 -50.94 -15.64
CA VAL D 233 15.75 -49.83 -16.56
C VAL D 233 14.35 -49.81 -17.17
N HIS D 234 13.94 -48.65 -17.68
CA HIS D 234 12.56 -48.47 -18.15
C HIS D 234 12.19 -49.46 -19.25
N ASP D 235 13.17 -50.01 -19.96
CA ASP D 235 12.94 -50.96 -21.04
C ASP D 235 12.85 -52.41 -20.56
N TYR D 236 12.76 -52.63 -19.25
CA TYR D 236 12.75 -54.00 -18.75
C TYR D 236 11.47 -54.75 -19.12
N GLY D 237 11.51 -56.08 -18.99
CA GLY D 237 10.39 -56.92 -19.38
C GLY D 237 9.76 -57.69 -18.24
N ASP D 238 8.89 -58.65 -18.60
CA ASP D 238 8.08 -59.36 -17.59
C ASP D 238 8.95 -60.16 -16.63
N HIS D 239 10.06 -60.69 -17.12
CA HIS D 239 10.91 -61.48 -16.26
C HIS D 239 11.71 -60.61 -15.30
N ASP D 240 12.22 -59.52 -15.79
CA ASP D 240 12.88 -58.56 -14.89
C ASP D 240 11.95 -58.05 -13.82
N LYS D 241 10.68 -57.82 -14.16
CA LYS D 241 9.74 -57.23 -13.21
C LYS D 241 9.39 -58.18 -12.09
N MET D 242 9.75 -59.45 -12.21
CA MET D 242 9.61 -60.37 -11.10
C MET D 242 10.40 -59.92 -9.86
N PHE D 243 11.29 -58.94 -10.02
CA PHE D 243 11.98 -58.34 -8.89
C PHE D 243 10.95 -57.86 -7.86
N PHE D 244 9.73 -57.54 -8.32
CA PHE D 244 8.74 -56.89 -7.48
C PHE D 244 7.77 -57.89 -6.87
N CYS D 245 8.14 -59.16 -6.83
CA CYS D 245 7.34 -60.22 -6.25
C CYS D 245 8.01 -60.78 -5.01
N GLU D 246 7.19 -61.07 -3.99
CA GLU D 246 7.65 -61.57 -2.71
C GLU D 246 8.53 -62.82 -2.84
N GLY D 247 8.08 -63.83 -3.59
CA GLY D 247 8.89 -65.03 -3.73
C GLY D 247 10.27 -64.76 -4.28
N ASP D 248 10.35 -63.85 -5.25
CA ASP D 248 11.64 -63.55 -5.86
C ASP D 248 12.55 -62.79 -4.91
N GLN D 249 11.99 -61.91 -4.08
CA GLN D 249 12.80 -61.23 -3.08
C GLN D 249 13.42 -62.21 -2.10
N THR D 250 12.73 -63.32 -1.80
CA THR D 250 13.24 -64.27 -0.83
C THR D 250 14.48 -64.99 -1.36
N PHE D 251 14.45 -65.39 -2.64
CA PHE D 251 15.64 -65.88 -3.32
C PHE D 251 16.74 -64.82 -3.32
N ILE D 252 16.42 -63.59 -3.74
CA ILE D 252 17.41 -62.54 -3.93
C ILE D 252 18.06 -62.15 -2.60
N GLY D 253 17.28 -62.24 -1.50
CA GLY D 253 17.80 -61.89 -0.18
C GLY D 253 19.02 -62.70 0.22
N LYS D 254 19.19 -63.88 -0.36
CA LYS D 254 20.31 -64.73 0.01
C LYS D 254 21.61 -64.30 -0.65
N VAL D 255 21.53 -63.57 -1.74
CA VAL D 255 22.70 -63.28 -2.58
C VAL D 255 23.48 -62.13 -1.94
N PRO D 256 24.79 -62.27 -1.75
CA PRO D 256 25.55 -61.24 -1.05
C PRO D 256 25.75 -59.94 -1.84
N TRP D 257 25.92 -60.03 -3.14
CA TRP D 257 26.22 -58.85 -3.95
C TRP D 257 25.13 -58.66 -5.01
N LEU D 258 24.44 -57.54 -4.93
CA LEU D 258 23.47 -57.16 -5.96
C LEU D 258 24.04 -55.98 -6.73
N ILE D 259 24.00 -56.07 -8.06
CA ILE D 259 24.38 -54.97 -8.95
C ILE D 259 23.10 -54.47 -9.60
N VAL D 260 22.83 -53.16 -9.50
CA VAL D 260 21.56 -52.62 -9.98
C VAL D 260 21.80 -51.50 -10.97
N LYS D 261 21.14 -51.58 -12.14
CA LYS D 261 21.08 -50.48 -13.10
C LYS D 261 19.62 -50.10 -13.33
N THR D 262 19.30 -48.84 -13.09
CA THR D 262 17.91 -48.39 -13.14
C THR D 262 17.86 -46.89 -13.35
N ASP D 263 16.80 -46.45 -14.01
CA ASP D 263 16.55 -45.02 -14.24
C ASP D 263 15.16 -44.60 -13.75
N ASN D 264 14.56 -45.39 -12.86
CA ASN D 264 13.21 -45.13 -12.38
C ASN D 264 13.10 -44.93 -10.86
N TYR D 265 12.06 -44.22 -10.45
CA TYR D 265 11.69 -44.10 -9.04
C TYR D 265 10.75 -45.24 -8.74
N PHE D 266 11.31 -46.38 -8.35
CA PHE D 266 10.52 -47.60 -8.20
C PHE D 266 9.94 -47.82 -6.79
N VAL D 267 10.05 -46.81 -5.93
CA VAL D 267 9.54 -46.87 -4.56
C VAL D 267 8.12 -47.43 -4.43
N PRO D 268 7.20 -46.93 -5.23
CA PRO D 268 5.79 -47.26 -4.98
C PRO D 268 5.49 -48.76 -5.07
N SER D 269 6.14 -49.49 -5.97
CA SER D 269 5.86 -50.92 -6.02
C SER D 269 6.44 -51.68 -4.83
N LEU D 270 7.47 -51.14 -4.16
CA LEU D 270 7.97 -51.79 -2.95
C LEU D 270 6.86 -51.90 -1.89
N TRP D 271 5.95 -50.92 -1.85
CA TRP D 271 4.87 -50.94 -0.88
C TRP D 271 3.89 -52.08 -1.11
N LEU D 272 3.91 -52.69 -2.29
CA LEU D 272 2.98 -53.76 -2.62
C LEU D 272 3.60 -55.13 -2.39
N ILE D 273 4.78 -55.21 -1.81
CA ILE D 273 5.45 -56.49 -1.54
C ILE D 273 5.22 -56.82 -0.07
N PRO D 274 4.58 -57.95 0.26
CA PRO D 274 4.42 -58.35 1.67
C PRO D 274 5.77 -58.41 2.38
N GLY D 275 5.75 -58.12 3.68
CA GLY D 275 6.98 -57.88 4.42
C GLY D 275 7.48 -56.45 4.30
N PHE D 276 7.81 -55.98 3.09
CA PHE D 276 8.18 -54.57 2.93
C PHE D 276 7.04 -53.65 3.35
N ASP D 277 5.79 -54.04 3.08
CA ASP D 277 4.68 -53.14 3.35
C ASP D 277 4.57 -52.80 4.83
N ASP D 278 4.77 -53.79 5.71
CA ASP D 278 4.68 -53.52 7.13
C ASP D 278 5.82 -52.60 7.59
N GLU D 279 7.03 -52.85 7.07
CA GLU D 279 8.18 -52.04 7.43
C GLU D 279 8.03 -50.60 6.96
N LEU D 280 7.58 -50.42 5.72
CA LEU D 280 7.41 -49.08 5.19
C LEU D 280 6.32 -48.33 5.96
N ASN D 281 5.30 -49.04 6.40
CA ASN D 281 4.23 -48.39 7.14
C ASN D 281 4.76 -47.77 8.44
N LYS D 282 5.75 -48.39 9.07
CA LYS D 282 6.31 -47.81 10.29
C LYS D 282 7.33 -46.72 9.97
N LEU D 283 8.12 -46.89 8.91
CA LEU D 283 9.09 -45.87 8.55
C LEU D 283 8.42 -44.55 8.21
N PHE D 284 7.33 -44.59 7.45
CA PHE D 284 6.72 -43.40 6.86
C PHE D 284 5.23 -43.31 7.25
N PRO D 285 4.95 -42.88 8.48
CA PRO D 285 3.56 -42.67 8.88
C PRO D 285 2.78 -41.80 7.89
N GLN D 286 3.39 -40.73 7.39
CA GLN D 286 2.84 -39.98 6.25
C GLN D 286 3.43 -40.64 5.00
N LYS D 287 2.64 -41.43 4.30
CA LYS D 287 3.21 -42.35 3.31
C LYS D 287 3.87 -41.61 2.13
N ALA D 288 3.41 -40.41 1.82
CA ALA D 288 3.98 -39.64 0.71
C ALA D 288 5.10 -38.69 1.15
N THR D 289 5.94 -39.15 2.08
CA THR D 289 7.14 -38.41 2.49
C THR D 289 8.43 -39.18 2.20
N VAL D 290 8.36 -40.27 1.45
CA VAL D 290 9.51 -41.14 1.24
C VAL D 290 10.66 -40.36 0.57
N PHE D 291 10.42 -39.77 -0.60
CA PHE D 291 11.52 -39.06 -1.24
C PHE D 291 11.87 -37.77 -0.48
N HIS D 292 10.86 -37.10 0.06
CA HIS D 292 11.16 -35.90 0.82
C HIS D 292 12.16 -36.20 1.93
N HIS D 293 11.98 -37.32 2.66
CA HIS D 293 12.92 -37.63 3.75
C HIS D 293 14.22 -38.24 3.22
N LEU D 294 14.13 -39.27 2.39
CA LEU D 294 15.36 -39.95 1.95
C LEU D 294 16.20 -39.02 1.08
N GLY D 295 15.54 -38.22 0.24
CA GLY D 295 16.24 -37.26 -0.60
C GLY D 295 16.99 -36.21 0.20
N ARG D 296 16.34 -35.61 1.21
CA ARG D 296 17.04 -34.62 2.03
C ARG D 296 18.12 -35.27 2.86
N TYR D 297 17.98 -36.55 3.16
CA TYR D 297 19.01 -37.24 3.92
C TYR D 297 20.23 -37.55 3.05
N LEU D 298 20.00 -38.05 1.85
CA LEU D 298 21.11 -38.49 1.02
C LEU D 298 21.87 -37.39 0.25
N PHE D 299 21.19 -36.32 -0.16
CA PHE D 299 21.69 -35.45 -1.22
C PHE D 299 22.00 -34.06 -0.70
N HIS D 300 23.29 -33.75 -0.61
CA HIS D 300 23.79 -32.46 -0.15
C HIS D 300 24.77 -32.00 -1.20
N PRO D 301 24.55 -30.85 -1.85
CA PRO D 301 25.47 -30.39 -2.91
C PRO D 301 26.84 -30.02 -2.36
N THR D 302 27.87 -30.33 -3.15
CA THR D 302 29.22 -29.87 -2.85
C THR D 302 29.31 -28.34 -2.79
N ASN D 303 30.37 -27.88 -2.13
CA ASN D 303 30.65 -26.47 -1.99
C ASN D 303 30.56 -25.73 -3.30
N GLN D 304 31.06 -26.31 -4.40
CA GLN D 304 31.02 -25.63 -5.69
C GLN D 304 29.60 -25.46 -6.20
N VAL D 305 28.76 -26.50 -6.04
CA VAL D 305 27.37 -26.42 -6.49
C VAL D 305 26.60 -25.47 -5.58
N TRP D 306 26.82 -25.59 -4.28
CA TRP D 306 26.23 -24.68 -3.30
C TRP D 306 26.55 -23.21 -3.63
N GLY D 307 27.79 -22.92 -4.01
CA GLY D 307 28.12 -21.58 -4.46
C GLY D 307 27.18 -21.08 -5.55
N LEU D 308 26.78 -21.95 -6.48
CA LEU D 308 25.83 -21.52 -7.51
C LEU D 308 24.46 -21.25 -6.93
N VAL D 309 24.04 -22.04 -5.93
CA VAL D 309 22.73 -21.84 -5.32
C VAL D 309 22.69 -20.50 -4.58
N THR D 310 23.65 -20.28 -3.67
CA THR D 310 23.61 -19.10 -2.81
C THR D 310 23.85 -17.80 -3.60
N ARG D 311 24.77 -17.81 -4.57
CA ARG D 311 24.98 -16.58 -5.33
C ARG D 311 23.77 -16.21 -6.19
N TYR D 312 23.04 -17.20 -6.71
CA TYR D 312 21.84 -16.84 -7.46
C TYR D 312 20.77 -16.36 -6.52
N TYR D 313 20.59 -17.06 -5.39
CA TYR D 313 19.55 -16.70 -4.45
C TYR D 313 19.75 -15.28 -3.92
N GLU D 314 20.98 -14.95 -3.53
CA GLU D 314 21.25 -13.66 -2.91
C GLU D 314 21.15 -12.50 -3.91
N ALA D 315 21.54 -12.72 -5.16
CA ALA D 315 21.53 -11.61 -6.12
C ALA D 315 20.17 -11.38 -6.75
N TYR D 316 19.32 -12.40 -6.82
CA TYR D 316 18.09 -12.27 -7.59
C TYR D 316 16.78 -12.54 -6.86
N LEU D 317 16.83 -13.29 -5.76
CA LEU D 317 15.59 -13.81 -5.17
C LEU D 317 15.33 -13.43 -3.72
N SER D 318 16.34 -12.94 -3.00
CA SER D 318 16.30 -12.84 -1.55
C SER D 318 15.49 -11.67 -1.04
N HIS D 319 15.13 -10.73 -1.91
CA HIS D 319 14.34 -9.59 -1.47
C HIS D 319 12.84 -9.77 -1.69
N ALA D 320 12.41 -10.82 -2.38
CA ALA D 320 10.99 -11.01 -2.69
C ALA D 320 10.19 -11.39 -1.45
N ASP D 321 8.94 -10.91 -1.41
CA ASP D 321 7.99 -11.32 -0.37
C ASP D 321 7.52 -12.74 -0.59
N GLU D 322 7.58 -13.21 -1.84
CA GLU D 322 7.11 -14.52 -2.23
C GLU D 322 7.81 -14.91 -3.51
N LYS D 323 8.05 -16.22 -3.68
CA LYS D 323 8.78 -16.79 -4.81
C LYS D 323 7.94 -17.87 -5.47
N ILE D 324 7.85 -17.81 -6.79
CA ILE D 324 7.11 -18.79 -7.59
C ILE D 324 8.11 -19.51 -8.48
N GLY D 325 8.12 -20.84 -8.38
CA GLY D 325 8.94 -21.64 -9.28
C GLY D 325 8.15 -22.10 -10.49
N ILE D 326 8.76 -22.03 -11.66
CA ILE D 326 8.13 -22.56 -12.86
C ILE D 326 9.17 -23.41 -13.57
N GLN D 327 9.04 -24.74 -13.43
CA GLN D 327 9.95 -25.70 -14.03
C GLN D 327 9.41 -26.12 -15.39
N VAL D 328 10.08 -25.69 -16.47
CA VAL D 328 9.58 -25.86 -17.82
C VAL D 328 10.42 -26.90 -18.55
N ARG D 329 9.78 -27.99 -18.95
CA ARG D 329 10.42 -29.06 -19.70
C ARG D 329 9.55 -29.37 -20.89
N VAL D 330 10.12 -29.30 -22.08
CA VAL D 330 9.36 -29.62 -23.29
C VAL D 330 10.00 -30.83 -23.95
N PHE D 331 9.28 -31.94 -23.98
CA PHE D 331 9.78 -33.16 -24.60
C PHE D 331 9.47 -33.14 -26.09
N ASP D 332 10.36 -32.51 -26.84
CA ASP D 332 10.22 -32.31 -28.27
C ASP D 332 11.62 -32.17 -28.85
N GLU D 333 11.81 -32.69 -30.07
CA GLU D 333 13.09 -32.59 -30.75
C GLU D 333 13.39 -31.13 -31.08
N ASP D 334 12.37 -30.39 -31.52
CA ASP D 334 12.54 -28.98 -31.82
C ASP D 334 12.74 -28.21 -30.52
N PRO D 335 13.82 -27.45 -30.37
CA PRO D 335 14.05 -26.72 -29.10
C PRO D 335 13.06 -25.60 -28.85
N GLY D 336 12.18 -25.28 -29.80
CA GLY D 336 11.24 -24.21 -29.58
C GLY D 336 11.94 -22.86 -29.56
N PRO D 337 11.41 -21.91 -28.76
CA PRO D 337 10.28 -22.08 -27.83
C PRO D 337 8.92 -22.20 -28.55
N PHE D 338 7.87 -22.57 -27.83
CA PHE D 338 6.56 -22.79 -28.44
C PHE D 338 5.54 -21.85 -27.78
N GLN D 339 4.70 -21.25 -28.62
CA GLN D 339 3.66 -20.35 -28.18
C GLN D 339 2.62 -21.06 -27.34
N HIS D 340 2.26 -22.28 -27.73
CA HIS D 340 1.24 -23.00 -26.96
C HIS D 340 1.74 -23.33 -25.56
N VAL D 341 3.05 -23.49 -25.39
CA VAL D 341 3.58 -23.68 -24.05
C VAL D 341 3.56 -22.37 -23.27
N MET D 342 3.99 -21.26 -23.91
N MET D 342 3.89 -21.25 -23.90
CA MET D 342 3.88 -19.95 -23.29
CA MET D 342 3.84 -19.95 -23.24
C MET D 342 2.45 -19.69 -22.81
C MET D 342 2.42 -19.58 -22.83
N ASP D 343 1.46 -20.03 -23.64
CA ASP D 343 0.06 -19.80 -23.24
C ASP D 343 -0.33 -20.68 -22.07
N GLN D 344 0.05 -21.96 -22.12
CA GLN D 344 -0.20 -22.86 -20.99
C GLN D 344 0.29 -22.27 -19.68
N ILE D 345 1.45 -21.61 -19.70
CA ILE D 345 2.06 -21.14 -18.48
C ILE D 345 1.31 -19.95 -17.92
N SER D 346 0.97 -18.99 -18.77
CA SER D 346 0.24 -17.85 -18.25
C SER D 346 -1.16 -18.27 -17.79
N SER D 347 -1.79 -19.15 -18.57
CA SER D 347 -3.10 -19.66 -18.22
C SER D 347 -3.10 -20.39 -16.88
N CYS D 348 -2.08 -21.23 -16.66
CA CYS D 348 -1.99 -21.98 -15.42
C CYS D 348 -1.80 -21.06 -14.23
N THR D 349 -0.77 -20.19 -14.29
CA THR D 349 -0.40 -19.32 -13.18
C THR D 349 -1.48 -18.29 -12.88
N GLN D 350 -2.20 -17.83 -13.91
CA GLN D 350 -3.25 -16.85 -13.64
C GLN D 350 -4.51 -17.54 -13.11
N LYS D 351 -4.93 -18.65 -13.71
CA LYS D 351 -6.17 -19.25 -13.23
C LYS D 351 -6.00 -19.84 -11.82
N GLU D 352 -4.79 -20.21 -11.45
CA GLU D 352 -4.56 -20.75 -10.11
C GLU D 352 -4.21 -19.67 -9.10
N LYS D 353 -4.15 -18.40 -9.52
CA LYS D 353 -3.82 -17.27 -8.65
C LYS D 353 -2.36 -17.29 -8.18
N LEU D 354 -1.47 -17.95 -8.94
CA LEU D 354 -0.04 -17.90 -8.61
C LEU D 354 0.58 -16.59 -9.10
N LEU D 355 0.22 -16.14 -10.30
CA LEU D 355 0.62 -14.84 -10.81
C LEU D 355 -0.60 -14.01 -11.18
N PRO D 356 -0.49 -12.69 -11.14
CA PRO D 356 -1.63 -11.84 -11.48
C PRO D 356 -1.78 -11.66 -12.98
N GLU D 357 -3.00 -11.31 -13.37
CA GLU D 357 -3.26 -10.89 -14.73
C GLU D 357 -2.60 -9.52 -14.94
N VAL D 358 -2.33 -9.21 -16.20
CA VAL D 358 -1.97 -7.85 -16.55
C VAL D 358 -3.14 -7.29 -17.31
N ASP D 359 -3.26 -5.98 -17.29
CA ASP D 359 -4.34 -5.35 -18.06
C ASP D 359 -3.85 -4.21 -18.94
N THR D 360 -4.65 -3.97 -19.96
CA THR D 360 -4.32 -3.03 -21.00
C THR D 360 -5.14 -1.76 -20.82
N LEU D 361 -5.72 -1.57 -19.66
CA LEU D 361 -6.54 -0.41 -19.37
C LEU D 361 -5.66 0.81 -19.07
N VAL D 362 -5.99 1.97 -19.64
CA VAL D 362 -5.17 3.16 -19.41
C VAL D 362 -5.44 3.74 -18.03
N GLU D 363 -6.72 3.76 -17.63
CA GLU D 363 -7.09 4.17 -16.28
C GLU D 363 -6.63 3.10 -15.29
N ARG D 364 -5.89 3.51 -14.26
N ARG D 364 -5.96 3.51 -14.24
CA ARG D 364 -5.35 2.56 -13.31
CA ARG D 364 -5.36 2.55 -13.32
C ARG D 364 -6.17 2.57 -12.02
C ARG D 364 -6.08 2.57 -11.98
N SER D 365 -6.39 1.39 -11.45
CA SER D 365 -6.98 1.26 -10.14
C SER D 365 -6.03 1.85 -9.08
N ARG D 366 -6.48 1.81 -7.84
CA ARG D 366 -5.81 2.52 -6.75
C ARG D 366 -4.58 1.75 -6.25
N THR D 370 0.00 -1.80 0.66
CA THR D 370 1.14 -1.65 -0.23
C THR D 370 1.44 -2.94 -1.03
N PRO D 371 2.31 -2.83 -2.03
CA PRO D 371 2.46 -3.90 -3.02
C PRO D 371 3.35 -5.05 -2.59
N LYS D 372 2.90 -6.27 -2.89
CA LYS D 372 3.75 -7.43 -2.71
C LYS D 372 4.73 -7.50 -3.87
N HIS D 373 5.95 -7.88 -3.59
CA HIS D 373 6.91 -8.22 -4.60
C HIS D 373 7.05 -9.73 -4.79
N LYS D 374 6.64 -10.23 -5.93
CA LYS D 374 6.80 -11.64 -6.26
C LYS D 374 7.99 -11.84 -7.20
N ALA D 375 8.81 -12.86 -6.89
CA ALA D 375 9.89 -13.28 -7.77
C ALA D 375 9.53 -14.61 -8.42
N VAL D 376 9.60 -14.66 -9.74
CA VAL D 376 9.29 -15.86 -10.52
C VAL D 376 10.62 -16.45 -10.96
N LEU D 377 10.93 -17.66 -10.52
CA LEU D 377 12.13 -18.36 -10.95
C LEU D 377 11.72 -19.37 -12.03
N VAL D 378 12.25 -19.21 -13.24
CA VAL D 378 11.96 -20.11 -14.37
C VAL D 378 13.22 -20.91 -14.70
N THR D 379 13.06 -22.22 -14.90
CA THR D 379 14.14 -23.05 -15.40
C THR D 379 13.70 -23.72 -16.68
N SER D 380 14.61 -23.76 -17.64
CA SER D 380 14.30 -24.33 -18.91
C SER D 380 15.58 -24.38 -19.71
N LEU D 381 15.63 -25.32 -20.66
CA LEU D 381 16.75 -25.32 -21.60
C LEU D 381 16.72 -24.08 -22.48
N ASN D 382 15.53 -23.60 -22.84
CA ASN D 382 15.34 -22.42 -23.69
C ASN D 382 14.85 -21.25 -22.83
N ALA D 383 15.29 -20.04 -23.18
CA ALA D 383 14.98 -18.85 -22.41
C ALA D 383 13.70 -18.15 -22.85
N GLY D 384 13.01 -18.66 -23.85
CA GLY D 384 11.89 -17.93 -24.43
C GLY D 384 10.70 -17.83 -23.52
N TYR D 385 10.50 -18.81 -22.66
CA TYR D 385 9.35 -18.76 -21.76
C TYR D 385 9.55 -17.68 -20.70
N ALA D 386 10.73 -17.69 -20.06
CA ALA D 386 11.06 -16.62 -19.12
C ALA D 386 11.04 -15.25 -19.82
N GLU D 387 11.59 -15.18 -21.03
CA GLU D 387 11.62 -13.91 -21.75
C GLU D 387 10.22 -13.41 -22.07
N ASN D 388 9.30 -14.33 -22.39
CA ASN D 388 7.93 -13.95 -22.60
C ASN D 388 7.29 -13.39 -21.34
N LEU D 389 7.45 -14.09 -20.23
CA LEU D 389 6.85 -13.60 -19.00
C LEU D 389 7.44 -12.26 -18.61
N LYS D 390 8.77 -12.14 -18.76
CA LYS D 390 9.45 -10.92 -18.38
C LYS D 390 8.91 -9.71 -19.15
N SER D 391 8.75 -9.85 -20.46
CA SER D 391 8.23 -8.78 -21.30
C SER D 391 6.80 -8.41 -20.91
N MET D 392 5.98 -9.42 -20.61
CA MET D 392 4.59 -9.18 -20.25
C MET D 392 4.51 -8.29 -19.02
N TYR D 393 5.22 -8.68 -17.97
CA TYR D 393 5.20 -7.92 -16.74
C TYR D 393 5.99 -6.61 -16.80
N TRP D 394 6.88 -6.47 -17.79
CA TRP D 394 7.48 -5.15 -18.04
C TRP D 394 6.56 -4.25 -18.85
N GLU D 395 5.98 -4.78 -19.93
CA GLU D 395 5.19 -3.92 -20.81
C GLU D 395 3.86 -3.49 -20.18
N TYR D 396 3.27 -4.31 -19.31
CA TYR D 396 1.93 -3.99 -18.80
C TYR D 396 1.90 -4.00 -17.27
N PRO D 397 1.10 -3.12 -16.67
CA PRO D 397 0.92 -3.17 -15.21
C PRO D 397 0.09 -4.39 -14.81
N THR D 398 0.32 -4.84 -13.57
CA THR D 398 -0.49 -5.92 -13.01
C THR D 398 -1.87 -5.41 -12.56
N SER D 399 -2.86 -6.30 -12.66
CA SER D 399 -4.22 -5.95 -12.26
C SER D 399 -4.34 -5.80 -10.74
N THR D 400 -3.44 -6.44 -10.02
CA THR D 400 -3.47 -6.43 -8.57
C THR D 400 -2.59 -5.37 -7.98
N GLY D 401 -1.68 -4.84 -8.77
CA GLY D 401 -0.66 -3.97 -8.25
C GLY D 401 0.61 -4.61 -7.70
N GLU D 402 0.73 -5.92 -7.79
CA GLU D 402 1.95 -6.59 -7.37
C GLU D 402 3.13 -6.28 -8.29
N ILE D 403 4.32 -6.30 -7.70
CA ILE D 403 5.57 -6.12 -8.41
C ILE D 403 6.13 -7.50 -8.78
N ILE D 404 6.26 -7.77 -10.08
CA ILE D 404 6.69 -9.08 -10.54
C ILE D 404 8.04 -8.99 -11.23
N GLY D 405 8.98 -9.83 -10.79
CA GLY D 405 10.29 -9.95 -11.41
C GLY D 405 10.49 -11.39 -11.86
N VAL D 406 10.96 -11.57 -13.08
CA VAL D 406 11.15 -12.87 -13.71
C VAL D 406 12.65 -13.14 -13.85
N HIS D 407 13.08 -14.34 -13.47
CA HIS D 407 14.50 -14.68 -13.42
C HIS D 407 14.69 -16.11 -13.88
N GLN D 408 15.61 -16.30 -14.82
CA GLN D 408 16.01 -17.63 -15.28
C GLN D 408 17.53 -17.78 -15.24
N PRO D 409 18.03 -18.83 -14.58
CA PRO D 409 19.48 -18.95 -14.38
C PRO D 409 20.27 -19.25 -15.64
N SER D 410 19.79 -20.13 -16.52
CA SER D 410 20.66 -20.58 -17.60
C SER D 410 19.83 -20.83 -18.84
N GLN D 411 20.52 -20.96 -19.93
CA GLN D 411 19.91 -21.39 -21.19
C GLN D 411 20.89 -22.37 -21.82
N GLU D 412 20.94 -23.57 -21.27
CA GLU D 412 21.88 -24.58 -21.72
C GLU D 412 21.55 -25.14 -23.09
N GLY D 413 20.35 -24.89 -23.62
CA GLY D 413 20.00 -25.32 -24.95
C GLY D 413 19.66 -26.79 -25.12
N TYR D 414 20.50 -27.67 -24.58
CA TYR D 414 20.31 -29.11 -24.74
C TYR D 414 21.05 -29.83 -23.62
N GLN D 415 20.59 -31.05 -23.33
CA GLN D 415 21.14 -31.82 -22.21
C GLN D 415 22.57 -32.27 -22.53
N GLN D 416 23.53 -31.84 -21.71
CA GLN D 416 24.92 -32.21 -21.89
C GLN D 416 25.46 -32.90 -20.63
N THR D 417 24.87 -34.04 -20.28
CA THR D 417 25.25 -34.79 -19.08
C THR D 417 26.68 -35.32 -19.17
N LYS D 420 30.66 -31.25 -16.47
CA LYS D 420 30.56 -31.06 -15.03
C LYS D 420 29.91 -29.74 -14.62
N MET D 421 30.16 -28.67 -15.37
CA MET D 421 29.53 -27.40 -15.06
C MET D 421 28.05 -27.46 -15.44
N HIS D 422 27.75 -28.19 -16.49
CA HIS D 422 26.38 -28.37 -16.94
C HIS D 422 25.56 -29.10 -15.88
N ASN D 423 26.13 -30.18 -15.35
CA ASN D 423 25.50 -30.91 -14.27
C ASN D 423 25.43 -30.15 -12.97
N GLY D 424 26.48 -29.42 -12.62
CA GLY D 424 26.44 -28.57 -11.45
C GLY D 424 25.32 -27.53 -11.53
N LYS D 425 25.14 -26.93 -12.71
CA LYS D 425 24.08 -25.94 -12.90
C LYS D 425 22.70 -26.57 -12.79
N ALA D 426 22.53 -27.77 -13.36
CA ALA D 426 21.25 -28.48 -13.28
C ALA D 426 20.90 -28.77 -11.84
N LEU D 427 21.86 -29.33 -11.09
CA LEU D 427 21.63 -29.60 -9.68
C LEU D 427 21.29 -28.30 -8.92
N ALA D 428 22.05 -27.22 -9.18
CA ALA D 428 21.76 -25.94 -8.52
C ALA D 428 20.35 -25.42 -8.88
N GLU D 429 19.92 -25.61 -10.13
CA GLU D 429 18.59 -25.15 -10.53
C GLU D 429 17.50 -25.98 -9.87
N MET D 430 17.69 -27.30 -9.75
CA MET D 430 16.73 -28.09 -8.99
C MET D 430 16.65 -27.59 -7.54
N TYR D 431 17.81 -27.30 -6.94
CA TYR D 431 17.79 -26.85 -5.56
C TYR D 431 17.10 -25.49 -5.42
N LEU D 432 17.33 -24.60 -6.38
CA LEU D 432 16.72 -23.28 -6.37
C LEU D 432 15.20 -23.39 -6.49
N LEU D 433 14.71 -24.20 -7.44
CA LEU D 433 13.27 -24.45 -7.49
C LEU D 433 12.75 -24.92 -6.13
N SER D 434 13.52 -25.78 -5.45
CA SER D 434 13.06 -26.34 -4.21
C SER D 434 12.96 -25.28 -3.11
N LEU D 435 13.51 -24.08 -3.33
CA LEU D 435 13.43 -22.99 -2.37
C LEU D 435 12.20 -22.10 -2.58
N THR D 436 11.39 -22.32 -3.60
CA THR D 436 10.26 -21.40 -3.84
C THR D 436 9.07 -21.77 -2.94
N ASP D 437 8.11 -20.83 -2.83
CA ASP D 437 6.95 -21.03 -1.96
C ASP D 437 5.81 -21.80 -2.65
N ASN D 438 5.65 -21.63 -3.97
CA ASN D 438 4.69 -22.36 -4.78
C ASN D 438 5.40 -22.76 -6.06
N LEU D 439 5.20 -23.99 -6.51
CA LEU D 439 5.96 -24.53 -7.62
C LEU D 439 5.08 -25.12 -8.73
N VAL D 440 5.28 -24.63 -9.96
CA VAL D 440 4.73 -25.25 -11.17
C VAL D 440 5.79 -26.17 -11.76
N THR D 441 5.41 -27.39 -12.10
CA THR D 441 6.28 -28.38 -12.74
C THR D 441 5.72 -28.86 -14.08
N SER D 442 6.54 -29.60 -14.83
CA SER D 442 6.15 -30.11 -16.14
C SER D 442 5.91 -31.62 -16.07
N ALA D 443 4.78 -32.05 -16.64
CA ALA D 443 4.45 -33.47 -16.71
C ALA D 443 5.63 -34.29 -17.21
N TRP D 444 5.84 -35.44 -16.58
CA TRP D 444 6.89 -36.38 -16.95
C TRP D 444 8.29 -36.03 -16.52
N SER D 445 8.53 -34.83 -16.00
CA SER D 445 9.90 -34.35 -15.80
C SER D 445 10.43 -34.80 -14.42
N THR D 446 11.44 -35.66 -14.41
CA THR D 446 12.05 -36.01 -13.12
C THR D 446 12.86 -34.87 -12.55
N PHE D 447 13.24 -33.88 -13.39
CA PHE D 447 13.88 -32.63 -12.95
C PHE D 447 12.96 -31.97 -11.94
N GLY D 448 11.67 -31.89 -12.31
CA GLY D 448 10.70 -31.28 -11.42
C GLY D 448 10.36 -32.13 -10.20
N TYR D 449 10.35 -33.47 -10.37
CA TYR D 449 10.13 -34.35 -9.22
C TYR D 449 11.17 -34.10 -8.14
N VAL D 450 12.45 -34.02 -8.53
CA VAL D 450 13.50 -33.78 -7.54
C VAL D 450 13.25 -32.45 -6.81
N ALA D 451 13.02 -31.38 -7.59
CA ALA D 451 12.80 -30.07 -6.98
C ALA D 451 11.65 -30.10 -5.97
N GLN D 452 10.49 -30.64 -6.36
CA GLN D 452 9.34 -30.60 -5.47
C GLN D 452 9.57 -31.50 -4.26
N GLY D 453 10.24 -32.65 -4.48
CA GLY D 453 10.53 -33.55 -3.39
C GLY D 453 11.44 -32.93 -2.34
N LEU D 454 12.57 -32.39 -2.78
CA LEU D 454 13.47 -31.72 -1.85
C LEU D 454 12.79 -30.55 -1.15
N GLY D 455 11.87 -29.85 -1.82
CA GLY D 455 11.30 -28.72 -1.13
C GLY D 455 10.07 -29.04 -0.30
N GLY D 456 9.63 -30.30 -0.32
CA GLY D 456 8.35 -30.66 0.27
C GLY D 456 7.19 -29.89 -0.33
N LEU D 457 7.18 -29.71 -1.66
CA LEU D 457 6.20 -28.87 -2.32
C LEU D 457 5.27 -29.74 -3.14
N LYS D 458 3.96 -29.56 -2.93
CA LYS D 458 2.97 -30.21 -3.79
C LYS D 458 2.73 -29.30 -4.99
N PRO D 459 3.20 -29.66 -6.18
CA PRO D 459 3.18 -28.71 -7.29
C PRO D 459 1.85 -28.59 -8.04
N TRP D 460 1.80 -27.61 -8.94
CA TRP D 460 0.80 -27.54 -9.99
C TRP D 460 1.47 -28.09 -11.26
N ILE D 461 0.84 -29.08 -11.89
CA ILE D 461 1.48 -29.79 -13.00
C ILE D 461 0.94 -29.29 -14.33
N LEU D 462 1.85 -28.80 -15.17
CA LEU D 462 1.51 -28.48 -16.57
C LEU D 462 1.41 -29.78 -17.35
N TYR D 463 0.19 -30.15 -17.72
CA TYR D 463 -0.03 -31.39 -18.44
C TYR D 463 0.77 -31.41 -19.73
N ARG D 464 1.15 -32.60 -20.17
CA ARG D 464 1.90 -32.74 -21.42
C ARG D 464 1.00 -32.51 -22.64
N PRO D 465 1.28 -31.52 -23.48
CA PRO D 465 0.45 -31.31 -24.67
C PRO D 465 0.53 -32.50 -25.63
N GLU D 466 -0.60 -32.83 -26.25
CA GLU D 466 -0.63 -33.95 -27.19
C GLU D 466 -0.10 -33.48 -28.54
N ASN D 467 -0.61 -32.35 -28.99
CA ASN D 467 -0.05 -31.67 -30.13
C ASN D 467 0.24 -30.29 -29.63
N ARG D 468 0.62 -29.40 -30.52
CA ARG D 468 1.02 -28.06 -30.10
C ARG D 468 -0.17 -27.15 -29.90
N THR D 469 -1.07 -27.59 -29.04
CA THR D 469 -2.24 -26.86 -28.66
C THR D 469 -2.17 -26.84 -27.15
N THR D 470 -2.58 -25.76 -26.54
CA THR D 470 -2.52 -25.62 -25.10
C THR D 470 -3.56 -26.56 -24.48
N PRO D 471 -3.16 -27.48 -23.60
CA PRO D 471 -4.14 -28.33 -22.92
C PRO D 471 -5.17 -27.50 -22.16
N ASP D 472 -6.37 -28.06 -22.01
CA ASP D 472 -7.46 -27.43 -21.28
C ASP D 472 -8.17 -28.51 -20.46
N PRO D 473 -8.03 -28.46 -19.12
CA PRO D 473 -7.32 -27.40 -18.38
C PRO D 473 -5.80 -27.41 -18.56
N SER D 474 -5.16 -26.27 -18.30
CA SER D 474 -3.73 -26.15 -18.58
C SER D 474 -2.88 -26.82 -17.50
N CYS D 475 -3.34 -26.82 -16.25
CA CYS D 475 -2.63 -27.49 -15.18
C CYS D 475 -3.62 -27.91 -14.10
N GLY D 476 -3.13 -28.71 -13.16
CA GLY D 476 -3.90 -29.09 -12.00
C GLY D 476 -2.96 -29.36 -10.84
N ARG D 477 -3.48 -29.20 -9.63
CA ARG D 477 -2.68 -29.49 -8.46
C ARG D 477 -2.38 -30.98 -8.44
N ALA D 478 -1.13 -31.35 -8.17
CA ALA D 478 -0.76 -32.74 -7.90
C ALA D 478 -1.55 -33.31 -6.72
N MET D 479 -1.69 -34.64 -6.72
CA MET D 479 -2.25 -35.33 -5.55
C MET D 479 -1.27 -35.31 -4.38
N SER D 480 0.03 -35.28 -4.66
CA SER D 480 1.03 -35.24 -3.59
C SER D 480 2.33 -34.76 -4.20
N MET D 481 3.28 -34.50 -3.31
CA MET D 481 4.63 -34.08 -3.64
C MET D 481 5.51 -35.23 -4.11
N GLU D 482 5.01 -36.47 -4.08
CA GLU D 482 5.88 -37.61 -4.37
C GLU D 482 6.23 -37.65 -5.85
N PRO D 483 7.41 -38.17 -6.20
CA PRO D 483 7.73 -38.40 -7.62
C PRO D 483 6.86 -39.53 -8.16
N CYS D 484 6.87 -39.66 -9.50
CA CYS D 484 6.11 -40.70 -10.18
C CYS D 484 7.01 -41.84 -10.66
N PHE D 485 6.56 -43.09 -10.49
CA PHE D 485 7.21 -44.31 -11.02
C PHE D 485 6.72 -44.54 -12.45
N HIS D 486 7.54 -44.27 -13.44
CA HIS D 486 7.05 -44.27 -14.82
C HIS D 486 6.77 -45.68 -15.37
N SER D 487 7.51 -46.71 -14.97
CA SER D 487 7.37 -48.05 -15.55
C SER D 487 7.07 -49.14 -14.51
N PRO D 488 5.97 -49.04 -13.76
CA PRO D 488 5.69 -50.08 -12.76
C PRO D 488 5.27 -51.39 -13.41
N PRO D 489 5.47 -52.51 -12.72
CA PRO D 489 4.85 -53.77 -13.20
C PRO D 489 3.35 -53.73 -12.94
N PHE D 490 2.60 -54.48 -13.75
CA PHE D 490 1.16 -54.60 -13.55
C PHE D 490 0.80 -56.08 -13.45
N TYR D 491 1.46 -56.78 -12.52
CA TYR D 491 1.42 -58.23 -12.39
C TYR D 491 0.95 -58.60 -11.00
N ASP D 492 0.08 -59.61 -10.91
CA ASP D 492 -0.33 -60.17 -9.63
C ASP D 492 0.55 -61.40 -9.38
N CYS D 493 1.50 -61.28 -8.45
CA CYS D 493 2.47 -62.34 -8.22
C CYS D 493 1.78 -63.61 -7.73
N LYS D 494 0.80 -63.44 -6.83
CA LYS D 494 0.02 -64.55 -6.32
C LYS D 494 -0.78 -65.27 -7.42
N ALA D 495 -1.69 -64.55 -8.07
CA ALA D 495 -2.55 -65.17 -9.07
C ALA D 495 -1.81 -65.43 -10.38
N LYS D 496 -0.68 -64.75 -10.59
CA LYS D 496 0.13 -64.94 -11.79
C LYS D 496 -0.58 -64.46 -13.06
N THR D 497 -1.02 -63.23 -13.03
CA THR D 497 -1.75 -62.66 -14.17
C THR D 497 -1.86 -61.15 -13.97
N GLY D 498 -2.27 -60.47 -15.04
CA GLY D 498 -2.30 -59.03 -15.02
C GLY D 498 -3.22 -58.49 -13.95
N ILE D 499 -2.96 -57.24 -13.56
CA ILE D 499 -3.75 -56.54 -12.58
C ILE D 499 -3.49 -55.03 -12.71
N ASP D 500 -4.46 -54.23 -12.30
CA ASP D 500 -4.23 -52.79 -12.23
C ASP D 500 -3.67 -52.46 -10.84
N THR D 501 -2.36 -52.30 -10.76
CA THR D 501 -1.69 -52.06 -9.48
C THR D 501 -2.02 -50.69 -8.87
N GLY D 502 -2.58 -49.78 -9.65
CA GLY D 502 -2.99 -48.47 -9.17
C GLY D 502 -4.39 -48.40 -8.59
N THR D 503 -5.07 -49.56 -8.45
CA THR D 503 -6.40 -49.66 -7.87
C THR D 503 -6.47 -50.71 -6.76
N LEU D 504 -5.31 -51.04 -6.19
CA LEU D 504 -5.18 -52.03 -5.12
C LEU D 504 -5.39 -51.48 -3.72
N VAL D 505 -4.54 -50.54 -3.34
CA VAL D 505 -4.62 -49.90 -2.03
C VAL D 505 -4.83 -48.40 -2.20
N PRO D 506 -5.31 -47.74 -1.12
CA PRO D 506 -5.58 -46.29 -1.18
C PRO D 506 -4.37 -45.39 -1.39
N HIS D 507 -3.21 -45.76 -0.93
CA HIS D 507 -2.03 -44.89 -0.97
C HIS D 507 -1.15 -45.07 -2.20
N VAL D 508 -1.51 -45.97 -3.14
CA VAL D 508 -0.78 -46.15 -4.39
C VAL D 508 -1.76 -45.89 -5.53
N ARG D 509 -1.59 -44.77 -6.22
CA ARG D 509 -2.52 -44.42 -7.29
C ARG D 509 -1.80 -44.08 -8.57
N HIS D 510 -2.55 -44.03 -9.66
CA HIS D 510 -2.01 -43.60 -10.94
C HIS D 510 -1.60 -42.12 -10.90
N CYS D 511 -0.45 -41.81 -11.48
CA CYS D 511 0.09 -40.44 -11.48
C CYS D 511 -0.84 -39.50 -12.28
N GLU D 512 -0.74 -38.21 -11.95
CA GLU D 512 -1.59 -37.20 -12.59
C GLU D 512 -1.17 -36.94 -14.02
N ASP D 513 0.12 -37.13 -14.32
CA ASP D 513 0.70 -36.71 -15.58
C ASP D 513 0.97 -37.85 -16.55
N ILE D 514 1.17 -39.06 -16.05
CA ILE D 514 1.31 -40.24 -16.91
C ILE D 514 0.41 -41.36 -16.40
N SER D 515 -0.44 -41.90 -17.28
CA SER D 515 -1.51 -42.80 -16.86
C SER D 515 -1.00 -44.20 -16.52
N TRP D 516 0.10 -44.66 -17.13
CA TRP D 516 0.66 -45.93 -16.68
C TRP D 516 1.48 -45.81 -15.40
N GLY D 517 1.72 -44.62 -14.89
CA GLY D 517 2.62 -44.49 -13.76
C GLY D 517 1.93 -44.70 -12.43
N LEU D 518 2.73 -44.93 -11.39
CA LEU D 518 2.25 -45.07 -10.04
C LEU D 518 2.94 -44.06 -9.12
N LYS D 519 2.20 -43.55 -8.14
CA LYS D 519 2.85 -42.75 -7.12
C LYS D 519 2.13 -42.91 -5.79
N LEU D 520 2.83 -42.54 -4.71
CA LEU D 520 2.33 -42.57 -3.35
C LEU D 520 1.56 -41.30 -3.02
N VAL D 521 0.42 -41.45 -2.37
CA VAL D 521 -0.39 -40.33 -1.91
C VAL D 521 -0.72 -40.52 -0.41
C2 BGC E . -10.90 -13.11 2.27
C3 BGC E . -12.02 -13.84 1.56
C4 BGC E . -13.30 -13.00 1.68
C5 BGC E . -13.05 -11.56 1.20
C6 BGC E . -14.28 -10.66 1.43
C1 BGC E . -10.67 -11.79 1.56
O1 BGC E . -9.47 -11.13 2.01
O2 BGC E . -9.69 -13.88 2.29
O3 BGC E . -12.18 -15.18 2.08
O4 BGC E . -14.29 -13.47 0.75
O5 BGC E . -11.85 -10.98 1.74
O6 BGC E . -14.38 -10.21 2.79
C2 BGC E . -16.30 -14.53 0.22
C3 BGC E . -17.26 -15.68 0.49
C4 BGC E . -16.50 -16.96 0.82
C5 BGC E . -15.41 -16.75 1.87
C6 BGC E . -14.63 -18.02 2.20
C1 BGC E . -15.18 -14.45 1.27
O2 BGC E . -17.04 -13.30 0.22
O3 BGC E . -18.11 -15.84 -0.66
O4 BGC E . -17.43 -17.81 1.47
O5 BGC E . -14.53 -15.72 1.46
O6 BGC E . -13.68 -17.72 3.24
C2 BGC E . -18.17 -20.07 1.64
C3 BGC E . -18.58 -21.33 0.89
C4 BGC E . -19.49 -21.00 -0.30
C5 BGC E . -19.03 -19.80 -1.11
C6 BGC E . -20.09 -19.41 -2.15
C1 BGC E . -17.72 -18.96 0.68
O2 BGC E . -17.10 -20.34 2.57
O3 BGC E . -19.22 -22.29 1.75
O4 BGC E . -19.48 -22.13 -1.16
O5 BGC E . -18.74 -18.68 -0.29
O6 BGC E . -19.82 -18.08 -2.60
C2 BGC E . -20.83 -23.72 -2.29
C3 BGC E . -22.05 -24.61 -2.24
C4 BGC E . -22.12 -25.37 -0.89
C5 BGC E . -21.97 -24.43 0.31
C6 BGC E . -21.95 -25.13 1.68
C1 BGC E . -20.72 -22.84 -1.03
O2 BGC E . -20.90 -22.87 -3.45
O3 BGC E . -21.94 -25.47 -3.38
O4 BGC E . -23.34 -26.14 -0.76
O5 BGC E . -20.76 -23.66 0.17
O6 BGC E . -20.90 -26.12 1.81
C1 XYS E . -20.06 -25.87 2.99
C2 XYS E . -18.87 -26.85 2.97
C3 XYS E . -19.34 -28.29 3.13
C4 XYS E . -20.23 -28.46 4.36
C5 XYS E . -21.27 -27.35 4.49
O2 XYS E . -18.15 -26.76 1.76
O3 XYS E . -18.18 -29.11 3.17
O4 XYS E . -20.90 -29.72 4.35
O5 XYS E . -20.76 -26.06 4.17
C1 XYS E . -20.87 -17.65 -3.53
C2 XYS E . -20.20 -16.71 -4.54
C3 XYS E . -19.84 -15.35 -3.93
C4 XYS E . -21.06 -14.72 -3.24
C5 XYS E . -21.79 -15.70 -2.32
O2 XYS E . -19.06 -17.37 -5.04
O3 XYS E . -19.30 -14.45 -4.89
O4 XYS E . -20.62 -13.60 -2.49
O5 XYS E . -21.92 -17.03 -2.85
C1 GAL E . -19.39 -17.96 -6.32
C2 GAL E . -18.15 -18.70 -6.91
C3 GAL E . -18.46 -19.23 -8.32
C4 GAL E . -19.75 -20.16 -8.28
C5 GAL E . -20.91 -19.40 -7.59
C6 GAL E . -22.21 -20.21 -7.39
O2 GAL E . -17.01 -17.86 -6.97
O3 GAL E . -17.33 -19.94 -8.90
O4 GAL E . -19.51 -21.40 -7.59
O5 GAL E . -20.52 -18.88 -6.28
O6 GAL E . -23.11 -19.97 -8.47
C1 XYS E . -13.20 -18.93 3.92
C2 XYS E . -12.52 -18.55 5.24
C3 XYS E . -11.24 -17.73 5.03
C4 XYS E . -10.31 -18.48 4.09
C5 XYS E . -11.07 -18.91 2.84
O2 XYS E . -13.40 -17.75 5.98
O3 XYS E . -10.59 -17.46 6.25
O4 XYS E . -9.22 -17.68 3.77
O5 XYS E . -12.28 -19.61 3.12
C1 GAL E . -14.07 -18.50 7.00
C2 GAL E . -14.78 -17.49 7.97
C3 GAL E . -15.70 -18.19 9.01
C4 GAL E . -16.63 -19.21 8.29
C5 GAL E . -15.79 -20.16 7.41
C6 GAL E . -16.63 -21.13 6.62
O2 GAL E . -13.83 -16.66 8.71
O3 GAL E . -16.49 -17.25 9.78
O4 GAL E . -17.59 -18.56 7.46
O5 GAL E . -15.00 -19.42 6.44
O6 GAL E . -17.22 -22.02 7.50
C2 BGC F . 24.18 2.85 -40.73
C3 BGC F . 25.59 3.39 -41.00
C4 BGC F . 26.56 2.90 -39.92
C5 BGC F . 26.47 1.39 -39.78
C6 BGC F . 27.46 0.85 -38.73
C1 BGC F . 24.21 1.35 -40.52
O1 BGC F . 22.89 0.93 -40.11
O2 BGC F . 23.24 3.14 -41.78
O3 BGC F . 25.57 4.81 -41.00
O4 BGC F . 27.91 3.14 -40.31
O5 BGC F . 25.12 1.03 -39.48
O6 BGC F . 26.89 1.02 -37.44
C2 BGC F . 29.96 4.04 -39.67
C3 BGC F . 30.75 5.29 -39.32
C4 BGC F . 30.17 6.53 -40.00
C5 BGC F . 28.67 6.66 -39.76
C6 BGC F . 28.05 7.90 -40.44
C1 BGC F . 28.45 4.27 -39.63
O2 BGC F . 30.23 2.98 -38.74
O3 BGC F . 32.16 5.12 -39.60
O4 BGC F . 30.68 7.65 -39.32
O5 BGC F . 28.05 5.49 -40.27
O6 BGC F . 26.64 7.87 -40.26
C2 BGC F . 31.44 9.85 -39.57
C3 BGC F . 32.28 10.80 -40.39
C4 BGC F . 33.67 10.18 -40.57
C5 BGC F . 33.64 8.74 -41.06
C6 BGC F . 35.06 8.21 -40.98
C1 BGC F . 31.45 8.46 -40.19
O2 BGC F . 30.09 10.37 -39.46
O3 BGC F . 32.33 12.07 -39.73
O4 BGC F . 34.39 10.85 -41.59
O5 BGC F . 32.77 7.95 -40.27
O6 BGC F . 35.06 6.78 -40.85
C2 BGC F . 36.41 11.96 -42.24
C3 BGC F . 37.40 13.10 -41.98
C4 BGC F . 36.71 14.27 -41.30
C5 BGC F . 35.91 13.82 -40.11
C6 BGC F . 35.16 15.00 -39.50
C1 BGC F . 35.43 11.71 -41.09
O2 BGC F . 37.11 10.73 -42.47
O3 BGC F . 37.84 13.56 -43.25
O4 BGC F . 37.68 15.23 -40.86
O5 BGC F . 34.92 12.95 -40.61
O6 BGC F . 34.33 15.62 -40.52
C1 XYS F . 32.93 15.82 -40.12
C2 XYS F . 32.24 16.62 -41.22
C3 XYS F . 32.92 18.00 -41.36
C4 XYS F . 32.80 18.73 -40.01
C5 XYS F . 33.31 17.84 -38.87
O2 XYS F . 32.29 15.93 -42.47
O3 XYS F . 32.41 18.72 -42.46
O4 XYS F . 33.50 19.96 -39.96
O5 XYS F . 32.82 16.50 -38.94
C1 XYS F . 36.40 6.21 -40.76
C2 XYS F . 36.30 4.76 -41.23
C3 XYS F . 35.47 3.90 -40.27
C4 XYS F . 36.03 4.06 -38.86
C5 XYS F . 36.19 5.54 -38.48
O2 XYS F . 35.74 4.73 -42.52
O3 XYS F . 35.42 2.53 -40.64
O4 XYS F . 35.21 3.36 -37.94
O5 XYS F . 36.87 6.28 -39.47
C1 GAL F . 36.80 4.62 -43.48
C2 GAL F . 36.36 3.56 -44.53
C3 GAL F . 37.44 3.41 -45.65
C4 GAL F . 37.66 4.78 -46.33
C5 GAL F . 38.09 5.82 -45.24
C6 GAL F . 38.29 7.25 -45.76
O2 GAL F . 36.08 2.28 -43.93
O3 GAL F . 37.10 2.40 -46.64
O4 GAL F . 36.49 5.24 -47.07
O5 GAL F . 37.13 5.89 -44.11
O6 GAL F . 37.30 7.59 -46.77
C1 XYS F . 26.08 9.16 -40.61
C2 XYS F . 24.69 9.21 -39.99
C3 XYS F . 23.80 8.15 -40.60
C4 XYS F . 23.72 8.36 -42.09
C5 XYS F . 25.12 8.42 -42.70
O2 XYS F . 24.78 8.94 -38.61
O3 XYS F . 22.48 8.23 -40.09
O4 XYS F . 22.99 7.29 -42.62
O5 XYS F . 25.97 9.29 -41.98
C1 GAL F . 24.83 10.19 -37.92
C2 GAL F . 24.60 9.86 -36.42
C3 GAL F . 24.75 11.12 -35.51
C4 GAL F . 26.10 11.81 -35.82
C5 GAL F . 26.21 12.13 -37.30
C6 GAL F . 27.60 12.80 -37.58
O2 GAL F . 23.30 9.30 -36.22
O3 GAL F . 24.82 10.76 -34.14
O4 GAL F . 27.21 10.98 -35.46
O5 GAL F . 26.08 10.93 -38.14
O6 GAL F . 27.57 14.13 -37.05
PB GDP G . -10.60 32.24 7.99
O1B GDP G . -10.23 31.09 8.81
O2B GDP G . -10.03 33.54 8.49
O3B GDP G . -10.41 32.02 6.52
O3A GDP G . -12.21 32.44 8.18
PA GDP G . -13.37 32.59 7.02
O1A GDP G . -14.64 32.01 7.59
O2A GDP G . -13.38 33.95 6.47
O5' GDP G . -12.84 31.59 5.89
C5' GDP G . -12.66 30.23 6.23
C4' GDP G . -13.82 29.42 5.66
O4' GDP G . -13.37 28.10 5.38
C3' GDP G . -14.98 29.29 6.62
O3' GDP G . -15.98 30.30 6.46
C2' GDP G . -15.54 27.92 6.29
O2' GDP G . -16.39 27.98 5.17
C1' GDP G . -14.31 27.16 5.88
N9 GDP G . -13.83 26.52 7.11
C8 GDP G . -12.64 26.65 7.69
N7 GDP G . -12.52 25.93 8.83
C5 GDP G . -13.70 25.33 9.00
C6 GDP G . -14.29 24.42 9.98
O6 GDP G . -13.63 24.05 10.97
N1 GDP G . -15.54 24.03 9.82
C2 GDP G . -16.25 24.45 8.78
N2 GDP G . -17.52 23.99 8.67
N3 GDP G . -15.80 25.26 7.80
C4 GDP G . -14.56 25.73 7.88
C1 EDO H . -2.33 26.54 13.84
O1 EDO H . -2.23 27.23 12.60
C2 EDO H . -2.16 25.05 13.60
O2 EDO H . -0.84 24.84 13.05
C1 EDO I . -40.96 30.33 11.00
O1 EDO I . -42.07 30.72 11.83
C2 EDO I . -40.43 31.57 10.27
O2 EDO I . -39.29 31.21 9.46
C1 EDO J . -13.92 6.41 13.51
O1 EDO J . -12.74 6.55 14.32
C2 EDO J . -14.81 7.58 13.84
O2 EDO J . -14.15 8.28 14.91
PB GDP K . -15.91 -12.15 10.74
O1B GDP K . -14.76 -12.24 9.79
O2B GDP K . -16.69 -10.93 10.65
O3B GDP K . -16.75 -13.41 10.81
O3A GDP K . -15.32 -12.04 12.23
PA GDP K . -13.77 -12.29 12.60
O1A GDP K . -13.50 -13.73 12.56
O2A GDP K . -13.49 -11.55 13.89
O5' GDP K . -12.94 -11.55 11.44
C5' GDP K . -13.14 -10.16 11.17
C4' GDP K . -11.94 -9.39 11.70
O4' GDP K . -11.72 -8.18 10.98
C3' GDP K . -12.12 -8.96 13.15
O3' GDP K . -11.74 -9.98 14.06
C2' GDP K . -11.23 -7.73 13.24
O2' GDP K . -9.85 -8.08 13.30
C1' GDP K . -11.47 -7.11 11.89
N9 GDP K . -12.70 -6.31 12.04
C8 GDP K . -13.83 -6.48 11.37
N7 GDP K . -14.80 -5.62 11.69
C5 GDP K . -14.27 -4.86 12.65
C6 GDP K . -14.75 -3.75 13.46
O6 GDP K . -15.92 -3.32 13.32
N1 GDP K . -13.96 -3.21 14.36
C2 GDP K . -12.73 -3.68 14.52
N2 GDP K . -11.94 -3.09 15.44
N3 GDP K . -12.18 -4.70 13.82
C4 GDP K . -12.90 -5.32 12.89
C1 EDO L . -24.51 -6.38 5.92
O1 EDO L . -23.54 -7.24 5.33
C2 EDO L . -24.42 -5.00 5.28
O2 EDO L . -24.61 -5.09 3.86
C1 EDO M . -16.81 14.40 10.85
O1 EDO M . -17.96 13.86 11.51
C2 EDO M . -15.61 14.19 11.77
O2 EDO M . -15.79 13.00 12.56
CL CL N . -21.00 3.01 -4.10
PB GDP O . 23.13 6.27 -31.32
O1B GDP O . 23.57 5.24 -30.39
O2B GDP O . 24.06 7.46 -31.36
O3B GDP O . 22.77 5.76 -32.69
O3A GDP O . 21.78 6.89 -30.67
PA GDP O . 20.30 6.88 -31.34
O1A GDP O . 19.31 6.70 -30.23
O2A GDP O . 20.12 8.03 -32.26
O5' GDP O . 20.27 5.55 -32.24
C5' GDP O . 20.28 4.26 -31.64
C4' GDP O . 18.89 3.67 -31.79
O4' GDP O . 18.94 2.25 -31.97
C3' GDP O . 18.04 3.93 -30.55
O3' GDP O . 17.23 5.10 -30.72
C2' GDP O . 17.20 2.67 -30.43
O2' GDP O . 16.01 2.79 -31.21
C1' GDP O . 18.10 1.61 -31.01
N9 GDP O . 18.94 1.16 -29.88
C8 GDP O . 20.26 1.23 -29.78
N7 GDP O . 20.76 0.76 -28.61
C5 GDP O . 19.69 0.38 -27.92
C6 GDP O . 19.47 -0.21 -26.58
O6 GDP O . 20.42 -0.46 -25.82
N1 GDP O . 18.21 -0.45 -26.23
C2 GDP O . 17.19 -0.18 -27.05
N2 GDP O . 15.95 -0.46 -26.61
N3 GDP O . 17.29 0.37 -28.28
C4 GDP O . 18.51 0.65 -28.74
C1 EDO P . 31.90 0.54 -27.54
O1 EDO P . 31.37 0.66 -28.88
C2 EDO P . 31.94 -0.95 -27.18
O2 EDO P . 33.00 -1.56 -27.95
C1 EDO Q . 9.87 3.36 -5.34
O1 EDO Q . 10.24 4.48 -4.56
C2 EDO Q . 11.10 2.54 -5.68
O2 EDO Q . 12.16 2.95 -4.81
C1 EDO R . 25.05 25.27 -48.82
O1 EDO R . 23.62 25.08 -48.70
C2 EDO R . 25.93 24.08 -49.24
O2 EDO R . 27.25 24.35 -48.67
C1 EDO S . 20.64 -6.48 -7.32
O1 EDO S . 20.88 -7.69 -8.01
C2 EDO S . 20.72 -6.70 -5.83
O2 EDO S . 21.68 -7.70 -5.54
C1 EDO T . 31.34 20.47 -14.39
O1 EDO T . 30.07 19.85 -14.67
C2 EDO T . 31.16 21.98 -14.34
O2 EDO T . 30.85 22.48 -15.66
C1 EDO U . 30.11 -13.14 -35.35
O1 EDO U . 31.49 -12.87 -35.02
C2 EDO U . 29.96 -13.31 -36.86
O2 EDO U . 28.57 -13.37 -37.26
CL CL V . 33.79 -12.98 -32.25
PB GDP W . 14.00 -35.27 -17.15
O1B GDP W . 14.75 -35.70 -18.39
O2B GDP W . 13.34 -33.98 -17.28
O3B GDP W . 13.12 -36.34 -16.56
O3A GDP W . 15.12 -35.03 -16.01
PA GDP W . 16.69 -35.46 -16.06
O1A GDP W . 16.79 -36.89 -15.80
O2A GDP W . 17.46 -34.49 -15.19
O5' GDP W . 17.11 -35.17 -17.59
C5' GDP W . 16.98 -33.85 -18.11
C4' GDP W . 18.37 -33.22 -18.15
O4' GDP W . 18.40 -32.20 -19.16
C3' GDP W . 18.73 -32.52 -16.85
O3' GDP W . 19.33 -33.39 -15.90
C2' GDP W . 19.66 -31.42 -17.32
O2' GDP W . 20.96 -31.91 -17.66
C1' GDP W . 19.02 -31.02 -18.63
N9 GDP W . 17.98 -30.02 -18.30
C8 GDP W . 16.68 -30.12 -18.50
N7 GDP W . 15.97 -29.05 -18.10
C5 GDP W . 16.88 -28.22 -17.59
C6 GDP W . 16.83 -26.89 -16.99
O6 GDP W . 15.75 -26.28 -16.83
N1 GDP W . 17.97 -26.36 -16.56
C2 GDP W . 19.12 -27.02 -16.71
N2 GDP W . 20.25 -26.40 -16.28
N3 GDP W . 19.27 -28.23 -17.27
C4 GDP W . 18.19 -28.86 -17.72
C1 EDO X . 4.82 -27.70 -20.75
O1 EDO X . 3.81 -27.95 -21.73
C2 EDO X . 4.87 -28.88 -19.79
O2 EDO X . 5.58 -29.94 -20.43
C1 EDO Y . 18.30 -16.56 -19.38
O1 EDO Y . 18.66 -15.24 -18.89
C2 EDO Y . 19.38 -17.58 -19.04
O2 EDO Y . 20.64 -16.93 -18.88
C1 EDO Z . 16.83 -8.97 -22.45
O1 EDO Z . 15.56 -9.60 -22.18
C2 EDO Z . 17.96 -9.92 -22.08
O2 EDO Z . 17.84 -10.32 -20.72
CL CL AA . 5.56 -21.99 -32.25
#